data_8JCY
#
_entry.id   8JCY
#
_cell.length_a   1.00
_cell.length_b   1.00
_cell.length_c   1.00
_cell.angle_alpha   90.00
_cell.angle_beta   90.00
_cell.angle_gamma   90.00
#
_symmetry.space_group_name_H-M   'P 1'
#
loop_
_entity.id
_entity.type
_entity.pdbx_description
1 polymer 'Metabotropic glutamate receptor 2,Peptidyl-prolyl cis-trans isomerase FKBP1A'
2 polymer 'Metabotropic glutamate receptor 3,Serine/threonine-protein kinase mTOR'
3 non-polymer 2-acetamido-2-deoxy-beta-D-glucopyranose
4 non-polymer 2-[(1S,2S)-2-carboxycyclopropyl]-3-(9H-xanthen-9-yl)-D-alanine
5 non-polymer CHOLESTEROL
#
loop_
_entity_poly.entity_id
_entity_poly.type
_entity_poly.pdbx_seq_one_letter_code
_entity_poly.pdbx_strand_id
1 'polypeptide(L)'
;DYKDDDDGAPEGPAKKVLTLEGDLVLGGLFPVHQKGGPAEDCGPVNEHRGIQRLEAMLFALDRINRDPHLLPGVRLGAHI
LDSCSKDTHALEQALDFVRASLSRGADGSRHICPDGSYATHGDAPTAITGVIGGSYSDVSIQVANLLRLFQIPQISYAST
SAKLSDKSRYDYFARTVPPDFFQAKAMAEILRFFNWTYVSTVASEGDYGETGIEAFELEARARNICVATSEKVGRAMSRA
AFEGVVRALLQKPSARVAVLFTRSEDARELLAASQRLNASFTWVASDGWGALESVVAGSEGAAEGAITIELASYPISDFA
SYFQSLDPWNNSRNPWFREFWEQRFRCSFRQRDCAAHSLRAVPFEQESKIMFVVNAVYAMAHALHNMHRALCPNTTRLCD
AMRPVNGRRLYKDFVLNVKFDAPFRPADTHNEVRFDRFGDGIGRYNIFTYLRAGSGRYRYQKVGYWAEGLTLDTSLIPWA
SPSAGPLPASRCSEPCLQNEVKSVQPGEVCCWLCIPCQPYEYRLDEFTCADCGLGYWPNASLTGCFELPQEYIRWGDAWA
VGPVTIACLGALATLFVLGVFVRHNATPVVKASGRELCYILLGGVFLCYCMTFIFIAKPSTAVCTLRRLGLGTAFSVCYS
ALLTKTNRIARIFGGAREGAQRPRFISPASQVAICLALISGQLLIVVAWLVVEAPGTGKETAPERREVVTLRCNHRDASM
LGSLAYNVLLIALCTLYAFKTRKCPENFNEAKFIGFTMYTTCIIWLAFLPIFYVTSSDYRVQTTTMCVSVSLSGSVVLGC
LFAPKLHIILFQPQKNVVSHRAPTSRFGSAAARASSSLGQGSGSQFVPTVCNGREVVDSTTSSLLEVLFQGPGVQVETIS
PGDGRTFPKRGQTCVVHYTGMLEDGKKFDSSRDRNKPFKFMLGKQEVIRGWEEGVAQMSVGQRAKLTISPDYAYGATGHP
GIIPPHATLVFDVELLKLEFAAAHHHHHHHHHH
;
2
2 'polypeptide(L)'
;DYKDDDDKGAPWSHPQFEKGSGSWSHPQFEKLGDHNFLRREIKIEGDLVLGGLFPINEKGTGTEECGRINEDRGIQRLEA
MLFAIDEINKDDYLLPGVKLGVHILDTCSRDTYALEQSLEFVRASLTKVDEAEYMCPDGSYAIQENIPLLIAGVIGGSYS
SVSIQVANLLRLFQIPQISYASTSAKLSDKSRYDYFARTVPPDFYQAKAMAEILRFFNWTYVSTVASEGDYGETGIEAFE
QEARLRNICIATAEKVGRSNIRKSYDSVIRELLQKPNARVVVLFMRSDDSRELIAAASRANASFTWVASDGWGAQESIIK
GSEHVAYGAITLELASQPVRQFDRYFQSLNPYNNHRNPWFRDFWEQKFQCSLQNKRNHRRVCDKHLAIDSSNYEQESKIM
FVVNAVYAMAHALHKMQRTLCPNTTKLCDAMKILDGKKLYKDYLLKINFTAPFNPNKDADSIVKFDTFGDGMGRYNVFNF
QNVGGKYSYLKVGHWAETLSLDVNSIHWSRNSVPTSQCSDPCAPNEMKNMQPGDVCCWICIPCEPYEYLADEFTCMDCGS
GQWPTADLTGCYDLPEDYIRWEDAWAIGPVTIACLGFMCTCMVVTVFIKHNNTPLVKASGRELCYILLFGVGLSYCMTFF
FIAKPSPVICALRRLGLGSSFAICYSALLTKTNCIARIFDGVKNGAQRPKFISPSSQVFICLGLILVQIVMVSVWLILEA
PGTRRYTLAEKRETVILKCNVKDSSMLISLTYDVILVILCTVYAFKTRKCPENFNEAKFIGFTMYTTCIIWLAFLPIFYV
TSSDYRVQTTTMCISVSLSGFVVLGCLFAPKVHIILFQPQKNVVTHRLHLNRFSVSGTGTTYSQSSASTYVPTVCNGREV
LDSTTSSLLEVLFQGPAILWHEMWHEGLEEASRLYFGERNVKGMFEVLEPLHAMMERGPQTLKETSFNQAYGRDLMEAQE
WCRKYMKSGNVKDLTQAWDLYYHVFRRISKQEF
;
3
#
loop_
_chem_comp.id
_chem_comp.type
_chem_comp.name
_chem_comp.formula
CLR non-polymer CHOLESTEROL 'C27 H46 O'
NAG D-saccharide, beta linking 2-acetamido-2-deoxy-beta-D-glucopyranose 'C8 H15 N O6'
Z99 non-polymer 2-[(1S,2S)-2-carboxycyclopropyl]-3-(9H-xanthen-9-yl)-D-alanine 'C20 H19 N O5'
#
# COMPACT_ATOMS: atom_id res chain seq x y z
N LYS A 16 -23.93 8.11 57.50
CA LYS A 16 -23.04 8.99 58.25
C LYS A 16 -22.15 9.78 57.30
N VAL A 17 -21.93 11.06 57.64
CA VAL A 17 -21.18 11.98 56.80
C VAL A 17 -20.08 12.62 57.64
N LEU A 18 -18.86 12.64 57.12
CA LEU A 18 -17.73 13.28 57.77
C LEU A 18 -17.61 14.70 57.23
N THR A 19 -17.94 15.69 58.05
CA THR A 19 -17.91 17.09 57.66
C THR A 19 -16.95 17.85 58.56
N LEU A 20 -16.10 18.67 57.94
CA LEU A 20 -15.14 19.50 58.66
C LEU A 20 -15.29 20.94 58.20
N GLU A 21 -15.24 21.87 59.15
CA GLU A 21 -15.38 23.28 58.83
C GLU A 21 -14.13 23.81 58.15
N GLY A 22 -14.32 24.70 57.18
CA GLY A 22 -13.21 25.30 56.47
C GLY A 22 -13.71 26.24 55.40
N ASP A 23 -12.80 27.13 54.97
CA ASP A 23 -13.14 28.08 53.92
C ASP A 23 -13.44 27.36 52.61
N LEU A 24 -12.62 26.37 52.26
CA LEU A 24 -12.82 25.56 51.06
C LEU A 24 -13.00 24.11 51.47
N VAL A 25 -14.06 23.48 50.97
CA VAL A 25 -14.39 22.10 51.29
C VAL A 25 -13.91 21.20 50.17
N LEU A 26 -13.22 20.12 50.54
CA LEU A 26 -12.75 19.13 49.58
C LEU A 26 -13.56 17.85 49.76
N GLY A 27 -14.20 17.40 48.70
CA GLY A 27 -14.98 16.17 48.77
C GLY A 27 -14.10 14.95 48.85
N GLY A 28 -14.68 13.88 49.38
CA GLY A 28 -13.95 12.62 49.52
C GLY A 28 -14.90 11.46 49.34
N LEU A 29 -14.34 10.35 48.86
CA LEU A 29 -15.12 9.12 48.65
C LEU A 29 -14.22 7.93 48.87
N PHE A 30 -14.52 7.13 49.89
CA PHE A 30 -13.71 5.98 50.24
C PHE A 30 -14.58 4.76 50.42
N PRO A 31 -14.08 3.56 50.10
CA PRO A 31 -14.84 2.33 50.32
C PRO A 31 -14.75 1.85 51.76
N VAL A 32 -15.42 2.59 52.65
CA VAL A 32 -15.37 2.27 54.08
C VAL A 32 -16.01 0.92 54.34
N HIS A 33 -17.14 0.64 53.70
CA HIS A 33 -17.86 -0.60 53.87
C HIS A 33 -17.73 -1.47 52.63
N GLN A 34 -17.65 -2.78 52.84
CA GLN A 34 -17.56 -3.72 51.73
C GLN A 34 -18.94 -3.93 51.09
N LYS A 35 -18.95 -4.65 49.97
CA LYS A 35 -20.20 -4.95 49.28
C LYS A 35 -21.11 -5.78 50.18
N GLY A 36 -22.38 -5.38 50.25
CA GLY A 36 -23.35 -6.08 51.07
C GLY A 36 -24.09 -7.17 50.33
N GLY A 37 -24.66 -6.84 49.18
CA GLY A 37 -25.42 -7.77 48.39
C GLY A 37 -26.91 -7.60 48.55
N PRO A 38 -27.65 -8.71 48.55
CA PRO A 38 -29.11 -8.61 48.70
C PRO A 38 -29.54 -8.35 50.13
N ALA A 39 -28.70 -8.75 51.09
CA ALA A 39 -29.04 -8.55 52.49
C ALA A 39 -29.03 -7.07 52.86
N GLU A 40 -28.03 -6.33 52.39
CA GLU A 40 -27.92 -4.91 52.70
C GLU A 40 -27.09 -4.24 51.62
N ASP A 41 -27.16 -2.91 51.57
CA ASP A 41 -26.39 -2.15 50.58
C ASP A 41 -24.90 -2.34 50.80
N CYS A 42 -24.45 -2.31 52.04
CA CYS A 42 -23.04 -2.54 52.36
C CYS A 42 -22.94 -3.09 53.77
N GLY A 43 -21.99 -3.99 53.98
CA GLY A 43 -21.88 -4.71 55.23
C GLY A 43 -20.62 -4.39 56.02
N PRO A 44 -19.66 -5.31 56.01
CA PRO A 44 -18.48 -5.15 56.86
C PRO A 44 -17.64 -3.94 56.47
N VAL A 45 -16.97 -3.37 57.46
CA VAL A 45 -16.16 -2.17 57.27
C VAL A 45 -14.78 -2.55 56.80
N ASN A 46 -14.33 -1.93 55.71
CA ASN A 46 -12.96 -2.13 55.25
C ASN A 46 -11.98 -1.47 56.20
N GLU A 47 -10.95 -2.21 56.60
CA GLU A 47 -9.97 -1.71 57.56
C GLU A 47 -8.73 -1.11 56.90
N HIS A 48 -8.38 -1.57 55.69
CA HIS A 48 -7.20 -1.08 55.00
C HIS A 48 -7.52 -0.12 53.87
N ARG A 49 -8.59 -0.36 53.11
CA ARG A 49 -8.94 0.49 51.99
C ARG A 49 -9.97 1.56 52.33
N GLY A 50 -10.72 1.40 53.42
CA GLY A 50 -11.73 2.36 53.79
C GLY A 50 -11.36 3.25 54.95
N ILE A 51 -10.73 2.67 55.97
CA ILE A 51 -10.39 3.42 57.17
C ILE A 51 -9.01 4.04 57.08
N GLN A 52 -8.02 3.27 56.62
CA GLN A 52 -6.65 3.77 56.55
C GLN A 52 -6.54 4.92 55.56
N ARG A 53 -7.18 4.80 54.39
CA ARG A 53 -7.10 5.87 53.39
C ARG A 53 -7.85 7.11 53.86
N LEU A 54 -8.99 6.92 54.54
CA LEU A 54 -9.72 8.06 55.09
C LEU A 54 -8.89 8.78 56.14
N GLU A 55 -8.22 8.03 57.02
CA GLU A 55 -7.36 8.66 58.01
C GLU A 55 -6.15 9.32 57.36
N ALA A 56 -5.64 8.75 56.27
CA ALA A 56 -4.55 9.39 55.54
C ALA A 56 -4.99 10.73 54.96
N MET A 57 -6.20 10.78 54.40
CA MET A 57 -6.73 12.05 53.90
C MET A 57 -6.90 13.06 55.03
N LEU A 58 -7.42 12.61 56.17
CA LEU A 58 -7.59 13.53 57.31
C LEU A 58 -6.25 14.05 57.79
N PHE A 59 -5.24 13.18 57.85
CA PHE A 59 -3.90 13.59 58.24
C PHE A 59 -3.31 14.60 57.25
N ALA A 60 -3.53 14.36 55.95
CA ALA A 60 -3.04 15.29 54.94
C ALA A 60 -3.70 16.66 55.07
N LEU A 61 -5.03 16.69 55.30
CA LEU A 61 -5.70 17.96 55.50
C LEU A 61 -5.21 18.66 56.76
N ASP A 62 -4.98 17.91 57.83
CA ASP A 62 -4.45 18.53 59.04
C ASP A 62 -3.07 19.13 58.81
N ARG A 63 -2.21 18.40 58.10
CA ARG A 63 -0.88 18.92 57.80
C ARG A 63 -0.95 20.17 56.92
N ILE A 64 -1.86 20.17 55.94
CA ILE A 64 -2.01 21.33 55.07
C ILE A 64 -2.50 22.53 55.87
N ASN A 65 -3.49 22.32 56.74
CA ASN A 65 -3.98 23.42 57.57
C ASN A 65 -2.93 23.92 58.54
N ARG A 66 -2.00 23.05 58.96
CA ARG A 66 -0.90 23.44 59.82
C ARG A 66 0.37 23.80 59.05
N ASP A 67 0.27 24.00 57.74
CA ASP A 67 1.43 24.34 56.93
C ASP A 67 1.39 25.82 56.59
N PRO A 68 2.30 26.63 57.12
CA PRO A 68 2.28 28.07 56.80
C PRO A 68 2.52 28.37 55.33
N HIS A 69 3.23 27.51 54.61
CA HIS A 69 3.58 27.76 53.22
C HIS A 69 2.54 27.24 52.24
N LEU A 70 1.43 26.67 52.73
CA LEU A 70 0.38 26.14 51.86
C LEU A 70 -0.96 26.62 52.42
N LEU A 71 -1.58 27.59 51.74
CA LEU A 71 -2.84 28.20 52.15
C LEU A 71 -2.77 28.69 53.58
N PRO A 72 -1.94 29.69 53.89
CA PRO A 72 -1.85 30.17 55.27
C PRO A 72 -3.14 30.75 55.81
N GLY A 73 -3.95 31.38 54.96
CA GLY A 73 -5.19 31.99 55.39
C GLY A 73 -6.40 31.11 55.14
N VAL A 74 -6.42 30.43 54.00
CA VAL A 74 -7.55 29.57 53.64
C VAL A 74 -7.43 28.26 54.39
N ARG A 75 -8.52 27.86 55.05
CA ARG A 75 -8.58 26.60 55.78
C ARG A 75 -9.38 25.59 54.97
N LEU A 76 -8.79 24.42 54.73
CA LEU A 76 -9.42 23.40 53.90
C LEU A 76 -10.39 22.57 54.74
N GLY A 77 -11.65 22.54 54.31
CA GLY A 77 -12.65 21.71 54.93
C GLY A 77 -12.70 20.32 54.31
N ALA A 78 -13.67 19.53 54.76
CA ALA A 78 -13.82 18.17 54.27
C ALA A 78 -15.29 17.78 54.26
N HIS A 79 -15.70 17.07 53.21
CA HIS A 79 -17.02 16.47 53.12
C HIS A 79 -16.82 15.07 52.53
N ILE A 80 -16.62 14.09 53.42
CA ILE A 80 -16.21 12.75 53.03
C ILE A 80 -17.40 11.81 53.20
N LEU A 81 -17.68 11.03 52.15
CA LEU A 81 -18.80 10.10 52.14
C LEU A 81 -18.29 8.68 51.95
N ASP A 82 -19.19 7.73 52.13
CA ASP A 82 -18.89 6.31 52.01
C ASP A 82 -19.58 5.76 50.75
N SER A 83 -18.79 5.18 49.86
CA SER A 83 -19.33 4.59 48.64
C SER A 83 -19.85 3.17 48.85
N CYS A 84 -19.51 2.53 49.97
CA CYS A 84 -19.92 1.16 50.28
C CYS A 84 -19.49 0.18 49.20
N SER A 85 -18.41 0.50 48.49
CA SER A 85 -17.83 -0.36 47.46
C SER A 85 -18.84 -0.73 46.37
N LYS A 86 -19.79 0.16 46.11
CA LYS A 86 -20.82 -0.09 45.11
C LYS A 86 -21.05 1.18 44.30
N ASP A 87 -21.16 1.01 42.98
CA ASP A 87 -21.30 2.17 42.10
C ASP A 87 -22.70 2.78 42.14
N THR A 88 -23.75 1.95 42.30
CA THR A 88 -25.09 2.51 42.41
C THR A 88 -25.24 3.37 43.66
N HIS A 89 -24.71 2.89 44.79
CA HIS A 89 -24.68 3.70 46.01
C HIS A 89 -23.78 4.91 45.85
N ALA A 90 -22.71 4.77 45.05
CA ALA A 90 -21.77 5.88 44.86
C ALA A 90 -22.43 7.06 44.18
N LEU A 91 -23.34 6.80 43.23
CA LEU A 91 -24.02 7.89 42.54
C LEU A 91 -24.91 8.68 43.50
N GLU A 92 -25.72 7.99 44.30
CA GLU A 92 -26.60 8.69 45.22
C GLU A 92 -25.81 9.36 46.35
N GLN A 93 -24.61 8.83 46.67
CA GLN A 93 -23.76 9.53 47.63
C GLN A 93 -23.17 10.79 47.03
N ALA A 94 -22.66 10.69 45.80
CA ALA A 94 -22.09 11.84 45.10
C ALA A 94 -23.13 12.86 44.70
N LEU A 95 -24.42 12.52 44.79
CA LEU A 95 -25.46 13.51 44.57
C LEU A 95 -25.63 14.38 45.81
N ASP A 96 -24.53 14.88 46.34
CA ASP A 96 -24.48 15.87 47.42
C ASP A 96 -23.57 17.03 47.07
N PHE A 97 -22.45 16.77 46.38
CA PHE A 97 -21.59 17.86 45.91
C PHE A 97 -22.33 18.74 44.91
N VAL A 98 -23.10 18.14 44.01
CA VAL A 98 -23.85 18.92 43.03
C VAL A 98 -24.95 19.71 43.72
N ARG A 99 -25.59 19.13 44.74
CA ARG A 99 -26.60 19.87 45.50
C ARG A 99 -25.98 21.05 46.23
N ALA A 100 -24.79 20.86 46.79
CA ALA A 100 -24.09 21.96 47.44
C ALA A 100 -23.73 23.06 46.44
N SER A 101 -23.28 22.67 45.24
CA SER A 101 -22.95 23.67 44.22
C SER A 101 -24.18 24.44 43.79
N LEU A 102 -25.30 23.76 43.60
CA LEU A 102 -26.57 24.41 43.29
C LEU A 102 -27.13 25.12 44.52
N ALA A 124 -27.15 22.98 56.07
CA ALA A 124 -26.68 24.00 55.15
C ALA A 124 -25.60 23.46 54.23
N PRO A 125 -25.91 23.36 52.93
CA PRO A 125 -24.92 22.87 51.97
C PRO A 125 -23.70 23.79 51.91
N THR A 126 -22.53 23.17 51.74
CA THR A 126 -21.27 23.90 51.64
C THR A 126 -20.65 23.63 50.28
N ALA A 127 -20.39 24.69 49.53
CA ALA A 127 -19.81 24.53 48.20
C ALA A 127 -18.40 23.95 48.28
N ILE A 128 -18.11 23.02 47.38
CA ILE A 128 -16.82 22.36 47.34
C ILE A 128 -16.08 22.76 46.07
N THR A 129 -14.76 22.59 46.11
CA THR A 129 -13.90 22.94 44.98
C THR A 129 -13.40 21.71 44.21
N GLY A 130 -13.80 20.52 44.62
CA GLY A 130 -13.38 19.30 43.96
C GLY A 130 -13.35 18.15 44.95
N VAL A 131 -13.53 16.94 44.44
CA VAL A 131 -13.56 15.74 45.25
C VAL A 131 -12.22 15.03 45.13
N ILE A 132 -11.79 14.42 46.23
CA ILE A 132 -10.60 13.57 46.27
C ILE A 132 -11.08 12.20 46.72
N GLY A 133 -11.42 11.35 45.77
CA GLY A 133 -11.99 10.05 46.11
C GLY A 133 -12.10 9.17 44.89
N GLY A 134 -12.53 7.95 45.13
CA GLY A 134 -12.65 6.96 44.09
C GLY A 134 -11.54 5.93 44.14
N SER A 135 -11.85 4.76 44.72
CA SER A 135 -10.90 3.66 44.81
C SER A 135 -11.12 2.61 43.72
N TYR A 136 -12.35 2.11 43.61
CA TYR A 136 -12.68 1.16 42.56
C TYR A 136 -12.90 1.88 41.24
N SER A 137 -12.61 1.19 40.14
CA SER A 137 -12.68 1.81 38.82
C SER A 137 -14.11 2.17 38.45
N ASP A 138 -15.08 1.29 38.73
CA ASP A 138 -16.47 1.58 38.37
C ASP A 138 -17.01 2.77 39.17
N VAL A 139 -16.68 2.83 40.46
CA VAL A 139 -17.12 3.96 41.29
C VAL A 139 -16.55 5.26 40.75
N SER A 140 -15.25 5.27 40.42
CA SER A 140 -14.63 6.47 39.89
C SER A 140 -15.25 6.86 38.55
N ILE A 141 -15.56 5.87 37.71
CA ILE A 141 -16.17 6.16 36.41
C ILE A 141 -17.54 6.80 36.60
N GLN A 142 -18.36 6.25 37.49
CA GLN A 142 -19.68 6.82 37.74
C GLN A 142 -19.58 8.22 38.32
N VAL A 143 -18.66 8.43 39.27
CA VAL A 143 -18.52 9.74 39.89
C VAL A 143 -18.03 10.77 38.87
N ALA A 144 -17.09 10.38 38.00
CA ALA A 144 -16.61 11.27 36.97
C ALA A 144 -17.70 11.61 35.97
N ASN A 145 -18.53 10.63 35.62
CA ASN A 145 -19.66 10.90 34.73
C ASN A 145 -20.64 11.87 35.36
N LEU A 146 -20.91 11.71 36.65
CA LEU A 146 -21.86 12.59 37.33
C LEU A 146 -21.31 14.00 37.50
N LEU A 147 -20.04 14.12 37.88
CA LEU A 147 -19.46 15.42 38.20
C LEU A 147 -18.94 16.18 36.99
N ARG A 148 -18.84 15.53 35.83
CA ARG A 148 -18.40 16.23 34.63
C ARG A 148 -19.41 17.29 34.21
N LEU A 149 -20.71 16.99 34.35
CA LEU A 149 -21.77 17.90 33.96
C LEU A 149 -21.87 19.13 34.86
N PHE A 150 -21.22 19.11 36.02
CA PHE A 150 -21.32 20.21 36.98
C PHE A 150 -19.98 20.89 37.25
N GLN A 151 -18.96 20.61 36.44
CA GLN A 151 -17.67 21.28 36.52
C GLN A 151 -17.03 21.11 37.90
N ILE A 152 -16.89 19.85 38.31
CA ILE A 152 -16.26 19.52 39.58
C ILE A 152 -15.04 18.64 39.32
N PRO A 153 -13.83 19.17 39.47
CA PRO A 153 -12.64 18.35 39.25
C PRO A 153 -12.54 17.21 40.25
N GLN A 154 -12.02 16.07 39.78
CA GLN A 154 -11.89 14.87 40.59
C GLN A 154 -10.48 14.33 40.46
N ILE A 155 -9.84 14.05 41.60
CA ILE A 155 -8.51 13.46 41.64
C ILE A 155 -8.62 12.12 42.35
N SER A 156 -8.36 11.04 41.64
CA SER A 156 -8.43 9.71 42.20
C SER A 156 -7.07 9.28 42.75
N TYR A 157 -7.10 8.32 43.67
CA TYR A 157 -5.90 7.83 44.33
C TYR A 157 -5.62 6.35 44.09
N ALA A 158 -6.60 5.57 43.63
CA ALA A 158 -6.39 4.15 43.44
C ALA A 158 -7.02 3.59 42.18
N SER A 159 -7.63 4.42 41.34
CA SER A 159 -8.29 3.94 40.13
C SER A 159 -7.28 3.86 38.99
N THR A 160 -7.04 2.65 38.49
CA THR A 160 -6.06 2.40 37.44
C THR A 160 -6.71 1.90 36.16
N SER A 161 -8.00 2.21 35.95
CA SER A 161 -8.68 1.78 34.75
C SER A 161 -8.09 2.46 33.52
N ALA A 162 -7.92 1.70 32.44
CA ALA A 162 -7.37 2.24 31.21
C ALA A 162 -8.38 3.05 30.40
N LYS A 163 -9.66 2.95 30.71
CA LYS A 163 -10.70 3.68 30.00
C LYS A 163 -11.03 5.01 30.65
N LEU A 164 -10.31 5.41 31.69
CA LEU A 164 -10.48 6.71 32.32
C LEU A 164 -9.51 7.75 31.78
N SER A 165 -8.69 7.41 30.80
CA SER A 165 -7.67 8.33 30.28
C SER A 165 -8.19 9.20 29.15
N ASP A 166 -9.21 8.76 28.42
CA ASP A 166 -9.75 9.57 27.33
C ASP A 166 -10.58 10.72 27.89
N LYS A 167 -10.31 11.92 27.39
CA LYS A 167 -11.00 13.12 27.86
C LYS A 167 -12.32 13.35 27.12
N SER A 168 -12.67 12.50 26.15
CA SER A 168 -13.94 12.66 25.47
C SER A 168 -15.13 12.33 26.36
N ARG A 169 -14.90 11.64 27.49
CA ARG A 169 -15.97 11.28 28.41
C ARG A 169 -15.73 11.74 29.84
N TYR A 170 -14.50 12.10 30.21
CA TYR A 170 -14.17 12.52 31.57
C TYR A 170 -13.35 13.81 31.48
N ASP A 171 -14.05 14.94 31.51
CA ASP A 171 -13.41 16.25 31.33
C ASP A 171 -12.71 16.76 32.58
N TYR A 172 -12.97 16.16 33.75
CA TYR A 172 -12.45 16.71 35.00
C TYR A 172 -11.89 15.61 35.91
N PHE A 173 -11.39 14.53 35.32
CA PHE A 173 -10.87 13.41 36.08
C PHE A 173 -9.34 13.39 36.03
N ALA A 174 -8.72 13.27 37.19
CA ALA A 174 -7.28 13.10 37.31
C ALA A 174 -6.98 11.99 38.30
N ARG A 175 -5.79 11.43 38.21
CA ARG A 175 -5.39 10.37 39.12
C ARG A 175 -3.90 10.43 39.37
N THR A 176 -3.49 10.00 40.56
CA THR A 176 -2.09 9.94 40.92
C THR A 176 -1.45 8.61 40.51
N VAL A 177 -2.20 7.52 40.61
CA VAL A 177 -1.73 6.20 40.20
C VAL A 177 -1.63 6.15 38.68
N PRO A 178 -0.70 5.38 38.12
CA PRO A 178 -0.63 5.24 36.66
C PRO A 178 -1.57 4.16 36.18
N PRO A 179 -2.02 4.23 34.93
CA PRO A 179 -2.90 3.18 34.38
C PRO A 179 -2.19 1.86 34.15
N ASP A 180 -2.89 0.88 33.58
CA ASP A 180 -2.33 -0.46 33.44
C ASP A 180 -1.49 -0.63 32.19
N PHE A 181 -1.73 0.18 31.15
CA PHE A 181 -0.90 0.03 29.95
C PHE A 181 0.55 0.43 30.22
N PHE A 182 0.81 1.24 31.23
CA PHE A 182 2.19 1.53 31.60
C PHE A 182 2.90 0.28 32.10
N GLN A 183 2.23 -0.52 32.93
CA GLN A 183 2.85 -1.76 33.40
C GLN A 183 2.88 -2.80 32.30
N ALA A 184 1.93 -2.75 31.35
CA ALA A 184 2.04 -3.60 30.17
C ALA A 184 3.29 -3.26 29.35
N LYS A 185 3.56 -1.97 29.18
CA LYS A 185 4.78 -1.56 28.50
C LYS A 185 6.02 -1.96 29.29
N ALA A 186 5.94 -1.90 30.62
CA ALA A 186 7.07 -2.35 31.45
C ALA A 186 7.34 -3.83 31.23
N MET A 187 6.29 -4.66 31.20
CA MET A 187 6.48 -6.08 30.94
C MET A 187 7.02 -6.33 29.53
N ALA A 188 6.55 -5.56 28.55
CA ALA A 188 7.08 -5.71 27.20
C ALA A 188 8.57 -5.36 27.15
N GLU A 189 8.97 -4.29 27.84
CA GLU A 189 10.38 -3.92 27.90
C GLU A 189 11.20 -4.99 28.61
N ILE A 190 10.65 -5.58 29.66
CA ILE A 190 11.35 -6.68 30.35
C ILE A 190 11.55 -7.86 29.40
N LEU A 191 10.51 -8.19 28.62
CA LEU A 191 10.63 -9.29 27.66
C LEU A 191 11.68 -8.98 26.61
N ARG A 192 11.70 -7.74 26.10
CA ARG A 192 12.69 -7.37 25.09
C ARG A 192 14.10 -7.35 25.67
N PHE A 193 14.25 -7.01 26.95
CA PHE A 193 15.58 -6.96 27.56
C PHE A 193 16.24 -8.32 27.55
N PHE A 194 15.49 -9.39 27.83
CA PHE A 194 16.01 -10.74 27.84
C PHE A 194 15.91 -11.44 26.49
N ASN A 195 15.54 -10.70 25.43
CA ASN A 195 15.43 -11.25 24.08
C ASN A 195 14.42 -12.40 24.02
N TRP A 196 13.33 -12.25 24.76
CA TRP A 196 12.24 -13.23 24.77
C TRP A 196 11.19 -12.76 23.77
N THR A 197 11.18 -13.38 22.59
CA THR A 197 10.22 -13.02 21.55
C THR A 197 9.04 -13.98 21.48
N TYR A 198 9.22 -15.24 21.87
CA TYR A 198 8.15 -16.24 21.86
C TYR A 198 7.57 -16.32 23.26
N VAL A 199 6.41 -15.70 23.45
CA VAL A 199 5.75 -15.64 24.75
C VAL A 199 4.38 -16.30 24.63
N SER A 200 3.71 -16.42 25.79
CA SER A 200 2.38 -17.02 25.83
C SER A 200 1.58 -16.29 26.91
N THR A 201 0.79 -15.31 26.49
CA THR A 201 0.03 -14.49 27.42
C THR A 201 -1.18 -15.25 27.95
N VAL A 202 -1.46 -15.05 29.24
CA VAL A 202 -2.63 -15.63 29.90
C VAL A 202 -3.42 -14.48 30.52
N ALA A 203 -4.68 -14.33 30.10
CA ALA A 203 -5.52 -13.25 30.54
C ALA A 203 -6.54 -13.74 31.59
N SER A 204 -7.45 -12.85 31.98
CA SER A 204 -8.54 -13.18 32.88
C SER A 204 -9.86 -12.93 32.19
N GLU A 205 -10.95 -13.34 32.83
CA GLU A 205 -12.29 -13.25 32.25
C GLU A 205 -13.04 -12.00 32.65
N GLY A 206 -12.66 -11.34 33.74
CA GLY A 206 -13.35 -10.16 34.21
C GLY A 206 -12.91 -8.91 33.47
N ASP A 207 -13.35 -7.76 33.99
CA ASP A 207 -12.97 -6.49 33.40
C ASP A 207 -11.48 -6.24 33.48
N TYR A 208 -10.79 -6.89 34.42
CA TYR A 208 -9.34 -6.79 34.52
C TYR A 208 -8.69 -7.93 33.74
N GLY A 209 -7.87 -7.58 32.76
CA GLY A 209 -7.15 -8.57 31.98
C GLY A 209 -7.37 -8.45 30.49
N GLU A 210 -8.62 -8.24 30.06
CA GLU A 210 -8.91 -8.14 28.64
C GLU A 210 -8.27 -6.89 28.04
N THR A 211 -8.52 -5.74 28.67
CA THR A 211 -7.94 -4.48 28.18
C THR A 211 -6.42 -4.49 28.30
N GLY A 212 -5.90 -5.08 29.39
CA GLY A 212 -4.46 -5.15 29.55
C GLY A 212 -3.79 -5.97 28.48
N ILE A 213 -4.36 -7.14 28.15
CA ILE A 213 -3.78 -7.97 27.10
C ILE A 213 -3.95 -7.32 25.75
N GLU A 214 -5.09 -6.64 25.52
CA GLU A 214 -5.27 -5.94 24.26
C GLU A 214 -4.24 -4.84 24.07
N ALA A 215 -3.93 -4.10 25.14
CA ALA A 215 -2.93 -3.05 25.05
C ALA A 215 -1.52 -3.64 24.95
N PHE A 216 -1.27 -4.78 25.60
CA PHE A 216 0.06 -5.38 25.56
C PHE A 216 0.36 -6.00 24.21
N GLU A 217 -0.66 -6.52 23.51
CA GLU A 217 -0.42 -7.18 22.23
C GLU A 217 0.11 -6.19 21.19
N LEU A 218 -0.47 -4.99 21.15
CA LEU A 218 -0.01 -3.99 20.17
C LEU A 218 1.43 -3.58 20.44
N GLU A 219 1.77 -3.36 21.71
CA GLU A 219 3.14 -2.98 22.05
C GLU A 219 4.12 -4.12 21.85
N ALA A 220 3.66 -5.36 21.99
CA ALA A 220 4.52 -6.51 21.73
C ALA A 220 4.78 -6.66 20.23
N ARG A 221 3.74 -6.56 19.41
CA ARG A 221 3.93 -6.63 17.96
C ARG A 221 4.67 -5.42 17.43
N ALA A 222 4.67 -4.30 18.16
CA ALA A 222 5.50 -3.15 17.81
C ALA A 222 6.95 -3.32 18.25
N ARG A 223 7.23 -4.27 19.13
CA ARG A 223 8.58 -4.55 19.60
C ARG A 223 9.10 -5.91 19.12
N ASN A 224 8.49 -6.47 18.08
CA ASN A 224 8.88 -7.76 17.52
C ASN A 224 8.80 -8.87 18.58
N ILE A 225 7.65 -8.94 19.25
CA ILE A 225 7.38 -9.98 20.24
C ILE A 225 6.21 -10.81 19.73
N CYS A 226 6.40 -12.13 19.69
CA CYS A 226 5.42 -13.04 19.13
C CYS A 226 4.65 -13.73 20.24
N VAL A 227 3.32 -13.71 20.13
CA VAL A 227 2.43 -14.34 21.10
C VAL A 227 1.98 -15.68 20.53
N ALA A 228 2.17 -16.75 21.31
CA ALA A 228 1.86 -18.10 20.86
C ALA A 228 0.44 -18.51 21.23
N THR A 229 0.12 -18.48 22.52
CA THR A 229 -1.18 -18.90 23.02
C THR A 229 -1.82 -17.77 23.81
N SER A 230 -3.10 -17.52 23.53
CA SER A 230 -3.88 -16.51 24.24
C SER A 230 -5.20 -17.13 24.66
N GLU A 231 -5.51 -17.04 25.96
CA GLU A 231 -6.73 -17.61 26.49
C GLU A 231 -7.25 -16.70 27.61
N LYS A 232 -8.41 -17.07 28.16
CA LYS A 232 -9.05 -16.34 29.23
C LYS A 232 -9.27 -17.26 30.42
N VAL A 233 -9.04 -16.74 31.62
CA VAL A 233 -9.19 -17.50 32.86
C VAL A 233 -10.36 -16.92 33.64
N GLY A 234 -11.32 -17.78 33.99
CA GLY A 234 -12.49 -17.36 34.72
C GLY A 234 -12.45 -17.76 36.18
N ARG A 235 -13.22 -17.03 36.99
CA ARG A 235 -13.29 -17.34 38.42
C ARG A 235 -14.02 -18.65 38.68
N ALA A 236 -15.03 -18.98 37.86
CA ALA A 236 -15.79 -20.21 38.05
C ALA A 236 -15.07 -21.43 37.50
N MET A 237 -13.93 -21.26 36.85
CA MET A 237 -13.19 -22.40 36.31
C MET A 237 -12.70 -23.29 37.44
N SER A 238 -12.94 -24.60 37.29
CA SER A 238 -12.60 -25.56 38.33
C SER A 238 -11.15 -26.03 38.16
N ARG A 239 -10.75 -27.02 38.96
CA ARG A 239 -9.39 -27.53 38.88
C ARG A 239 -9.12 -28.21 37.55
N ALA A 240 -10.14 -28.89 36.99
CA ALA A 240 -9.97 -29.54 35.70
C ALA A 240 -9.69 -28.52 34.60
N ALA A 241 -10.39 -27.39 34.62
CA ALA A 241 -10.17 -26.36 33.62
C ALA A 241 -8.77 -25.76 33.74
N PHE A 242 -8.30 -25.54 34.97
CA PHE A 242 -6.94 -25.03 35.17
C PHE A 242 -5.90 -26.04 34.71
N GLU A 243 -6.13 -27.33 34.98
CA GLU A 243 -5.22 -28.35 34.47
C GLU A 243 -5.20 -28.35 32.95
N GLY A 244 -6.36 -28.20 32.32
CA GLY A 244 -6.42 -28.13 30.87
C GLY A 244 -5.67 -26.93 30.31
N VAL A 245 -5.81 -25.78 30.95
CA VAL A 245 -5.11 -24.59 30.45
C VAL A 245 -3.61 -24.71 30.68
N VAL A 246 -3.18 -25.36 31.77
CA VAL A 246 -1.75 -25.62 31.96
C VAL A 246 -1.24 -26.57 30.90
N ARG A 247 -2.02 -27.59 30.55
CA ARG A 247 -1.63 -28.49 29.47
C ARG A 247 -1.53 -27.75 28.14
N ALA A 248 -2.47 -26.84 27.88
CA ALA A 248 -2.41 -26.04 26.65
C ALA A 248 -1.17 -25.16 26.63
N LEU A 249 -0.80 -24.60 27.78
CA LEU A 249 0.45 -23.83 27.86
C LEU A 249 1.64 -24.73 27.58
N LEU A 250 1.64 -25.95 28.13
CA LEU A 250 2.72 -26.90 27.91
C LEU A 250 2.75 -27.46 26.50
N GLN A 251 1.68 -27.26 25.72
CA GLN A 251 1.65 -27.79 24.36
C GLN A 251 2.72 -27.19 23.46
N LYS A 252 3.29 -26.04 23.84
CA LYS A 252 4.36 -25.42 23.07
C LYS A 252 5.68 -25.58 23.80
N PRO A 253 6.55 -26.51 23.38
CA PRO A 253 7.84 -26.68 24.07
C PRO A 253 8.72 -25.45 24.02
N SER A 254 8.66 -24.68 22.93
CA SER A 254 9.54 -23.53 22.77
C SER A 254 9.07 -22.29 23.52
N ALA A 255 7.88 -22.33 24.13
CA ALA A 255 7.34 -21.21 24.87
C ALA A 255 7.43 -21.55 26.36
N ARG A 256 8.58 -21.25 26.96
CA ARG A 256 8.81 -21.47 28.37
C ARG A 256 8.53 -20.25 29.23
N VAL A 257 8.11 -19.14 28.61
CA VAL A 257 7.80 -17.91 29.32
C VAL A 257 6.33 -17.58 29.13
N ALA A 258 5.66 -17.22 30.21
CA ALA A 258 4.24 -16.88 30.19
C ALA A 258 4.05 -15.51 30.81
N VAL A 259 3.33 -14.64 30.11
CA VAL A 259 3.06 -13.28 30.56
C VAL A 259 1.69 -13.29 31.22
N LEU A 260 1.67 -13.31 32.55
CA LEU A 260 0.42 -13.35 33.30
C LEU A 260 -0.04 -11.93 33.59
N PHE A 261 -1.27 -11.61 33.16
CA PHE A 261 -1.94 -10.37 33.53
C PHE A 261 -3.32 -10.77 34.03
N THR A 262 -3.40 -11.19 35.28
CA THR A 262 -4.62 -11.74 35.86
C THR A 262 -4.78 -11.21 37.28
N ARG A 263 -5.77 -11.74 38.00
CA ARG A 263 -6.00 -11.39 39.38
C ARG A 263 -5.17 -12.29 40.31
N SER A 264 -5.27 -12.04 41.61
CA SER A 264 -4.48 -12.81 42.57
C SER A 264 -5.00 -14.24 42.69
N GLU A 265 -6.31 -14.42 42.79
CA GLU A 265 -6.87 -15.76 42.94
C GLU A 265 -6.64 -16.61 41.70
N ASP A 266 -6.80 -16.02 40.52
CA ASP A 266 -6.54 -16.76 39.28
C ASP A 266 -5.09 -17.19 39.19
N ALA A 267 -4.16 -16.29 39.56
CA ALA A 267 -2.75 -16.64 39.56
C ALA A 267 -2.45 -17.76 40.55
N ARG A 268 -3.03 -17.69 41.75
CA ARG A 268 -2.82 -18.73 42.74
C ARG A 268 -3.32 -20.08 42.24
N GLU A 269 -4.52 -20.10 41.64
CA GLU A 269 -5.05 -21.35 41.11
C GLU A 269 -4.20 -21.88 39.97
N LEU A 270 -3.71 -20.99 39.11
CA LEU A 270 -2.86 -21.44 38.00
C LEU A 270 -1.55 -22.02 38.50
N LEU A 271 -0.92 -21.39 39.50
CA LEU A 271 0.29 -21.96 40.08
C LEU A 271 0.01 -23.30 40.76
N ALA A 272 -1.13 -23.41 41.44
CA ALA A 272 -1.49 -24.70 42.05
C ALA A 272 -1.64 -25.78 40.99
N ALA A 273 -2.31 -25.46 39.88
CA ALA A 273 -2.47 -26.44 38.81
C ALA A 273 -1.12 -26.80 38.19
N SER A 274 -0.25 -25.81 38.00
CA SER A 274 1.06 -26.08 37.43
C SER A 274 1.89 -26.99 38.35
N GLN A 275 1.82 -26.74 39.66
CA GLN A 275 2.52 -27.61 40.60
C GLN A 275 1.93 -29.02 40.58
N ARG A 276 0.60 -29.12 40.47
CA ARG A 276 -0.03 -30.43 40.40
C ARG A 276 0.42 -31.20 39.16
N LEU A 277 0.53 -30.50 38.03
CA LEU A 277 0.96 -31.12 36.78
C LEU A 277 2.47 -31.11 36.59
N ASN A 278 3.23 -30.62 37.58
CA ASN A 278 4.68 -30.58 37.52
C ASN A 278 5.17 -29.82 36.28
N ALA A 279 4.55 -28.67 36.03
CA ALA A 279 4.91 -27.83 34.89
C ALA A 279 5.91 -26.76 35.32
N SER A 280 6.83 -26.44 34.42
CA SER A 280 7.87 -25.44 34.67
C SER A 280 7.71 -24.29 33.68
N PHE A 281 7.66 -23.07 34.21
CA PHE A 281 7.53 -21.88 33.38
C PHE A 281 8.26 -20.72 34.04
N THR A 282 8.59 -19.72 33.23
CA THR A 282 9.17 -18.47 33.70
C THR A 282 8.07 -17.42 33.60
N TRP A 283 7.35 -17.22 34.71
CA TRP A 283 6.18 -16.36 34.69
C TRP A 283 6.57 -14.90 34.85
N VAL A 284 6.05 -14.06 33.97
CA VAL A 284 6.23 -12.61 34.05
C VAL A 284 4.86 -12.03 34.36
N ALA A 285 4.62 -11.67 35.62
CA ALA A 285 3.32 -11.28 36.10
C ALA A 285 3.25 -9.78 36.35
N SER A 286 2.02 -9.27 36.38
CA SER A 286 1.73 -7.86 36.59
C SER A 286 1.49 -7.59 38.07
N ASP A 287 0.93 -6.41 38.37
CA ASP A 287 0.65 -6.03 39.75
C ASP A 287 -0.37 -6.95 40.41
N GLY A 288 -1.12 -7.73 39.64
CA GLY A 288 -2.04 -8.68 40.24
C GLY A 288 -1.34 -9.68 41.14
N TRP A 289 -0.19 -10.18 40.70
CA TRP A 289 0.66 -11.00 41.56
C TRP A 289 1.50 -10.13 42.47
N GLY A 290 2.35 -9.29 41.90
CA GLY A 290 3.18 -8.40 42.69
C GLY A 290 4.09 -9.17 43.62
N ALA A 291 4.13 -8.75 44.89
CA ALA A 291 4.92 -9.40 45.92
C ALA A 291 4.05 -10.11 46.96
N LEU A 292 2.79 -10.38 46.62
CA LEU A 292 1.89 -11.03 47.56
C LEU A 292 2.32 -12.47 47.80
N GLU A 293 2.24 -12.90 49.05
CA GLU A 293 2.58 -14.26 49.43
C GLU A 293 1.40 -15.22 49.32
N SER A 294 0.19 -14.70 49.09
CA SER A 294 -0.97 -15.58 48.95
C SER A 294 -0.93 -16.39 47.66
N VAL A 295 -0.36 -15.81 46.59
CA VAL A 295 -0.27 -16.54 45.33
C VAL A 295 0.70 -17.71 45.45
N VAL A 296 1.82 -17.51 46.15
CA VAL A 296 2.84 -18.54 46.28
C VAL A 296 2.57 -19.40 47.51
N ALA A 297 1.40 -19.21 48.12
CA ALA A 297 1.03 -19.98 49.30
C ALA A 297 0.74 -21.43 48.89
N GLY A 298 1.61 -22.35 49.28
CA GLY A 298 1.44 -23.74 48.96
C GLY A 298 1.95 -24.15 47.59
N SER A 299 2.54 -23.24 46.83
CA SER A 299 3.06 -23.53 45.50
C SER A 299 4.43 -22.90 45.32
N GLU A 300 5.29 -23.03 46.34
CA GLU A 300 6.60 -22.39 46.29
C GLU A 300 7.57 -23.11 45.35
N GLY A 301 7.26 -24.35 44.95
CA GLY A 301 8.17 -25.09 44.10
C GLY A 301 8.13 -24.68 42.65
N ALA A 302 7.00 -24.16 42.19
CA ALA A 302 6.84 -23.77 40.79
C ALA A 302 7.00 -22.28 40.54
N ALA A 303 6.88 -21.45 41.58
CA ALA A 303 6.94 -20.00 41.43
C ALA A 303 8.37 -19.47 41.32
N GLU A 304 9.38 -20.33 41.49
CA GLU A 304 10.76 -19.88 41.42
C GLU A 304 11.07 -19.30 40.04
N GLY A 305 11.79 -18.18 40.03
CA GLY A 305 12.15 -17.53 38.78
C GLY A 305 11.11 -16.61 38.21
N ALA A 306 10.00 -16.38 38.91
CA ALA A 306 8.95 -15.50 38.40
C ALA A 306 9.38 -14.05 38.50
N ILE A 307 9.19 -13.30 37.43
CA ILE A 307 9.53 -11.88 37.38
C ILE A 307 8.20 -11.12 37.47
N THR A 308 7.83 -10.74 38.69
CA THR A 308 6.61 -10.00 38.95
C THR A 308 6.93 -8.53 39.20
N ILE A 309 5.99 -7.67 38.81
CA ILE A 309 6.14 -6.24 38.99
C ILE A 309 5.06 -5.73 39.94
N GLU A 310 5.36 -4.62 40.61
CA GLU A 310 4.45 -4.05 41.58
C GLU A 310 4.57 -2.53 41.53
N LEU A 311 3.49 -1.86 41.91
CA LEU A 311 3.49 -0.39 41.94
C LEU A 311 4.40 0.11 43.04
N ALA A 312 5.28 1.05 42.68
CA ALA A 312 6.29 1.52 43.62
C ALA A 312 5.70 2.53 44.60
N SER A 313 5.96 2.33 45.88
CA SER A 313 5.51 3.24 46.93
C SER A 313 6.37 3.03 48.16
N TYR A 314 6.36 4.01 49.04
CA TYR A 314 7.11 3.96 50.29
C TYR A 314 6.21 4.28 51.46
N PRO A 315 6.50 3.70 52.63
CA PRO A 315 5.69 4.01 53.82
C PRO A 315 5.96 5.43 54.31
N ILE A 316 4.95 6.00 54.96
CA ILE A 316 5.03 7.34 55.54
C ILE A 316 5.26 7.19 57.03
N SER A 317 6.35 7.78 57.53
CA SER A 317 6.68 7.66 58.95
C SER A 317 5.67 8.40 59.82
N ASP A 318 5.22 9.57 59.39
CA ASP A 318 4.30 10.35 60.21
C ASP A 318 2.91 9.73 60.25
N PHE A 319 2.48 9.13 59.14
CA PHE A 319 1.14 8.55 59.09
C PHE A 319 1.01 7.36 60.03
N ALA A 320 2.08 6.57 60.17
CA ALA A 320 2.04 5.44 61.08
C ALA A 320 1.85 5.89 62.52
N SER A 321 2.58 6.93 62.92
CA SER A 321 2.42 7.47 64.27
C SER A 321 1.04 8.09 64.46
N TYR A 322 0.53 8.78 63.43
CA TYR A 322 -0.80 9.38 63.54
C TYR A 322 -1.88 8.33 63.68
N PHE A 323 -1.80 7.24 62.90
CA PHE A 323 -2.83 6.22 62.94
C PHE A 323 -2.75 5.37 64.19
N GLN A 324 -1.53 5.02 64.61
CA GLN A 324 -1.39 4.17 65.79
C GLN A 324 -1.84 4.89 67.06
N SER A 325 -1.72 6.22 67.10
CA SER A 325 -2.16 7.02 68.24
C SER A 325 -3.60 7.49 68.06
N LEU A 326 -4.50 6.56 67.79
CA LEU A 326 -5.92 6.86 67.60
C LEU A 326 -6.75 5.96 68.49
N ASP A 327 -7.72 6.54 69.18
CA ASP A 327 -8.65 5.81 70.03
C ASP A 327 -10.05 6.37 69.84
N PRO A 328 -11.08 5.54 70.05
CA PRO A 328 -12.46 6.04 69.85
C PRO A 328 -12.84 7.18 70.77
N TRP A 329 -12.19 7.32 71.92
CA TRP A 329 -12.56 8.38 72.86
C TRP A 329 -12.08 9.75 72.39
N ASN A 330 -10.87 9.81 71.82
CA ASN A 330 -10.28 11.06 71.37
C ASN A 330 -10.35 11.23 69.86
N ASN A 331 -11.29 10.57 69.19
CA ASN A 331 -11.46 10.69 67.74
C ASN A 331 -12.96 10.73 67.46
N SER A 332 -13.50 11.94 67.37
CA SER A 332 -14.92 12.13 67.09
C SER A 332 -15.20 12.59 65.66
N ARG A 333 -14.16 12.99 64.92
CA ARG A 333 -14.37 13.40 63.54
C ARG A 333 -14.83 12.22 62.68
N ASN A 334 -14.26 11.04 62.92
CA ASN A 334 -14.60 9.88 62.11
C ASN A 334 -15.85 9.21 62.64
N PRO A 335 -16.94 9.17 61.86
CA PRO A 335 -18.15 8.47 62.35
C PRO A 335 -18.07 6.96 62.25
N TRP A 336 -17.21 6.42 61.39
CA TRP A 336 -17.06 4.99 61.24
C TRP A 336 -15.95 4.39 62.09
N PHE A 337 -15.30 5.20 62.93
CA PHE A 337 -14.18 4.71 63.71
C PHE A 337 -14.63 3.71 64.78
N ARG A 338 -15.81 3.93 65.37
CA ARG A 338 -16.31 3.01 66.38
C ARG A 338 -16.59 1.63 65.79
N GLU A 339 -17.21 1.59 64.60
CA GLU A 339 -17.48 0.31 63.96
C GLU A 339 -16.17 -0.38 63.56
N PHE A 340 -15.19 0.39 63.08
CA PHE A 340 -13.89 -0.19 62.75
C PHE A 340 -13.21 -0.77 63.98
N TRP A 341 -13.29 -0.07 65.11
CA TRP A 341 -12.72 -0.59 66.35
C TRP A 341 -13.44 -1.85 66.81
N GLU A 342 -14.76 -1.89 66.68
CA GLU A 342 -15.52 -3.07 67.06
C GLU A 342 -15.17 -4.26 66.18
N GLN A 343 -15.00 -4.04 64.87
CA GLN A 343 -14.68 -5.14 63.98
C GLN A 343 -13.25 -5.63 64.16
N ARG A 344 -12.29 -4.69 64.25
CA ARG A 344 -10.89 -5.08 64.35
C ARG A 344 -10.59 -5.75 65.69
N PHE A 345 -11.05 -5.14 66.78
CA PHE A 345 -10.89 -5.70 68.12
C PHE A 345 -12.21 -6.30 68.55
N ARG A 346 -12.23 -7.60 68.80
CA ARG A 346 -13.46 -8.32 69.13
C ARG A 346 -13.96 -7.83 70.48
N CYS A 347 -14.98 -6.99 70.48
CA CYS A 347 -15.58 -6.42 71.68
C CYS A 347 -16.83 -5.67 71.27
N SER A 348 -17.53 -5.14 72.27
CA SER A 348 -18.72 -4.33 72.03
C SER A 348 -18.70 -3.12 72.95
N PHE A 349 -19.26 -2.01 72.47
CA PHE A 349 -19.29 -0.79 73.25
C PHE A 349 -20.39 -0.76 74.29
N ARG A 350 -21.32 -1.73 74.26
CA ARG A 350 -22.33 -1.82 75.31
C ARG A 350 -21.70 -2.11 76.66
N GLN A 351 -20.70 -2.98 76.69
CA GLN A 351 -19.96 -3.29 77.91
C GLN A 351 -18.60 -2.61 77.86
N ARG A 352 -18.21 -2.00 78.98
CA ARG A 352 -16.96 -1.25 79.05
C ARG A 352 -15.79 -2.23 79.10
N ASP A 353 -15.42 -2.74 77.93
CA ASP A 353 -14.30 -3.66 77.82
C ASP A 353 -13.42 -3.41 76.60
N CYS A 354 -13.69 -2.37 75.81
CA CYS A 354 -12.89 -2.07 74.63
C CYS A 354 -11.78 -1.06 74.91
N ALA A 355 -11.65 -0.58 76.15
CA ALA A 355 -10.61 0.38 76.49
C ALA A 355 -9.25 -0.28 76.72
N ALA A 356 -9.21 -1.60 76.87
CA ALA A 356 -7.93 -2.27 77.10
C ALA A 356 -7.12 -2.33 75.81
N HIS A 357 -7.77 -2.54 74.68
CA HIS A 357 -7.07 -2.65 73.41
C HIS A 357 -6.55 -1.29 72.95
N SER A 358 -5.49 -1.33 72.16
CA SER A 358 -4.89 -0.11 71.62
C SER A 358 -4.19 -0.44 70.31
N LEU A 359 -4.19 0.53 69.39
CA LEU A 359 -3.54 0.34 68.10
C LEU A 359 -2.02 0.37 68.21
N ARG A 360 -1.48 0.96 69.28
CA ARG A 360 -0.03 1.01 69.44
C ARG A 360 0.56 -0.39 69.64
N ALA A 361 -0.11 -1.22 70.45
CA ALA A 361 0.43 -2.54 70.76
C ALA A 361 0.39 -3.46 69.54
N VAL A 362 -0.75 -3.52 68.86
CA VAL A 362 -0.91 -4.40 67.70
C VAL A 362 -0.07 -3.86 66.54
N PRO A 363 0.47 -4.74 65.69
CA PRO A 363 1.25 -4.25 64.54
C PRO A 363 0.37 -3.51 63.56
N PHE A 364 0.97 -2.52 62.89
CA PHE A 364 0.27 -1.68 61.92
C PHE A 364 0.92 -1.88 60.56
N GLU A 365 0.13 -2.27 59.57
CA GLU A 365 0.59 -2.47 58.20
C GLU A 365 0.02 -1.34 57.35
N GLN A 366 0.89 -0.48 56.85
CA GLN A 366 0.45 0.68 56.07
C GLN A 366 -0.01 0.24 54.68
N GLU A 367 -1.15 0.76 54.26
CA GLU A 367 -1.66 0.48 52.92
C GLU A 367 -0.74 1.07 51.86
N SER A 368 -0.58 0.35 50.75
CA SER A 368 0.31 0.79 49.69
C SER A 368 -0.22 2.04 48.97
N LYS A 369 -1.50 2.36 49.13
CA LYS A 369 -2.11 3.50 48.45
C LYS A 369 -2.15 4.75 49.32
N ILE A 370 -1.56 4.71 50.52
CA ILE A 370 -1.55 5.89 51.38
C ILE A 370 -0.76 7.01 50.72
N MET A 371 0.38 6.66 50.12
CA MET A 371 1.16 7.62 49.35
C MET A 371 0.30 8.35 48.32
N PHE A 372 -0.52 7.60 47.58
CA PHE A 372 -1.27 8.19 46.50
C PHE A 372 -2.41 9.08 47.02
N VAL A 373 -3.02 8.69 48.13
CA VAL A 373 -4.04 9.54 48.75
C VAL A 373 -3.44 10.86 49.20
N VAL A 374 -2.29 10.80 49.88
CA VAL A 374 -1.64 12.01 50.34
C VAL A 374 -1.22 12.87 49.15
N ASN A 375 -0.69 12.25 48.10
CA ASN A 375 -0.26 12.99 46.92
C ASN A 375 -1.43 13.67 46.24
N ALA A 376 -2.57 12.98 46.14
CA ALA A 376 -3.75 13.59 45.52
C ALA A 376 -4.25 14.78 46.34
N VAL A 377 -4.30 14.62 47.67
CA VAL A 377 -4.76 15.72 48.51
C VAL A 377 -3.83 16.92 48.39
N TYR A 378 -2.51 16.66 48.42
CA TYR A 378 -1.55 17.76 48.29
C TYR A 378 -1.59 18.40 46.92
N ALA A 379 -1.83 17.61 45.86
CA ALA A 379 -1.94 18.18 44.53
C ALA A 379 -3.16 19.09 44.42
N MET A 380 -4.29 18.67 44.98
CA MET A 380 -5.47 19.53 44.98
C MET A 380 -5.22 20.81 45.77
N ALA A 381 -4.57 20.68 46.94
CA ALA A 381 -4.27 21.85 47.75
C ALA A 381 -3.32 22.80 47.02
N HIS A 382 -2.31 22.27 46.35
CA HIS A 382 -1.37 23.11 45.62
C HIS A 382 -2.02 23.79 44.43
N ALA A 383 -2.92 23.08 43.74
CA ALA A 383 -3.66 23.72 42.65
C ALA A 383 -4.52 24.86 43.17
N LEU A 384 -5.20 24.64 44.30
CA LEU A 384 -6.01 25.71 44.90
C LEU A 384 -5.14 26.88 45.30
N HIS A 385 -3.97 26.62 45.89
CA HIS A 385 -3.07 27.69 46.30
C HIS A 385 -2.56 28.48 45.10
N ASN A 386 -2.19 27.79 44.03
CA ASN A 386 -1.72 28.48 42.84
C ASN A 386 -2.82 29.32 42.21
N MET A 387 -4.04 28.79 42.15
CA MET A 387 -5.14 29.57 41.60
C MET A 387 -5.46 30.78 42.47
N HIS A 388 -5.39 30.62 43.79
CA HIS A 388 -5.58 31.76 44.69
C HIS A 388 -4.51 32.81 44.49
N ARG A 389 -3.25 32.39 44.32
CA ARG A 389 -2.17 33.34 44.08
C ARG A 389 -2.37 34.08 42.77
N ALA A 390 -2.83 33.37 41.73
CA ALA A 390 -3.04 33.99 40.43
C ALA A 390 -4.33 34.79 40.35
N LEU A 391 -5.24 34.65 41.31
CA LEU A 391 -6.51 35.36 41.30
C LEU A 391 -6.67 36.36 42.44
N CYS A 392 -5.98 36.17 43.56
CA CYS A 392 -6.02 37.09 44.70
C CYS A 392 -4.59 37.44 45.09
N PRO A 393 -3.91 38.26 44.29
CA PRO A 393 -2.49 38.53 44.54
C PRO A 393 -2.23 39.32 45.81
N ASN A 394 -2.94 40.44 45.99
CA ASN A 394 -2.64 41.34 47.11
C ASN A 394 -2.97 40.71 48.45
N THR A 395 -4.17 40.14 48.57
CA THR A 395 -4.60 39.55 49.83
C THR A 395 -4.04 38.14 49.99
N THR A 396 -3.80 37.76 51.24
CA THR A 396 -3.32 36.43 51.58
C THR A 396 -4.44 35.48 51.97
N ARG A 397 -5.68 35.92 51.92
CA ARG A 397 -6.85 35.12 52.26
C ARG A 397 -7.75 34.97 51.04
N LEU A 398 -8.90 34.34 51.24
CA LEU A 398 -9.86 34.16 50.16
C LEU A 398 -10.42 35.51 49.74
N CYS A 399 -10.46 35.76 48.44
CA CYS A 399 -10.92 37.04 47.90
C CYS A 399 -12.22 36.84 47.12
N ASP A 400 -12.85 37.97 46.79
CA ASP A 400 -14.15 37.93 46.12
C ASP A 400 -14.08 37.30 44.73
N ALA A 401 -12.91 37.31 44.09
CA ALA A 401 -12.75 36.67 42.79
C ALA A 401 -12.82 35.15 42.88
N MET A 402 -12.77 34.58 44.08
CA MET A 402 -12.84 33.13 44.29
C MET A 402 -14.03 32.77 45.18
N ARG A 403 -15.11 33.53 45.10
CA ARG A 403 -16.30 33.13 45.87
C ARG A 403 -17.02 32.03 45.09
N PRO A 404 -17.25 32.18 43.78
CA PRO A 404 -17.55 31.00 42.96
C PRO A 404 -16.25 30.33 42.55
N VAL A 405 -16.16 29.02 42.79
CA VAL A 405 -15.02 28.22 42.36
C VAL A 405 -15.44 27.45 41.12
N ASN A 406 -14.82 27.77 39.98
CA ASN A 406 -15.14 27.14 38.70
C ASN A 406 -14.19 25.99 38.44
N GLY A 407 -14.74 24.83 38.09
CA GLY A 407 -13.92 23.66 37.85
C GLY A 407 -13.06 23.76 36.61
N ARG A 408 -13.54 24.47 35.59
CA ARG A 408 -12.84 24.50 34.31
C ARG A 408 -11.45 25.11 34.46
N ARG A 409 -11.37 26.31 35.04
CA ARG A 409 -10.08 26.98 35.16
C ARG A 409 -9.16 26.22 36.10
N LEU A 410 -9.68 25.79 37.25
CA LEU A 410 -8.86 25.07 38.22
C LEU A 410 -8.29 23.79 37.63
N TYR A 411 -9.11 23.04 36.88
CA TYR A 411 -8.63 21.80 36.29
C TYR A 411 -7.65 22.08 35.15
N LYS A 412 -8.11 22.77 34.11
CA LYS A 412 -7.30 22.90 32.89
C LYS A 412 -6.02 23.70 33.15
N ASP A 413 -6.10 24.80 33.90
CA ASP A 413 -4.96 25.69 34.06
C ASP A 413 -4.11 25.41 35.28
N PHE A 414 -4.68 24.81 36.32
CA PHE A 414 -3.96 24.68 37.59
C PHE A 414 -3.75 23.24 38.02
N VAL A 415 -4.78 22.40 37.97
CA VAL A 415 -4.65 21.02 38.46
C VAL A 415 -3.66 20.25 37.61
N LEU A 416 -3.76 20.38 36.28
CA LEU A 416 -2.85 19.65 35.40
C LEU A 416 -1.44 20.20 35.50
N ASN A 417 -1.29 21.52 35.68
CA ASN A 417 0.02 22.15 35.72
C ASN A 417 0.50 22.27 37.17
N VAL A 418 0.79 21.11 37.76
CA VAL A 418 1.37 21.01 39.09
C VAL A 418 2.71 20.30 38.98
N LYS A 419 3.72 20.84 39.67
CA LYS A 419 5.04 20.22 39.71
C LYS A 419 5.65 20.57 41.07
N PHE A 420 5.49 19.68 42.03
CA PHE A 420 5.93 19.92 43.39
C PHE A 420 6.51 18.65 43.98
N ASP A 421 7.40 18.82 44.95
CA ASP A 421 8.02 17.69 45.64
C ASP A 421 6.99 16.95 46.49
N ALA A 422 7.05 15.63 46.45
CA ALA A 422 6.10 14.82 47.20
C ALA A 422 6.30 15.01 48.70
N PRO A 423 5.21 15.12 49.46
CA PRO A 423 5.36 15.30 50.91
C PRO A 423 5.86 14.03 51.59
N PHE A 424 6.56 14.23 52.71
CA PHE A 424 7.07 13.13 53.54
C PHE A 424 7.92 12.16 52.71
N ARG A 425 8.73 12.72 51.84
CA ARG A 425 9.55 11.93 50.94
C ARG A 425 10.71 11.30 51.73
N PRO A 426 11.23 10.15 51.28
CA PRO A 426 12.39 9.57 51.98
C PRO A 426 13.64 10.43 51.87
N ALA A 427 14.72 9.99 52.52
CA ALA A 427 15.86 10.88 52.77
C ALA A 427 16.51 11.38 51.48
N ASP A 428 16.75 10.48 50.52
CA ASP A 428 17.46 10.86 49.31
C ASP A 428 16.74 10.45 48.03
N THR A 429 15.46 10.11 48.12
CA THR A 429 14.67 9.73 46.95
C THR A 429 14.12 10.99 46.29
N HIS A 430 13.86 10.90 44.99
CA HIS A 430 13.43 12.08 44.23
C HIS A 430 12.05 11.93 43.59
N ASN A 431 11.07 11.45 44.35
CA ASN A 431 9.70 11.37 43.82
C ASN A 431 9.17 12.76 43.48
N GLU A 432 8.48 12.86 42.35
CA GLU A 432 7.86 14.10 41.90
C GLU A 432 6.41 13.83 41.56
N VAL A 433 5.53 14.78 41.91
CA VAL A 433 4.11 14.66 41.66
C VAL A 433 3.74 15.55 40.48
N ARG A 434 3.25 14.95 39.41
CA ARG A 434 2.82 15.69 38.23
C ARG A 434 1.83 14.84 37.45
N PHE A 435 1.09 15.50 36.56
CA PHE A 435 0.10 14.85 35.73
C PHE A 435 0.47 14.97 34.26
N ASP A 436 0.08 13.96 33.48
CA ASP A 436 0.29 13.98 32.05
C ASP A 436 -0.80 14.83 31.38
N ARG A 437 -0.88 14.79 30.06
CA ARG A 437 -1.93 15.53 29.36
C ARG A 437 -3.26 14.79 29.37
N PHE A 438 -3.29 13.55 29.85
CA PHE A 438 -4.54 12.82 30.08
C PHE A 438 -4.95 12.84 31.56
N GLY A 439 -4.27 13.63 32.38
CA GLY A 439 -4.54 13.66 33.80
C GLY A 439 -4.21 12.37 34.52
N ASP A 440 -3.12 11.71 34.11
CA ASP A 440 -2.70 10.45 34.72
C ASP A 440 -1.39 10.65 35.48
N GLY A 441 -1.07 9.68 36.32
CA GLY A 441 0.15 9.73 37.10
C GLY A 441 1.35 9.25 36.31
N ILE A 442 2.50 9.30 36.99
CA ILE A 442 3.77 8.89 36.40
C ILE A 442 3.99 7.41 36.69
N GLY A 443 4.22 6.63 35.64
CA GLY A 443 4.43 5.21 35.79
C GLY A 443 5.74 4.86 36.45
N ARG A 444 5.68 4.37 37.69
CA ARG A 444 6.87 3.97 38.43
C ARG A 444 6.57 2.64 39.10
N TYR A 445 7.21 1.58 38.61
CA TYR A 445 6.97 0.22 39.10
C TYR A 445 8.27 -0.38 39.61
N ASN A 446 8.12 -1.37 40.50
CA ASN A 446 9.24 -2.10 41.07
C ASN A 446 9.23 -3.52 40.55
N ILE A 447 10.37 -4.00 40.08
CA ILE A 447 10.50 -5.33 39.52
C ILE A 447 10.92 -6.28 40.64
N PHE A 448 10.15 -7.36 40.83
CA PHE A 448 10.41 -8.32 41.89
C PHE A 448 10.70 -9.69 41.28
N THR A 449 11.51 -10.46 41.98
CA THR A 449 11.85 -11.82 41.58
C THR A 449 11.67 -12.75 42.78
N TYR A 450 11.13 -13.94 42.52
CA TYR A 450 10.93 -14.94 43.56
C TYR A 450 12.20 -15.78 43.65
N LEU A 451 13.12 -15.35 44.53
CA LEU A 451 14.39 -16.02 44.71
C LEU A 451 14.23 -17.26 45.58
N ARG A 452 15.26 -18.10 45.58
CA ARG A 452 15.35 -19.30 46.41
C ARG A 452 16.62 -19.18 47.25
N ALA A 453 16.47 -18.76 48.50
CA ALA A 453 17.62 -18.55 49.35
C ALA A 453 18.27 -19.88 49.73
N GLY A 454 19.57 -19.80 50.08
CA GLY A 454 20.29 -20.99 50.47
C GLY A 454 19.76 -21.62 51.75
N SER A 455 19.26 -20.79 52.67
CA SER A 455 18.71 -21.31 53.92
C SER A 455 17.42 -22.08 53.73
N GLY A 456 16.81 -22.03 52.55
CA GLY A 456 15.58 -22.72 52.26
C GLY A 456 14.33 -21.85 52.26
N ARG A 457 14.42 -20.62 52.75
CA ARG A 457 13.28 -19.73 52.76
C ARG A 457 13.11 -19.05 51.40
N TYR A 458 11.85 -18.76 51.07
CA TYR A 458 11.51 -18.10 49.81
C TYR A 458 11.06 -16.68 50.11
N ARG A 459 11.64 -15.71 49.39
CA ARG A 459 11.36 -14.31 49.64
C ARG A 459 11.40 -13.54 48.33
N TYR A 460 10.73 -12.39 48.31
CA TYR A 460 10.74 -11.50 47.18
C TYR A 460 11.87 -10.48 47.33
N GLN A 461 12.65 -10.30 46.27
CA GLN A 461 13.75 -9.34 46.26
C GLN A 461 13.63 -8.45 45.04
N LYS A 462 13.69 -7.14 45.24
CA LYS A 462 13.60 -6.20 44.13
C LYS A 462 14.88 -6.24 43.31
N VAL A 463 14.73 -6.32 41.99
CA VAL A 463 15.86 -6.43 41.07
C VAL A 463 15.90 -5.28 40.07
N GLY A 464 15.09 -4.25 40.26
CA GLY A 464 15.09 -3.12 39.37
C GLY A 464 13.82 -2.31 39.51
N TYR A 465 13.66 -1.36 38.59
CA TYR A 465 12.51 -0.48 38.57
C TYR A 465 12.24 -0.04 37.15
N TRP A 466 11.04 0.50 36.93
CA TRP A 466 10.63 0.98 35.60
C TRP A 466 9.95 2.33 35.79
N ALA A 467 10.72 3.40 35.62
CA ALA A 467 10.18 4.76 35.61
C ALA A 467 9.89 5.23 34.19
N GLU A 468 10.93 5.24 33.35
CA GLU A 468 10.77 5.53 31.93
C GLU A 468 11.45 4.45 31.12
N GLY A 469 12.47 3.83 31.70
CA GLY A 469 13.16 2.73 31.06
C GLY A 469 13.53 1.69 32.09
N LEU A 470 13.65 0.45 31.62
CA LEU A 470 13.96 -0.66 32.52
C LEU A 470 15.38 -0.52 33.06
N THR A 471 15.55 -0.83 34.34
CA THR A 471 16.82 -0.69 35.04
C THR A 471 17.13 -1.96 35.84
N LEU A 472 17.01 -3.11 35.18
CA LEU A 472 17.33 -4.38 35.82
C LEU A 472 18.83 -4.49 36.09
N ASP A 473 19.17 -4.97 37.28
CA ASP A 473 20.58 -5.13 37.65
C ASP A 473 21.16 -6.46 37.18
N THR A 474 20.32 -7.49 37.02
CA THR A 474 20.75 -8.82 36.61
C THR A 474 21.88 -9.35 37.48
N SER A 475 21.76 -9.13 38.78
CA SER A 475 22.77 -9.59 39.73
C SER A 475 22.12 -10.37 40.87
N LEU A 476 20.85 -10.06 41.16
CA LEU A 476 20.11 -10.74 42.21
C LEU A 476 19.21 -11.85 41.68
N ILE A 477 18.95 -11.88 40.38
CA ILE A 477 18.08 -12.93 39.82
C ILE A 477 18.85 -14.25 39.82
N PRO A 478 18.28 -15.32 40.40
CA PRO A 478 19.02 -16.59 40.47
C PRO A 478 19.39 -17.17 39.11
N TRP A 479 18.53 -17.01 38.10
CA TRP A 479 18.79 -17.57 36.79
C TRP A 479 19.49 -16.61 35.85
N ALA A 480 19.83 -15.40 36.30
CA ALA A 480 20.58 -14.45 35.49
C ALA A 480 22.08 -14.64 35.61
N SER A 481 22.54 -15.49 36.53
CA SER A 481 23.97 -15.76 36.64
C SER A 481 24.46 -16.54 35.43
N PRO A 482 25.75 -16.42 35.09
CA PRO A 482 26.28 -17.17 33.94
C PRO A 482 26.16 -18.67 34.17
N SER A 483 25.36 -19.32 33.33
CA SER A 483 25.11 -20.75 33.44
C SER A 483 24.77 -21.27 32.05
N ALA A 484 24.27 -22.51 31.99
CA ALA A 484 23.93 -23.16 30.73
C ALA A 484 22.51 -22.77 30.30
N GLY A 485 22.37 -21.51 29.93
CA GLY A 485 21.11 -21.00 29.43
C GLY A 485 20.26 -20.36 30.52
N PRO A 486 20.03 -19.06 30.41
CA PRO A 486 19.17 -18.35 31.38
C PRO A 486 17.70 -18.39 30.98
N LEU A 487 17.18 -19.59 30.79
CA LEU A 487 15.81 -19.81 30.31
C LEU A 487 15.54 -19.05 29.02
N PRO A 488 16.25 -19.37 27.94
CA PRO A 488 16.11 -18.60 26.69
C PRO A 488 14.91 -19.04 25.89
N ALA A 489 13.89 -18.18 25.85
CA ALA A 489 12.74 -18.36 24.97
C ALA A 489 12.94 -17.53 23.71
N SER A 490 13.88 -17.98 22.87
CA SER A 490 14.32 -17.22 21.71
C SER A 490 13.19 -16.99 20.72
N ARG A 491 12.67 -18.05 20.14
CA ARG A 491 11.61 -17.97 19.13
C ARG A 491 11.10 -19.37 18.85
N CYS A 492 10.19 -19.47 17.87
CA CYS A 492 9.70 -20.76 17.44
C CYS A 492 10.82 -21.60 16.83
N SER A 493 11.72 -20.96 16.09
CA SER A 493 12.88 -21.63 15.53
C SER A 493 14.02 -20.62 15.42
N GLU A 494 15.24 -21.14 15.30
CA GLU A 494 16.42 -20.29 15.22
C GLU A 494 16.43 -19.52 13.91
N PRO A 495 16.46 -18.19 13.93
CA PRO A 495 16.52 -17.42 12.68
C PRO A 495 17.80 -17.71 11.91
N CYS A 496 17.69 -17.71 10.59
CA CYS A 496 18.82 -17.95 9.69
C CYS A 496 18.90 -16.81 8.70
N LEU A 497 19.90 -15.92 8.88
CA LEU A 497 20.06 -14.79 7.99
C LEU A 497 21.52 -14.52 7.62
N GLN A 498 22.45 -15.38 8.04
CA GLN A 498 23.85 -15.16 7.73
C GLN A 498 24.19 -15.63 6.32
N ASN A 499 23.98 -16.91 6.05
CA ASN A 499 24.27 -17.47 4.73
C ASN A 499 23.15 -18.34 4.16
N GLU A 500 22.25 -18.86 4.99
CA GLU A 500 21.16 -19.70 4.52
C GLU A 500 19.97 -18.83 4.14
N VAL A 501 18.83 -19.46 3.86
CA VAL A 501 17.60 -18.77 3.50
C VAL A 501 16.50 -19.22 4.42
N LYS A 502 15.64 -18.29 4.83
CA LYS A 502 14.53 -18.55 5.74
C LYS A 502 13.24 -18.14 5.06
N SER A 503 12.56 -19.11 4.44
CA SER A 503 11.31 -18.84 3.73
C SER A 503 10.26 -19.91 3.96
N VAL A 504 10.50 -20.87 4.85
CA VAL A 504 9.57 -21.96 5.11
C VAL A 504 8.72 -21.60 6.32
N GLN A 505 7.41 -21.53 6.13
CA GLN A 505 6.48 -21.20 7.20
C GLN A 505 5.67 -22.44 7.56
N PRO A 506 5.88 -23.04 8.74
CA PRO A 506 5.11 -24.23 9.12
C PRO A 506 3.69 -23.95 9.57
N GLY A 507 3.27 -22.67 9.61
CA GLY A 507 1.95 -22.32 10.08
C GLY A 507 1.96 -21.06 10.92
N GLU A 508 3.10 -20.77 11.54
CA GLU A 508 3.30 -19.56 12.32
C GLU A 508 3.96 -18.49 11.47
N VAL A 509 3.49 -17.25 11.61
CA VAL A 509 3.97 -16.17 10.76
C VAL A 509 5.45 -15.87 11.02
N CYS A 510 5.84 -15.83 12.30
CA CYS A 510 7.19 -15.45 12.66
C CYS A 510 8.09 -16.64 13.01
N CYS A 511 7.64 -17.86 12.71
CA CYS A 511 8.51 -19.03 12.81
C CYS A 511 9.31 -19.16 11.51
N TRP A 512 10.62 -19.17 11.64
CA TRP A 512 11.53 -19.17 10.50
C TRP A 512 12.25 -20.51 10.44
N LEU A 513 11.94 -21.31 9.42
CA LEU A 513 12.61 -22.56 9.17
C LEU A 513 13.59 -22.35 8.02
N CYS A 514 14.87 -22.62 8.28
CA CYS A 514 15.93 -22.36 7.31
C CYS A 514 16.50 -23.67 6.81
N ILE A 515 16.52 -23.83 5.49
CA ILE A 515 17.11 -24.99 4.83
C ILE A 515 18.13 -24.47 3.83
N PRO A 516 19.40 -24.89 3.91
CA PRO A 516 20.39 -24.38 2.96
C PRO A 516 20.06 -24.79 1.54
N CYS A 517 20.12 -23.82 0.63
CA CYS A 517 19.83 -24.08 -0.76
C CYS A 517 21.00 -24.82 -1.43
N GLN A 518 20.74 -25.34 -2.62
CA GLN A 518 21.74 -26.08 -3.36
C GLN A 518 22.86 -25.14 -3.81
N PRO A 519 24.06 -25.68 -4.07
CA PRO A 519 25.16 -24.82 -4.55
C PRO A 519 24.80 -24.08 -5.83
N TYR A 520 24.04 -24.71 -6.72
CA TYR A 520 23.56 -24.02 -7.92
C TYR A 520 22.38 -23.10 -7.64
N GLU A 521 21.73 -23.25 -6.48
CA GLU A 521 20.62 -22.39 -6.10
C GLU A 521 21.17 -21.20 -5.31
N TYR A 522 21.79 -20.27 -6.05
CA TYR A 522 22.37 -19.09 -5.43
C TYR A 522 21.27 -18.20 -4.83
N ARG A 523 21.55 -17.64 -3.67
CA ARG A 523 20.58 -16.80 -2.97
C ARG A 523 20.47 -15.45 -3.68
N LEU A 524 19.25 -15.11 -4.11
CA LEU A 524 18.99 -13.83 -4.75
C LEU A 524 18.12 -12.90 -3.92
N ASP A 525 17.18 -13.43 -3.16
CA ASP A 525 16.31 -12.63 -2.31
C ASP A 525 16.11 -13.37 -0.99
N GLU A 526 15.29 -12.77 -0.12
CA GLU A 526 15.07 -13.34 1.21
C GLU A 526 14.16 -14.57 1.17
N PHE A 527 13.27 -14.66 0.17
CA PHE A 527 12.27 -15.72 0.13
C PHE A 527 12.42 -16.62 -1.09
N THR A 528 13.56 -16.59 -1.76
CA THR A 528 13.75 -17.45 -2.93
C THR A 528 15.24 -17.66 -3.17
N CYS A 529 15.55 -18.75 -3.86
CA CYS A 529 16.91 -19.06 -4.31
C CYS A 529 16.90 -19.15 -5.82
N ALA A 530 17.68 -18.29 -6.47
CA ALA A 530 17.71 -18.25 -7.92
C ALA A 530 18.36 -19.50 -8.49
N ASP A 531 17.88 -19.92 -9.66
CA ASP A 531 18.42 -21.07 -10.37
C ASP A 531 19.45 -20.66 -11.43
N CYS A 532 20.18 -19.58 -11.18
CA CYS A 532 21.16 -19.10 -12.15
C CYS A 532 22.27 -20.12 -12.38
N GLY A 533 22.77 -20.73 -11.31
CA GLY A 533 23.79 -21.75 -11.44
C GLY A 533 24.77 -21.70 -10.29
N LEU A 534 25.70 -22.64 -10.31
CA LEU A 534 26.74 -22.73 -9.29
C LEU A 534 28.03 -22.03 -9.68
N GLY A 535 28.39 -22.04 -10.97
CA GLY A 535 29.60 -21.36 -11.40
C GLY A 535 29.52 -19.86 -11.28
N TYR A 536 28.31 -19.31 -11.34
CA TYR A 536 28.10 -17.87 -11.18
C TYR A 536 27.81 -17.51 -9.73
N TRP A 537 28.70 -17.94 -8.83
CA TRP A 537 28.52 -17.66 -7.41
C TRP A 537 28.82 -16.20 -7.13
N PRO A 538 27.91 -15.47 -6.50
CA PRO A 538 28.18 -14.06 -6.19
C PRO A 538 29.36 -13.92 -5.25
N ASN A 539 30.15 -12.87 -5.46
CA ASN A 539 31.32 -12.58 -4.63
C ASN A 539 30.89 -11.69 -3.48
N ALA A 540 30.24 -12.31 -2.49
CA ALA A 540 29.71 -11.62 -1.31
C ALA A 540 28.76 -10.48 -1.72
N SER A 541 27.96 -10.72 -2.74
CA SER A 541 27.00 -9.74 -3.23
C SER A 541 25.57 -10.21 -3.10
N LEU A 542 25.28 -11.47 -3.48
CA LEU A 542 23.94 -12.04 -3.38
C LEU A 542 22.90 -11.19 -4.12
N THR A 543 23.28 -10.69 -5.30
CA THR A 543 22.40 -9.81 -6.07
C THR A 543 22.69 -10.03 -7.56
N GLY A 544 21.81 -10.81 -8.21
CA GLY A 544 21.85 -10.96 -9.64
C GLY A 544 22.80 -12.00 -10.18
N CYS A 545 23.45 -12.79 -9.31
CA CYS A 545 24.36 -13.85 -9.73
C CYS A 545 25.48 -13.32 -10.62
N PHE A 546 26.34 -12.50 -10.00
CA PHE A 546 27.51 -11.96 -10.69
C PHE A 546 28.31 -13.09 -11.34
N GLU A 547 28.37 -13.09 -12.66
CA GLU A 547 28.94 -14.22 -13.39
C GLU A 547 30.45 -14.30 -13.19
N LEU A 548 30.96 -15.53 -13.10
CA LEU A 548 32.39 -15.77 -13.00
C LEU A 548 32.89 -16.30 -14.33
N PRO A 549 33.74 -15.58 -15.04
CA PRO A 549 34.19 -16.04 -16.37
C PRO A 549 35.31 -17.08 -16.28
N GLN A 550 35.52 -17.66 -15.10
CA GLN A 550 36.56 -18.66 -14.90
C GLN A 550 36.10 -19.98 -15.51
N GLU A 551 36.32 -20.09 -16.83
CA GLU A 551 35.95 -21.29 -17.58
C GLU A 551 37.13 -21.72 -18.44
N TYR A 552 37.25 -23.04 -18.61
CA TYR A 552 38.35 -23.62 -19.39
C TYR A 552 37.88 -23.84 -20.83
N ILE A 553 37.93 -22.75 -21.61
CA ILE A 553 37.55 -22.84 -23.02
C ILE A 553 38.52 -23.73 -23.78
N ARG A 554 39.82 -23.56 -23.54
CA ARG A 554 40.84 -24.36 -24.21
C ARG A 554 42.11 -24.33 -23.37
N TRP A 555 43.00 -25.27 -23.65
CA TRP A 555 44.28 -25.35 -22.95
C TRP A 555 45.26 -24.39 -23.62
N GLY A 556 45.58 -23.29 -22.94
CA GLY A 556 46.50 -22.32 -23.52
C GLY A 556 47.90 -22.88 -23.70
N ASP A 557 48.42 -23.55 -22.68
CA ASP A 557 49.75 -24.14 -22.77
C ASP A 557 49.85 -25.56 -22.21
N ALA A 558 48.84 -26.03 -21.45
CA ALA A 558 48.93 -27.37 -20.88
C ALA A 558 48.93 -28.45 -21.96
N TRP A 559 48.08 -28.30 -22.97
CA TRP A 559 47.98 -29.28 -24.05
C TRP A 559 48.24 -28.69 -25.42
N ALA A 560 48.38 -27.37 -25.55
CA ALA A 560 48.66 -26.75 -26.84
C ALA A 560 50.08 -26.99 -27.31
N VAL A 561 50.95 -27.55 -26.47
CA VAL A 561 52.32 -27.81 -26.89
C VAL A 561 52.36 -28.82 -28.03
N GLY A 562 51.55 -29.86 -27.94
CA GLY A 562 51.43 -30.83 -29.00
C GLY A 562 50.88 -30.19 -30.26
N PRO A 563 49.82 -29.38 -30.11
CA PRO A 563 49.34 -28.59 -31.25
C PRO A 563 50.39 -27.64 -31.79
N VAL A 564 51.21 -27.06 -30.91
CA VAL A 564 52.30 -26.20 -31.35
C VAL A 564 53.31 -27.01 -32.16
N THR A 565 53.61 -28.24 -31.72
CA THR A 565 54.51 -29.10 -32.47
C THR A 565 53.93 -29.44 -33.84
N ILE A 566 52.62 -29.70 -33.90
CA ILE A 566 51.98 -30.01 -35.17
C ILE A 566 52.05 -28.80 -36.11
N ALA A 567 51.80 -27.60 -35.57
CA ALA A 567 51.89 -26.40 -36.38
C ALA A 567 53.32 -26.17 -36.88
N CYS A 568 54.31 -26.42 -36.02
CA CYS A 568 55.70 -26.29 -36.44
C CYS A 568 56.05 -27.28 -37.53
N LEU A 569 55.57 -28.53 -37.40
CA LEU A 569 55.80 -29.53 -38.44
C LEU A 569 55.15 -29.11 -39.76
N GLY A 570 53.93 -28.57 -39.69
CA GLY A 570 53.29 -28.08 -40.89
C GLY A 570 54.04 -26.93 -41.55
N ALA A 571 54.56 -26.01 -40.73
CA ALA A 571 55.36 -24.91 -41.26
C ALA A 571 56.65 -25.43 -41.89
N LEU A 572 57.29 -26.42 -41.27
CA LEU A 572 58.48 -27.02 -41.85
C LEU A 572 58.18 -27.69 -43.18
N ALA A 573 57.05 -28.39 -43.26
CA ALA A 573 56.65 -29.00 -44.53
C ALA A 573 56.38 -27.94 -45.59
N THR A 574 55.74 -26.84 -45.20
CA THR A 574 55.50 -25.75 -46.14
C THR A 574 56.81 -25.15 -46.65
N LEU A 575 57.78 -24.96 -45.75
CA LEU A 575 59.09 -24.45 -46.16
C LEU A 575 59.80 -25.44 -47.08
N PHE A 576 59.69 -26.74 -46.79
CA PHE A 576 60.29 -27.74 -47.66
C PHE A 576 59.67 -27.70 -49.05
N VAL A 577 58.34 -27.57 -49.13
CA VAL A 577 57.68 -27.46 -50.43
C VAL A 577 58.10 -26.18 -51.14
N LEU A 578 58.25 -25.09 -50.38
CA LEU A 578 58.68 -23.82 -50.97
C LEU A 578 60.05 -23.95 -51.59
N GLY A 579 60.98 -24.60 -50.89
CA GLY A 579 62.27 -24.91 -51.50
C GLY A 579 62.15 -25.90 -52.64
N VAL A 580 61.11 -26.74 -52.62
CA VAL A 580 60.98 -27.80 -53.61
C VAL A 580 60.59 -27.24 -54.98
N PHE A 581 59.56 -26.38 -55.03
CA PHE A 581 59.06 -26.04 -56.36
C PHE A 581 59.93 -25.00 -57.06
N VAL A 582 60.93 -24.44 -56.38
CA VAL A 582 61.81 -23.48 -57.03
C VAL A 582 62.56 -24.12 -58.19
N ARG A 583 63.06 -25.34 -57.99
CA ARG A 583 63.75 -26.10 -59.03
C ARG A 583 62.88 -27.16 -59.68
N HIS A 584 61.58 -27.16 -59.40
CA HIS A 584 60.69 -28.17 -59.99
C HIS A 584 60.61 -28.02 -61.51
N ASN A 585 60.57 -26.78 -62.01
CA ASN A 585 60.50 -26.58 -63.45
C ASN A 585 61.73 -27.12 -64.16
N ALA A 586 62.91 -26.95 -63.56
CA ALA A 586 64.13 -27.44 -64.16
C ALA A 586 64.15 -28.96 -64.23
N THR A 587 63.64 -29.63 -63.20
CA THR A 587 63.66 -31.08 -63.15
C THR A 587 62.71 -31.66 -64.18
N PRO A 588 63.18 -32.50 -65.11
CA PRO A 588 62.27 -33.10 -66.10
C PRO A 588 61.17 -33.96 -65.49
N VAL A 589 61.45 -34.64 -64.37
CA VAL A 589 60.45 -35.50 -63.76
C VAL A 589 59.28 -34.66 -63.25
N VAL A 590 59.57 -33.56 -62.57
CA VAL A 590 58.51 -32.67 -62.12
C VAL A 590 57.86 -31.96 -63.30
N LYS A 591 58.66 -31.61 -64.31
CA LYS A 591 58.11 -30.96 -65.50
C LYS A 591 57.14 -31.87 -66.24
N ALA A 592 57.46 -33.16 -66.32
CA ALA A 592 56.57 -34.11 -66.99
C ALA A 592 55.24 -34.20 -66.26
N SER A 593 55.26 -34.23 -64.94
CA SER A 593 54.03 -34.22 -64.15
C SER A 593 53.45 -32.81 -64.09
N GLY A 594 52.25 -32.71 -63.54
CA GLY A 594 51.58 -31.43 -63.44
C GLY A 594 52.19 -30.53 -62.37
N ARG A 595 52.87 -29.46 -62.81
CA ARG A 595 53.43 -28.50 -61.86
C ARG A 595 52.34 -27.81 -61.06
N GLU A 596 51.23 -27.45 -61.73
CA GLU A 596 50.11 -26.86 -61.02
C GLU A 596 49.51 -27.86 -60.04
N LEU A 597 49.50 -29.14 -60.39
CA LEU A 597 49.00 -30.16 -59.47
C LEU A 597 49.88 -30.25 -58.23
N CYS A 598 51.19 -30.19 -58.40
CA CYS A 598 52.09 -30.18 -57.24
C CYS A 598 51.88 -28.93 -56.40
N TYR A 599 51.67 -27.78 -57.06
CA TYR A 599 51.44 -26.54 -56.32
C TYR A 599 50.16 -26.62 -55.50
N ILE A 600 49.09 -27.16 -56.08
CA ILE A 600 47.83 -27.25 -55.33
C ILE A 600 47.92 -28.33 -54.26
N LEU A 601 48.75 -29.37 -54.46
CA LEU A 601 48.98 -30.33 -53.39
C LEU A 601 49.70 -29.68 -52.22
N LEU A 602 50.71 -28.86 -52.49
CA LEU A 602 51.39 -28.13 -51.42
C LEU A 602 50.42 -27.17 -50.74
N GLY A 603 49.56 -26.50 -51.52
CA GLY A 603 48.56 -25.64 -50.92
C GLY A 603 47.58 -26.40 -50.04
N GLY A 604 47.22 -27.62 -50.45
CA GLY A 604 46.37 -28.44 -49.61
C GLY A 604 47.04 -28.88 -48.33
N VAL A 605 48.34 -29.18 -48.39
CA VAL A 605 49.09 -29.50 -47.18
C VAL A 605 49.11 -28.29 -46.25
N PHE A 606 49.34 -27.10 -46.80
CA PHE A 606 49.32 -25.88 -45.99
C PHE A 606 47.93 -25.65 -45.41
N LEU A 607 46.89 -25.95 -46.17
CA LEU A 607 45.52 -25.82 -45.67
C LEU A 607 45.26 -26.79 -44.53
N CYS A 608 45.78 -28.02 -44.63
CA CYS A 608 45.66 -28.96 -43.52
C CYS A 608 46.36 -28.45 -42.28
N TYR A 609 47.56 -27.88 -42.45
CA TYR A 609 48.26 -27.31 -41.30
C TYR A 609 47.49 -26.16 -40.69
N CYS A 610 46.92 -25.29 -41.53
CA CYS A 610 46.13 -24.17 -41.03
C CYS A 610 44.87 -24.65 -40.33
N MET A 611 44.24 -25.71 -40.83
CA MET A 611 43.07 -26.27 -40.18
C MET A 611 43.43 -26.83 -38.82
N THR A 612 44.58 -27.51 -38.72
CA THR A 612 45.04 -27.99 -37.42
C THR A 612 45.28 -26.84 -36.46
N PHE A 613 45.90 -25.77 -36.94
CA PHE A 613 46.16 -24.60 -36.10
C PHE A 613 44.87 -23.97 -35.62
N ILE A 614 43.88 -23.82 -36.51
CA ILE A 614 42.62 -23.19 -36.13
C ILE A 614 41.82 -24.10 -35.20
N PHE A 615 41.97 -25.42 -35.35
CA PHE A 615 41.37 -26.33 -34.37
C PHE A 615 42.03 -26.16 -33.00
N ILE A 616 43.34 -25.94 -32.98
CA ILE A 616 44.03 -25.67 -31.73
C ILE A 616 43.59 -24.35 -31.10
N ALA A 617 43.06 -23.43 -31.90
CA ALA A 617 42.67 -22.12 -31.40
C ALA A 617 41.41 -22.24 -30.54
N LYS A 618 41.14 -21.17 -29.79
CA LYS A 618 39.97 -21.14 -28.92
C LYS A 618 38.69 -21.15 -29.76
N PRO A 619 37.69 -21.95 -29.37
CA PRO A 619 36.46 -22.03 -30.16
C PRO A 619 35.70 -20.72 -30.19
N SER A 620 35.05 -20.45 -31.31
CA SER A 620 34.20 -19.28 -31.50
C SER A 620 33.37 -19.51 -32.75
N THR A 621 32.38 -18.65 -32.97
CA THR A 621 31.55 -18.76 -34.17
C THR A 621 32.40 -18.61 -35.43
N ALA A 622 33.19 -17.54 -35.49
CA ALA A 622 34.12 -17.36 -36.61
C ALA A 622 35.15 -18.48 -36.63
N VAL A 623 35.63 -18.90 -35.45
CA VAL A 623 36.59 -19.99 -35.39
C VAL A 623 35.97 -21.29 -35.87
N CYS A 624 34.73 -21.56 -35.46
CA CYS A 624 34.06 -22.79 -35.92
C CYS A 624 33.85 -22.78 -37.43
N THR A 625 33.43 -21.63 -37.97
CA THR A 625 33.26 -21.54 -39.42
C THR A 625 34.58 -21.73 -40.15
N LEU A 626 35.65 -21.12 -39.63
CA LEU A 626 36.96 -21.27 -40.25
C LEU A 626 37.43 -22.71 -40.20
N ARG A 627 37.21 -23.40 -39.08
CA ARG A 627 37.62 -24.80 -38.97
C ARG A 627 36.84 -25.68 -39.93
N ARG A 628 35.52 -25.47 -40.03
CA ARG A 628 34.72 -26.25 -40.96
C ARG A 628 35.13 -26.00 -42.40
N LEU A 629 35.38 -24.73 -42.75
CA LEU A 629 35.84 -24.42 -44.10
C LEU A 629 37.20 -25.05 -44.38
N GLY A 630 38.10 -25.03 -43.39
CA GLY A 630 39.41 -25.62 -43.57
C GLY A 630 39.37 -27.11 -43.79
N LEU A 631 38.57 -27.82 -42.98
CA LEU A 631 38.45 -29.26 -43.15
C LEU A 631 37.78 -29.59 -44.49
N GLY A 632 36.75 -28.84 -44.86
CA GLY A 632 36.12 -29.05 -46.15
C GLY A 632 37.07 -28.84 -47.31
N THR A 633 37.86 -27.77 -47.25
CA THR A 633 38.83 -27.50 -48.31
C THR A 633 39.92 -28.56 -48.35
N ALA A 634 40.36 -29.05 -47.19
CA ALA A 634 41.36 -30.11 -47.16
C ALA A 634 40.83 -31.39 -47.81
N PHE A 635 39.60 -31.77 -47.46
CA PHE A 635 38.99 -32.93 -48.10
C PHE A 635 38.83 -32.70 -49.60
N SER A 636 38.44 -31.49 -49.99
CA SER A 636 38.24 -31.18 -51.40
C SER A 636 39.54 -31.29 -52.18
N VAL A 637 40.63 -30.74 -51.65
CA VAL A 637 41.90 -30.79 -52.36
C VAL A 637 42.46 -32.20 -52.39
N CYS A 638 42.25 -32.98 -51.32
CA CYS A 638 42.67 -34.38 -51.35
C CYS A 638 41.91 -35.16 -52.42
N TYR A 639 40.59 -34.96 -52.50
CA TYR A 639 39.80 -35.63 -53.53
C TYR A 639 40.21 -35.19 -54.92
N SER A 640 40.48 -33.90 -55.10
CA SER A 640 40.90 -33.39 -56.41
C SER A 640 42.25 -33.97 -56.81
N ALA A 641 43.19 -34.07 -55.86
CA ALA A 641 44.49 -34.68 -56.17
C ALA A 641 44.32 -36.14 -56.55
N LEU A 642 43.48 -36.88 -55.81
CA LEU A 642 43.23 -38.27 -56.17
C LEU A 642 42.62 -38.39 -57.56
N LEU A 643 41.64 -37.53 -57.86
CA LEU A 643 40.97 -37.58 -59.16
C LEU A 643 41.93 -37.25 -60.30
N THR A 644 42.79 -36.24 -60.11
CA THR A 644 43.73 -35.89 -61.17
C THR A 644 44.82 -36.95 -61.32
N LYS A 645 45.20 -37.62 -60.22
CA LYS A 645 46.13 -38.74 -60.34
C LYS A 645 45.50 -39.88 -61.13
N THR A 646 44.24 -40.19 -60.86
CA THR A 646 43.55 -41.23 -61.62
C THR A 646 43.43 -40.84 -63.09
N ASN A 647 43.13 -39.57 -63.37
CA ASN A 647 43.03 -39.11 -64.75
C ASN A 647 44.36 -39.23 -65.48
N ARG A 648 45.45 -38.84 -64.81
CA ARG A 648 46.77 -38.96 -65.42
C ARG A 648 47.14 -40.42 -65.66
N ILE A 649 46.80 -41.29 -64.72
CA ILE A 649 47.08 -42.72 -64.90
C ILE A 649 46.29 -43.27 -66.08
N ALA A 650 45.02 -42.89 -66.20
CA ALA A 650 44.20 -43.37 -67.31
C ALA A 650 44.71 -42.85 -68.64
N ARG A 651 45.12 -41.58 -68.69
CA ARG A 651 45.63 -41.00 -69.92
C ARG A 651 47.13 -40.75 -69.84
N SER A 667 45.19 -31.54 -71.72
CA SER A 667 44.93 -32.45 -70.60
C SER A 667 45.11 -31.79 -69.22
N PRO A 668 46.23 -31.07 -69.00
CA PRO A 668 46.35 -30.35 -67.71
C PRO A 668 45.24 -29.34 -67.51
N ALA A 669 44.82 -28.64 -68.56
CA ALA A 669 43.72 -27.69 -68.44
C ALA A 669 42.42 -28.39 -68.06
N SER A 670 42.15 -29.55 -68.67
CA SER A 670 40.96 -30.31 -68.33
C SER A 670 40.99 -30.79 -66.88
N GLN A 671 42.16 -31.27 -66.43
CA GLN A 671 42.28 -31.72 -65.05
C GLN A 671 42.08 -30.55 -64.08
N VAL A 672 42.65 -29.38 -64.40
CA VAL A 672 42.47 -28.21 -63.56
C VAL A 672 41.00 -27.81 -63.50
N ALA A 673 40.32 -27.83 -64.65
CA ALA A 673 38.89 -27.49 -64.68
C ALA A 673 38.08 -28.46 -63.84
N ILE A 674 38.38 -29.76 -63.95
CA ILE A 674 37.64 -30.77 -63.19
C ILE A 674 37.85 -30.57 -61.70
N CYS A 675 39.10 -30.36 -61.28
CA CYS A 675 39.38 -30.18 -59.85
C CYS A 675 38.75 -28.89 -59.34
N LEU A 676 38.75 -27.83 -60.13
CA LEU A 676 38.12 -26.59 -59.71
C LEU A 676 36.61 -26.75 -59.59
N ALA A 677 35.99 -27.48 -60.51
CA ALA A 677 34.55 -27.73 -60.41
C ALA A 677 34.22 -28.55 -59.18
N LEU A 678 35.05 -29.56 -58.87
CA LEU A 678 34.83 -30.35 -57.66
C LEU A 678 34.98 -29.49 -56.41
N ILE A 679 35.98 -28.62 -56.39
CA ILE A 679 36.19 -27.73 -55.24
C ILE A 679 35.03 -26.77 -55.09
N SER A 680 34.52 -26.25 -56.22
CA SER A 680 33.39 -25.33 -56.16
C SER A 680 32.14 -26.03 -55.64
N GLY A 681 31.89 -27.26 -56.09
CA GLY A 681 30.75 -28.00 -55.57
C GLY A 681 30.87 -28.30 -54.08
N GLN A 682 32.08 -28.66 -53.65
CA GLN A 682 32.30 -28.90 -52.22
C GLN A 682 32.10 -27.62 -51.42
N LEU A 683 32.59 -26.48 -51.92
CA LEU A 683 32.38 -25.22 -51.22
C LEU A 683 30.90 -24.86 -51.17
N LEU A 684 30.16 -25.12 -52.25
CA LEU A 684 28.74 -24.84 -52.27
C LEU A 684 28.00 -25.67 -51.23
N ILE A 685 28.32 -26.97 -51.15
CA ILE A 685 27.63 -27.80 -50.15
C ILE A 685 28.06 -27.39 -48.73
N VAL A 686 29.31 -26.97 -48.55
CA VAL A 686 29.76 -26.53 -47.23
C VAL A 686 29.01 -25.28 -46.80
N VAL A 687 28.88 -24.30 -47.71
CA VAL A 687 28.18 -23.07 -47.34
C VAL A 687 26.69 -23.32 -47.18
N ALA A 688 26.12 -24.28 -47.93
CA ALA A 688 24.73 -24.66 -47.71
C ALA A 688 24.52 -25.23 -46.32
N TRP A 689 25.43 -26.11 -45.88
CA TRP A 689 25.35 -26.64 -44.52
C TRP A 689 25.54 -25.53 -43.49
N LEU A 690 26.47 -24.61 -43.75
CA LEU A 690 26.73 -23.53 -42.80
C LEU A 690 25.51 -22.63 -42.64
N VAL A 691 24.81 -22.34 -43.73
CA VAL A 691 23.62 -21.51 -43.61
C VAL A 691 22.44 -22.31 -43.09
N VAL A 692 22.44 -23.63 -43.28
CA VAL A 692 21.37 -24.46 -42.73
C VAL A 692 21.45 -24.50 -41.21
N GLU A 693 22.64 -24.75 -40.67
CA GLU A 693 22.85 -24.73 -39.23
C GLU A 693 23.82 -23.60 -38.88
N ALA A 694 23.30 -22.57 -38.22
CA ALA A 694 24.09 -21.40 -37.84
C ALA A 694 24.99 -21.72 -36.65
N PRO A 695 26.17 -21.08 -36.58
CA PRO A 695 27.06 -21.30 -35.44
C PRO A 695 26.73 -20.41 -34.27
N GLY A 696 27.09 -20.90 -33.07
CA GLY A 696 26.84 -20.15 -31.86
C GLY A 696 27.89 -20.46 -30.81
N THR A 697 27.92 -19.62 -29.78
CA THR A 697 28.84 -19.78 -28.66
C THR A 697 28.06 -19.80 -27.35
N GLY A 698 28.64 -20.44 -26.35
CA GLY A 698 27.99 -20.57 -25.06
C GLY A 698 27.54 -21.99 -24.78
N LYS A 699 28.29 -22.70 -23.95
CA LYS A 699 28.01 -24.09 -23.64
C LYS A 699 27.60 -24.23 -22.17
N GLU A 700 26.62 -25.09 -21.92
CA GLU A 700 26.14 -25.37 -20.58
C GLU A 700 26.42 -26.82 -20.23
N THR A 701 26.65 -27.08 -18.95
CA THR A 701 27.01 -28.41 -18.48
C THR A 701 26.46 -28.59 -17.08
N ALA A 702 26.95 -29.61 -16.36
CA ALA A 702 26.49 -29.90 -15.03
C ALA A 702 26.89 -28.79 -14.06
N PRO A 703 26.17 -28.65 -12.94
CA PRO A 703 26.53 -27.62 -11.96
C PRO A 703 27.79 -27.97 -11.18
N GLU A 704 28.10 -27.17 -10.17
CA GLU A 704 29.28 -27.36 -9.31
C GLU A 704 30.58 -27.14 -10.09
N ARG A 705 30.61 -26.04 -10.85
CA ARG A 705 31.82 -25.57 -11.54
C ARG A 705 32.36 -26.62 -12.51
N ARG A 706 31.53 -26.95 -13.50
CA ARG A 706 31.98 -27.84 -14.57
C ARG A 706 33.05 -27.19 -15.42
N GLU A 707 32.93 -25.88 -15.65
CA GLU A 707 33.89 -25.13 -16.47
C GLU A 707 34.02 -25.72 -17.87
N VAL A 708 32.89 -26.14 -18.44
CA VAL A 708 32.87 -26.70 -19.79
C VAL A 708 32.31 -25.69 -20.80
N VAL A 709 32.23 -24.41 -20.43
CA VAL A 709 31.71 -23.39 -21.33
C VAL A 709 32.69 -23.16 -22.47
N THR A 710 32.14 -22.80 -23.64
CA THR A 710 32.92 -22.52 -24.85
C THR A 710 33.78 -23.71 -25.27
N LEU A 711 33.31 -24.93 -24.98
CA LEU A 711 34.04 -26.12 -25.40
C LEU A 711 34.07 -26.25 -26.92
N ARG A 712 32.94 -25.96 -27.58
CA ARG A 712 32.86 -26.04 -29.03
C ARG A 712 31.69 -25.18 -29.48
N CYS A 713 31.65 -24.91 -30.78
CA CYS A 713 30.57 -24.11 -31.36
C CYS A 713 29.24 -24.84 -31.18
N ASN A 714 28.18 -24.07 -30.96
CA ASN A 714 26.85 -24.61 -30.66
C ASN A 714 26.14 -25.17 -31.89
N HIS A 715 26.84 -25.32 -33.02
CA HIS A 715 26.25 -25.86 -34.24
C HIS A 715 26.63 -27.32 -34.39
N ARG A 716 25.63 -28.17 -34.58
CA ARG A 716 25.88 -29.60 -34.75
C ARG A 716 26.65 -29.84 -36.04
N ASP A 717 27.59 -30.79 -35.99
CA ASP A 717 28.45 -31.10 -37.13
C ASP A 717 28.08 -32.43 -37.78
N ALA A 718 26.82 -32.87 -37.64
CA ALA A 718 26.41 -34.12 -38.27
C ALA A 718 26.48 -34.03 -39.79
N SER A 719 26.02 -32.91 -40.35
CA SER A 719 26.07 -32.72 -41.80
C SER A 719 27.52 -32.64 -42.28
N MET A 720 28.38 -31.95 -41.52
CA MET A 720 29.79 -31.88 -41.89
C MET A 720 30.43 -33.26 -41.86
N LEU A 721 30.13 -34.06 -40.84
CA LEU A 721 30.66 -35.41 -40.79
C LEU A 721 30.15 -36.27 -41.94
N GLY A 722 28.87 -36.11 -42.30
CA GLY A 722 28.34 -36.85 -43.44
C GLY A 722 29.02 -36.47 -44.74
N SER A 723 29.24 -35.17 -44.95
CA SER A 723 29.94 -34.72 -46.16
C SER A 723 31.38 -35.22 -46.17
N LEU A 724 32.04 -35.22 -45.01
CA LEU A 724 33.40 -35.74 -44.93
C LEU A 724 33.43 -37.23 -45.27
N ALA A 725 32.48 -37.99 -44.75
CA ALA A 725 32.41 -39.42 -45.07
C ALA A 725 32.14 -39.64 -46.55
N TYR A 726 31.26 -38.83 -47.14
CA TYR A 726 30.96 -38.98 -48.56
C TYR A 726 32.18 -38.71 -49.42
N ASN A 727 32.92 -37.64 -49.11
CA ASN A 727 34.11 -37.34 -49.91
C ASN A 727 35.23 -38.35 -49.66
N VAL A 728 35.33 -38.89 -48.44
CA VAL A 728 36.31 -39.93 -48.17
C VAL A 728 35.96 -41.19 -48.96
N LEU A 729 34.68 -41.54 -49.04
CA LEU A 729 34.28 -42.69 -49.83
C LEU A 729 34.54 -42.46 -51.32
N LEU A 730 34.31 -41.25 -51.81
CA LEU A 730 34.62 -40.94 -53.20
C LEU A 730 36.12 -41.06 -53.47
N ILE A 731 36.94 -40.57 -52.56
CA ILE A 731 38.39 -40.68 -52.72
C ILE A 731 38.83 -42.14 -52.68
N ALA A 732 38.22 -42.93 -51.80
CA ALA A 732 38.54 -44.35 -51.73
C ALA A 732 38.16 -45.07 -53.01
N LEU A 733 37.00 -44.75 -53.58
CA LEU A 733 36.59 -45.34 -54.84
C LEU A 733 37.56 -44.95 -55.96
N CYS A 734 37.98 -43.69 -55.99
CA CYS A 734 38.95 -43.26 -57.00
C CYS A 734 40.28 -44.01 -56.84
N THR A 735 40.73 -44.17 -55.60
CA THR A 735 41.97 -44.90 -55.35
C THR A 735 41.84 -46.37 -55.76
N LEU A 736 40.68 -46.97 -55.48
CA LEU A 736 40.46 -48.36 -55.89
C LEU A 736 40.47 -48.49 -57.41
N TYR A 737 39.85 -47.55 -58.11
CA TYR A 737 39.88 -47.56 -59.57
C TYR A 737 41.30 -47.40 -60.09
N ALA A 738 42.08 -46.51 -59.48
CA ALA A 738 43.47 -46.32 -59.89
C ALA A 738 44.29 -47.60 -59.67
N PHE A 739 44.07 -48.27 -58.54
CA PHE A 739 44.76 -49.53 -58.28
C PHE A 739 44.34 -50.60 -59.28
N LYS A 740 43.05 -50.64 -59.62
CA LYS A 740 42.57 -51.62 -60.60
C LYS A 740 43.18 -51.39 -61.97
N THR A 741 43.35 -50.12 -62.35
CA THR A 741 44.02 -49.81 -63.61
C THR A 741 45.43 -50.39 -63.62
N ARG A 742 45.80 -50.98 -64.76
CA ARG A 742 47.06 -51.72 -64.88
C ARG A 742 48.20 -50.89 -65.42
N LYS A 743 48.20 -49.57 -65.17
CA LYS A 743 49.29 -48.72 -65.61
C LYS A 743 50.43 -48.74 -64.60
N CYS A 744 50.89 -49.94 -64.23
CA CYS A 744 51.96 -50.11 -63.26
C CYS A 744 53.32 -49.90 -63.90
N PRO A 745 53.55 -50.40 -65.11
CA PRO A 745 54.90 -50.32 -65.70
C PRO A 745 55.41 -48.90 -65.86
N GLU A 746 54.53 -47.94 -66.17
CA GLU A 746 54.93 -46.55 -66.35
C GLU A 746 54.62 -45.76 -65.09
N ASN A 747 55.56 -44.89 -64.70
CA ASN A 747 55.43 -44.07 -63.49
C ASN A 747 55.19 -44.96 -62.27
N PHE A 748 55.96 -46.05 -62.18
CA PHE A 748 55.70 -47.09 -61.20
C PHE A 748 55.90 -46.59 -59.77
N ASN A 749 57.02 -45.91 -59.51
CA ASN A 749 57.33 -45.47 -58.16
C ASN A 749 56.28 -44.47 -57.66
N GLU A 750 55.94 -43.49 -58.51
CA GLU A 750 54.96 -42.49 -58.11
C GLU A 750 53.57 -43.10 -57.94
N ALA A 751 53.18 -44.02 -58.82
CA ALA A 751 51.89 -44.67 -58.67
C ALA A 751 51.81 -45.49 -57.40
N LYS A 752 52.88 -46.24 -57.09
CA LYS A 752 52.92 -47.02 -55.86
C LYS A 752 52.85 -46.11 -54.63
N PHE A 753 53.59 -44.99 -54.67
CA PHE A 753 53.55 -44.06 -53.54
C PHE A 753 52.16 -43.47 -53.35
N ILE A 754 51.50 -43.09 -54.46
CA ILE A 754 50.16 -42.54 -54.37
C ILE A 754 49.18 -43.57 -53.82
N GLY A 755 49.28 -44.82 -54.30
CA GLY A 755 48.41 -45.87 -53.80
C GLY A 755 48.63 -46.14 -52.31
N PHE A 756 49.89 -46.17 -51.88
CA PHE A 756 50.19 -46.37 -50.47
C PHE A 756 49.66 -45.22 -49.62
N THR A 757 49.80 -43.99 -50.12
CA THR A 757 49.29 -42.84 -49.38
C THR A 757 47.76 -42.90 -49.25
N MET A 758 47.08 -43.27 -50.35
CA MET A 758 45.63 -43.38 -50.29
C MET A 758 45.19 -44.47 -49.32
N TYR A 759 45.88 -45.63 -49.35
CA TYR A 759 45.54 -46.72 -48.45
C TYR A 759 45.77 -46.31 -47.00
N THR A 760 46.88 -45.62 -46.71
CA THR A 760 47.15 -45.18 -45.35
C THR A 760 46.11 -44.17 -44.88
N THR A 761 45.72 -43.24 -45.76
CA THR A 761 44.69 -42.26 -45.40
C THR A 761 43.36 -42.96 -45.11
N CYS A 762 42.98 -43.93 -45.94
CA CYS A 762 41.74 -44.67 -45.70
C CYS A 762 41.80 -45.44 -44.39
N ILE A 763 42.94 -46.07 -44.10
CA ILE A 763 43.09 -46.81 -42.85
C ILE A 763 43.01 -45.87 -41.65
N ILE A 764 43.66 -44.71 -41.76
CA ILE A 764 43.62 -43.74 -40.66
C ILE A 764 42.19 -43.26 -40.43
N TRP A 765 41.46 -42.97 -41.50
CA TRP A 765 40.07 -42.55 -41.34
C TRP A 765 39.22 -43.64 -40.70
N LEU A 766 39.38 -44.89 -41.17
CA LEU A 766 38.58 -45.98 -40.64
C LEU A 766 38.97 -46.35 -39.22
N ALA A 767 40.18 -46.00 -38.79
CA ALA A 767 40.58 -46.24 -37.40
C ALA A 767 40.21 -45.09 -36.48
N PHE A 768 40.16 -43.86 -36.99
CA PHE A 768 39.81 -42.70 -36.17
C PHE A 768 38.31 -42.45 -36.11
N LEU A 769 37.52 -43.05 -37.00
CA LEU A 769 36.07 -42.95 -36.86
C LEU A 769 35.55 -43.63 -35.59
N PRO A 770 35.94 -44.87 -35.25
CA PRO A 770 35.37 -45.49 -34.04
C PRO A 770 35.69 -44.75 -32.75
N ILE A 771 36.89 -44.18 -32.62
CA ILE A 771 37.23 -43.50 -31.38
C ILE A 771 36.41 -42.21 -31.23
N PHE A 772 36.21 -41.49 -32.33
CA PHE A 772 35.37 -40.31 -32.29
C PHE A 772 33.91 -40.67 -32.01
N TYR A 773 33.45 -41.79 -32.55
CA TYR A 773 32.09 -42.25 -32.27
C TYR A 773 31.92 -42.67 -30.82
N VAL A 774 32.97 -43.23 -30.22
CA VAL A 774 32.84 -43.81 -28.88
C VAL A 774 33.11 -42.79 -27.76
N THR A 775 33.93 -41.77 -28.02
CA THR A 775 34.27 -40.83 -26.96
C THR A 775 33.04 -40.08 -26.46
N SER A 776 32.28 -39.47 -27.37
CA SER A 776 31.03 -38.78 -27.09
C SER A 776 31.16 -37.69 -26.03
N SER A 777 32.37 -37.32 -25.66
CA SER A 777 32.63 -36.34 -24.60
C SER A 777 34.11 -35.97 -24.67
N ASP A 778 34.59 -35.23 -23.67
CA ASP A 778 36.00 -34.85 -23.57
C ASP A 778 36.45 -34.07 -24.82
N TYR A 779 35.88 -32.86 -24.93
CA TYR A 779 36.12 -32.02 -26.11
C TYR A 779 37.60 -31.75 -26.31
N ARG A 780 38.37 -31.61 -25.23
CA ARG A 780 39.80 -31.38 -25.37
C ARG A 780 40.49 -32.57 -26.02
N VAL A 781 40.17 -33.78 -25.56
CA VAL A 781 40.77 -34.98 -26.14
C VAL A 781 40.30 -35.15 -27.58
N GLN A 782 39.05 -34.80 -27.87
CA GLN A 782 38.54 -34.90 -29.23
C GLN A 782 39.27 -33.95 -30.16
N THR A 783 39.51 -32.72 -29.70
CA THR A 783 40.26 -31.76 -30.51
C THR A 783 41.69 -32.23 -30.72
N THR A 784 42.32 -32.78 -29.69
CA THR A 784 43.68 -33.30 -29.83
C THR A 784 43.71 -34.45 -30.83
N THR A 785 42.71 -35.33 -30.78
CA THR A 785 42.63 -36.45 -31.72
C THR A 785 42.44 -35.95 -33.14
N MET A 786 41.58 -34.96 -33.34
CA MET A 786 41.39 -34.40 -34.67
C MET A 786 42.67 -33.75 -35.19
N CYS A 787 43.37 -33.02 -34.32
CA CYS A 787 44.62 -32.40 -34.73
C CYS A 787 45.67 -33.44 -35.11
N VAL A 788 45.80 -34.51 -34.30
CA VAL A 788 46.80 -35.52 -34.63
C VAL A 788 46.41 -36.27 -35.91
N SER A 789 45.11 -36.50 -36.14
CA SER A 789 44.68 -37.15 -37.37
C SER A 789 44.99 -36.30 -38.59
N VAL A 790 44.70 -34.99 -38.53
CA VAL A 790 44.99 -34.14 -39.67
C VAL A 790 46.50 -33.97 -39.86
N SER A 791 47.28 -33.97 -38.77
CA SER A 791 48.73 -33.93 -38.91
C SER A 791 49.26 -35.20 -39.59
N LEU A 792 48.72 -36.37 -39.22
CA LEU A 792 49.11 -37.60 -39.88
C LEU A 792 48.72 -37.59 -41.35
N SER A 793 47.54 -37.05 -41.67
CA SER A 793 47.12 -36.95 -43.07
C SER A 793 48.06 -36.04 -43.85
N GLY A 794 48.45 -34.91 -43.27
CA GLY A 794 49.40 -34.03 -43.93
C GLY A 794 50.77 -34.66 -44.10
N SER A 795 51.21 -35.42 -43.10
CA SER A 795 52.48 -36.13 -43.21
C SER A 795 52.43 -37.16 -44.34
N VAL A 796 51.32 -37.89 -44.45
CA VAL A 796 51.16 -38.85 -45.53
C VAL A 796 51.16 -38.13 -46.89
N VAL A 797 50.47 -36.99 -46.97
CA VAL A 797 50.42 -36.24 -48.21
C VAL A 797 51.81 -35.78 -48.63
N LEU A 798 52.60 -35.30 -47.67
CA LEU A 798 53.94 -34.83 -48.01
C LEU A 798 54.89 -35.98 -48.31
N GLY A 799 54.73 -37.13 -47.65
CA GLY A 799 55.56 -38.28 -47.93
C GLY A 799 55.13 -39.10 -49.13
N CYS A 800 54.00 -38.76 -49.73
CA CYS A 800 53.54 -39.42 -50.94
C CYS A 800 54.45 -39.02 -52.12
N LEU A 801 54.03 -39.39 -53.33
CA LEU A 801 54.88 -39.35 -54.52
C LEU A 801 55.65 -38.05 -54.71
N PHE A 802 55.22 -36.95 -54.09
CA PHE A 802 55.98 -35.72 -54.17
C PHE A 802 57.36 -35.87 -53.53
N ALA A 803 57.44 -36.55 -52.39
CA ALA A 803 58.72 -36.68 -51.69
C ALA A 803 59.76 -37.47 -52.47
N PRO A 804 59.47 -38.64 -53.06
CA PRO A 804 60.51 -39.31 -53.86
C PRO A 804 60.99 -38.50 -55.04
N LYS A 805 60.11 -37.72 -55.68
CA LYS A 805 60.55 -36.86 -56.79
C LYS A 805 61.55 -35.82 -56.30
N LEU A 806 61.27 -35.19 -55.15
CA LEU A 806 62.20 -34.22 -54.60
C LEU A 806 63.52 -34.88 -54.21
N HIS A 807 63.45 -36.09 -53.65
CA HIS A 807 64.68 -36.80 -53.29
C HIS A 807 65.52 -37.13 -54.52
N ILE A 808 64.87 -37.56 -55.60
CA ILE A 808 65.58 -37.86 -56.84
C ILE A 808 66.20 -36.59 -57.42
N ILE A 809 65.45 -35.48 -57.38
CA ILE A 809 65.97 -34.21 -57.90
C ILE A 809 67.19 -33.78 -57.09
N LEU A 810 67.12 -33.90 -55.76
CA LEU A 810 68.26 -33.53 -54.93
C LEU A 810 69.46 -34.44 -55.20
N PHE A 811 69.22 -35.73 -55.36
CA PHE A 811 70.30 -36.68 -55.63
C PHE A 811 70.55 -36.82 -57.13
N ARG B 39 -40.36 28.66 41.60
CA ARG B 39 -40.48 28.26 40.21
C ARG B 39 -41.87 27.71 39.92
N ARG B 40 -42.17 27.51 38.64
CA ARG B 40 -43.45 26.98 38.20
C ARG B 40 -43.25 25.60 37.58
N GLU B 41 -44.21 24.72 37.80
CA GLU B 41 -44.13 23.36 37.28
C GLU B 41 -45.52 22.75 37.26
N ILE B 42 -45.66 21.66 36.49
CA ILE B 42 -46.89 20.87 36.43
C ILE B 42 -46.61 19.54 37.10
N LYS B 43 -47.44 19.18 38.08
CA LYS B 43 -47.23 18.01 38.92
C LYS B 43 -48.51 17.20 39.05
N ILE B 44 -49.16 16.94 37.92
CA ILE B 44 -50.38 16.12 37.94
C ILE B 44 -50.02 14.70 38.36
N GLU B 45 -50.73 14.20 39.36
CA GLU B 45 -50.43 12.88 39.90
C GLU B 45 -51.08 11.78 39.07
N GLY B 46 -50.60 10.56 39.28
CA GLY B 46 -51.13 9.41 38.57
C GLY B 46 -50.37 8.16 38.95
N ASP B 47 -50.82 7.04 38.40
CA ASP B 47 -50.14 5.76 38.66
C ASP B 47 -48.74 5.78 38.10
N LEU B 48 -48.56 6.32 36.89
CA LEU B 48 -47.25 6.48 36.27
C LEU B 48 -47.08 7.94 35.88
N VAL B 49 -45.89 8.48 36.15
CA VAL B 49 -45.59 9.89 35.89
C VAL B 49 -44.53 9.96 34.79
N LEU B 50 -44.79 10.79 33.79
CA LEU B 50 -43.87 11.02 32.69
C LEU B 50 -43.31 12.43 32.79
N GLY B 51 -41.99 12.54 32.73
CA GLY B 51 -41.34 13.83 32.79
C GLY B 51 -41.53 14.63 31.50
N GLY B 52 -41.21 15.91 31.59
CA GLY B 52 -41.32 16.80 30.44
C GLY B 52 -40.40 17.99 30.51
N LEU B 53 -39.76 18.33 29.40
CA LEU B 53 -38.83 19.45 29.30
C LEU B 53 -39.16 20.23 28.05
N PHE B 54 -39.60 21.47 28.22
CA PHE B 54 -39.97 22.33 27.11
C PHE B 54 -39.33 23.70 27.26
N PRO B 55 -38.97 24.34 26.15
CA PRO B 55 -38.42 25.71 26.21
C PRO B 55 -39.51 26.77 26.28
N ILE B 56 -40.19 26.80 27.44
CA ILE B 56 -41.32 27.72 27.60
C ILE B 56 -40.84 29.16 27.64
N ASN B 57 -39.68 29.40 28.26
CA ASN B 57 -39.10 30.73 28.37
C ASN B 57 -37.90 30.85 27.44
N GLU B 58 -37.81 31.97 26.73
CA GLU B 58 -36.64 32.25 25.91
C GLU B 58 -35.45 32.63 26.78
N LYS B 59 -34.26 32.18 26.40
CA LYS B 59 -33.08 32.44 27.20
C LYS B 59 -32.73 33.94 27.18
N GLY B 60 -32.18 34.41 28.29
CA GLY B 60 -31.80 35.79 28.41
C GLY B 60 -30.41 35.97 29.01
N THR B 61 -30.05 37.22 29.33
CA THR B 61 -28.74 37.52 29.89
C THR B 61 -28.91 38.48 31.06
N GLY B 62 -27.93 38.46 31.96
CA GLY B 62 -27.95 39.33 33.12
C GLY B 62 -28.69 38.75 34.30
N THR B 63 -29.44 39.59 35.02
CA THR B 63 -30.18 39.11 36.19
C THR B 63 -31.25 38.10 35.79
N GLU B 64 -31.95 38.34 34.68
CA GLU B 64 -33.00 37.44 34.22
C GLU B 64 -32.35 36.27 33.48
N GLU B 65 -32.44 35.07 34.08
CA GLU B 65 -31.88 33.89 33.44
C GLU B 65 -32.60 33.58 32.14
N CYS B 66 -33.93 33.63 32.16
CA CYS B 66 -34.75 33.41 30.97
C CYS B 66 -35.95 34.35 31.03
N GLY B 67 -36.27 34.96 29.89
CA GLY B 67 -37.26 36.02 29.85
C GLY B 67 -38.57 35.70 29.16
N ARG B 68 -38.69 36.13 27.91
CA ARG B 68 -39.96 36.10 27.20
C ARG B 68 -40.46 34.67 27.02
N ILE B 69 -41.79 34.51 27.06
CA ILE B 69 -42.42 33.21 26.86
C ILE B 69 -42.34 32.84 25.39
N ASN B 70 -41.89 31.62 25.12
CA ASN B 70 -41.82 31.10 23.76
C ASN B 70 -43.19 30.52 23.39
N GLU B 71 -43.92 31.23 22.53
CA GLU B 71 -45.29 30.83 22.24
C GLU B 71 -45.35 29.54 21.42
N ASP B 72 -44.44 29.37 20.47
CA ASP B 72 -44.53 28.26 19.52
C ASP B 72 -43.86 26.99 20.07
N ARG B 73 -42.60 27.09 20.45
CA ARG B 73 -41.83 25.92 20.87
C ARG B 73 -41.97 25.61 22.36
N GLY B 74 -42.60 26.47 23.14
CA GLY B 74 -42.69 26.24 24.57
C GLY B 74 -44.09 26.04 25.10
N ILE B 75 -45.07 26.68 24.47
CA ILE B 75 -46.46 26.61 24.91
C ILE B 75 -47.27 25.61 24.09
N GLN B 76 -47.15 25.68 22.76
CA GLN B 76 -47.91 24.77 21.90
C GLN B 76 -47.49 23.33 22.12
N ARG B 77 -46.19 23.07 22.25
CA ARG B 77 -45.73 21.70 22.46
C ARG B 77 -46.13 21.18 23.83
N LEU B 78 -46.07 22.05 24.86
CA LEU B 78 -46.52 21.65 26.19
C LEU B 78 -48.01 21.30 26.19
N GLU B 79 -48.82 22.13 25.54
CA GLU B 79 -50.24 21.83 25.44
C GLU B 79 -50.50 20.58 24.61
N ALA B 80 -49.67 20.33 23.59
CA ALA B 80 -49.81 19.10 22.82
C ALA B 80 -49.52 17.88 23.68
N MET B 81 -48.48 17.95 24.51
CA MET B 81 -48.19 16.82 25.41
C MET B 81 -49.32 16.62 26.40
N LEU B 82 -49.86 17.71 26.96
CA LEU B 82 -50.99 17.58 27.87
C LEU B 82 -52.21 16.98 27.19
N PHE B 83 -52.48 17.41 25.96
CA PHE B 83 -53.61 16.88 25.21
C PHE B 83 -53.43 15.40 24.90
N ALA B 84 -52.21 14.99 24.54
CA ALA B 84 -51.93 13.58 24.30
C ALA B 84 -52.10 12.76 25.57
N ILE B 85 -51.64 13.30 26.71
CA ILE B 85 -51.81 12.59 27.98
C ILE B 85 -53.29 12.43 28.32
N ASP B 86 -54.07 13.49 28.11
CA ASP B 86 -55.51 13.41 28.36
C ASP B 86 -56.18 12.39 27.45
N GLU B 87 -55.78 12.36 26.17
CA GLU B 87 -56.34 11.38 25.24
C GLU B 87 -55.99 9.96 25.65
N ILE B 88 -54.75 9.74 26.08
CA ILE B 88 -54.33 8.41 26.53
C ILE B 88 -55.12 7.99 27.77
N ASN B 89 -55.31 8.92 28.71
CA ASN B 89 -56.11 8.63 29.90
C ASN B 89 -57.54 8.29 29.54
N LYS B 90 -58.12 9.02 28.58
CA LYS B 90 -59.48 8.76 28.12
C LYS B 90 -59.56 7.55 27.20
N ASP B 91 -58.43 7.07 26.70
CA ASP B 91 -58.44 5.91 25.81
C ASP B 91 -58.83 4.65 26.56
N ASP B 92 -59.55 3.76 25.87
CA ASP B 92 -59.99 2.50 26.45
C ASP B 92 -59.12 1.32 26.09
N TYR B 93 -58.28 1.44 25.07
CA TYR B 93 -57.41 0.34 24.65
C TYR B 93 -55.96 0.54 25.04
N LEU B 94 -55.56 1.75 25.39
CA LEU B 94 -54.19 2.06 25.79
C LEU B 94 -54.19 2.44 27.26
N LEU B 95 -53.64 1.56 28.10
CA LEU B 95 -53.59 1.74 29.55
C LEU B 95 -54.96 2.05 30.11
N PRO B 96 -55.89 1.07 30.12
CA PRO B 96 -57.22 1.35 30.65
C PRO B 96 -57.26 1.45 32.17
N GLY B 97 -56.44 0.68 32.87
CA GLY B 97 -56.39 0.70 34.31
C GLY B 97 -55.28 1.50 34.93
N VAL B 98 -54.43 2.13 34.10
CA VAL B 98 -53.30 2.92 34.58
C VAL B 98 -53.51 4.37 34.15
N LYS B 99 -53.40 5.29 35.10
CA LYS B 99 -53.54 6.71 34.84
C LYS B 99 -52.15 7.34 34.73
N LEU B 100 -51.91 8.05 33.63
CA LEU B 100 -50.61 8.64 33.36
C LEU B 100 -50.54 10.05 33.92
N GLY B 101 -49.66 10.27 34.90
CA GLY B 101 -49.38 11.60 35.39
C GLY B 101 -48.25 12.26 34.63
N VAL B 102 -48.06 13.54 34.90
CA VAL B 102 -47.03 14.33 34.23
C VAL B 102 -46.29 15.17 35.26
N HIS B 103 -44.96 15.24 35.12
CA HIS B 103 -44.11 16.13 35.90
C HIS B 103 -43.32 16.95 34.88
N ILE B 104 -43.91 18.06 34.43
CA ILE B 104 -43.36 18.86 33.34
C ILE B 104 -42.65 20.08 33.92
N LEU B 105 -41.41 20.28 33.50
CA LEU B 105 -40.60 21.40 33.95
C LEU B 105 -40.23 22.27 32.74
N ASP B 106 -39.47 23.33 33.02
CA ASP B 106 -39.01 24.27 32.01
C ASP B 106 -37.51 24.06 31.77
N THR B 107 -37.02 24.63 30.69
CA THR B 107 -35.59 24.60 30.38
C THR B 107 -34.99 25.97 30.13
N CYS B 108 -35.79 26.98 29.78
CA CYS B 108 -35.32 28.34 29.50
C CYS B 108 -34.30 28.38 28.37
N SER B 109 -34.32 27.37 27.50
CA SER B 109 -33.47 27.30 26.31
C SER B 109 -31.98 27.40 26.67
N ARG B 110 -31.60 26.77 27.78
CA ARG B 110 -30.20 26.78 28.18
C ARG B 110 -29.87 25.45 28.86
N ASP B 111 -28.59 25.08 28.81
CA ASP B 111 -28.16 23.78 29.30
C ASP B 111 -28.15 23.73 30.83
N THR B 112 -27.64 24.78 31.47
CA THR B 112 -27.41 24.73 32.91
C THR B 112 -28.73 24.62 33.68
N TYR B 113 -29.73 25.42 33.30
CA TYR B 113 -30.98 25.43 34.05
C TYR B 113 -31.77 24.14 33.82
N ALA B 114 -31.73 23.62 32.60
CA ALA B 114 -32.34 22.32 32.33
C ALA B 114 -31.66 21.21 33.11
N LEU B 115 -30.34 21.25 33.19
CA LEU B 115 -29.62 20.27 34.01
C LEU B 115 -29.99 20.39 35.47
N GLU B 116 -30.14 21.63 35.96
CA GLU B 116 -30.52 21.85 37.35
C GLU B 116 -31.89 21.25 37.64
N GLN B 117 -32.84 21.43 36.72
CA GLN B 117 -34.17 20.87 36.94
C GLN B 117 -34.25 19.37 36.68
N SER B 118 -33.31 18.81 35.91
CA SER B 118 -33.34 17.39 35.63
C SER B 118 -33.04 16.55 36.86
N LEU B 119 -32.49 17.15 37.92
CA LEU B 119 -32.23 16.42 39.15
C LEU B 119 -33.52 16.03 39.87
N GLU B 120 -34.63 16.74 39.60
CA GLU B 120 -35.91 16.36 40.20
C GLU B 120 -36.44 15.07 39.61
N PHE B 121 -36.08 14.75 38.37
CA PHE B 121 -36.52 13.49 37.77
C PHE B 121 -35.82 12.30 38.40
N VAL B 122 -34.60 12.49 38.89
CA VAL B 122 -33.83 11.40 39.49
C VAL B 122 -33.86 11.42 41.01
N ARG B 123 -34.38 12.49 41.63
CA ARG B 123 -34.43 12.54 43.09
C ARG B 123 -35.43 11.54 43.66
N ALA B 124 -36.43 11.15 42.87
CA ALA B 124 -37.44 10.20 43.34
C ALA B 124 -36.94 8.77 43.37
N SER B 125 -35.81 8.48 42.72
CA SER B 125 -35.24 7.13 42.68
C SER B 125 -34.05 6.98 43.62
N LEU B 126 -34.08 7.67 44.76
CA LEU B 126 -33.00 7.63 45.73
C LEU B 126 -33.44 6.90 47.00
N THR B 127 -32.54 6.10 47.56
CA THR B 127 -32.84 5.34 48.77
C THR B 127 -32.75 6.24 50.00
N GLN B 144 -41.10 15.85 53.36
CA GLN B 144 -42.56 15.90 53.31
C GLN B 144 -43.04 17.22 52.71
N GLU B 145 -42.13 18.17 52.57
CA GLU B 145 -42.48 19.46 51.99
C GLU B 145 -42.91 19.31 50.53
N ASN B 146 -42.18 18.49 49.77
CA ASN B 146 -42.48 18.25 48.36
C ASN B 146 -42.19 16.79 48.06
N ILE B 147 -43.23 15.96 48.08
CA ILE B 147 -43.09 14.53 47.82
C ILE B 147 -42.74 14.32 46.36
N PRO B 148 -41.64 13.63 46.05
CA PRO B 148 -41.27 13.40 44.66
C PRO B 148 -42.12 12.32 44.00
N LEU B 149 -42.16 12.36 42.68
CA LEU B 149 -42.91 11.41 41.87
C LEU B 149 -41.95 10.58 41.04
N LEU B 150 -42.14 9.26 41.05
CA LEU B 150 -41.30 8.37 40.24
C LEU B 150 -41.59 8.62 38.76
N ILE B 151 -40.52 8.78 37.98
CA ILE B 151 -40.61 9.13 36.56
C ILE B 151 -40.30 7.89 35.75
N ALA B 152 -41.29 7.42 34.98
CA ALA B 152 -41.06 6.29 34.09
C ALA B 152 -40.19 6.69 32.90
N GLY B 153 -40.47 7.85 32.30
CA GLY B 153 -39.69 8.35 31.20
C GLY B 153 -39.83 9.84 31.09
N VAL B 154 -38.90 10.46 30.36
CA VAL B 154 -38.84 11.91 30.22
C VAL B 154 -39.10 12.24 28.75
N ILE B 155 -40.21 12.92 28.50
CA ILE B 155 -40.50 13.45 27.16
C ILE B 155 -39.92 14.86 27.14
N GLY B 156 -38.63 14.94 26.85
CA GLY B 156 -37.93 16.21 26.88
C GLY B 156 -36.98 16.34 25.70
N GLY B 157 -36.62 17.58 25.41
CA GLY B 157 -35.77 17.87 24.27
C GLY B 157 -35.90 19.29 23.78
N SER B 158 -36.17 19.44 22.48
CA SER B 158 -36.37 20.70 21.76
C SER B 158 -35.08 21.47 21.53
N TYR B 159 -33.95 21.00 22.06
CA TYR B 159 -32.66 21.62 21.80
C TYR B 159 -31.59 20.55 21.89
N SER B 160 -30.66 20.57 20.94
CA SER B 160 -29.66 19.50 20.84
C SER B 160 -28.75 19.49 22.06
N SER B 161 -28.26 20.66 22.48
CA SER B 161 -27.40 20.72 23.65
C SER B 161 -28.14 20.35 24.92
N VAL B 162 -29.38 20.86 25.06
CA VAL B 162 -30.20 20.52 26.22
C VAL B 162 -30.48 19.02 26.27
N SER B 163 -30.83 18.45 25.12
CA SER B 163 -31.08 17.01 25.07
C SER B 163 -29.83 16.22 25.41
N ILE B 164 -28.67 16.67 24.92
CA ILE B 164 -27.42 15.97 25.20
C ILE B 164 -27.12 15.99 26.70
N GLN B 165 -27.25 17.15 27.32
CA GLN B 165 -26.99 17.25 28.76
C GLN B 165 -27.98 16.41 29.57
N VAL B 166 -29.26 16.46 29.20
CA VAL B 166 -30.27 15.70 29.93
C VAL B 166 -30.03 14.21 29.77
N ALA B 167 -29.66 13.75 28.56
CA ALA B 167 -29.36 12.34 28.35
C ALA B 167 -28.13 11.93 29.14
N ASN B 168 -27.11 12.78 29.21
CA ASN B 168 -25.93 12.49 30.01
C ASN B 168 -26.30 12.32 31.48
N LEU B 169 -27.18 13.19 31.99
CA LEU B 169 -27.59 13.07 33.38
C LEU B 169 -28.45 11.84 33.62
N LEU B 170 -29.32 11.51 32.66
CA LEU B 170 -30.30 10.45 32.87
C LEU B 170 -29.75 9.05 32.62
N ARG B 171 -28.68 8.92 31.82
CA ARG B 171 -28.11 7.60 31.58
C ARG B 171 -27.56 6.97 32.84
N LEU B 172 -27.18 7.78 33.84
CA LEU B 172 -26.63 7.25 35.07
C LEU B 172 -27.70 6.63 35.96
N PHE B 173 -28.96 7.02 35.79
CA PHE B 173 -30.05 6.56 36.65
C PHE B 173 -31.04 5.66 35.90
N GLN B 174 -30.72 5.27 34.66
CA GLN B 174 -31.53 4.35 33.89
C GLN B 174 -32.95 4.88 33.69
N ILE B 175 -33.04 6.06 33.10
CA ILE B 175 -34.32 6.69 32.81
C ILE B 175 -34.44 6.91 31.30
N PRO B 176 -35.38 6.25 30.63
CA PRO B 176 -35.54 6.48 29.18
C PRO B 176 -35.97 7.91 28.88
N GLN B 177 -35.47 8.42 27.75
CA GLN B 177 -35.81 9.77 27.31
C GLN B 177 -36.13 9.74 25.83
N ILE B 178 -37.28 10.32 25.47
CA ILE B 178 -37.70 10.42 24.07
C ILE B 178 -37.78 11.90 23.71
N SER B 179 -37.00 12.31 22.73
CA SER B 179 -37.00 13.70 22.27
C SER B 179 -37.97 13.86 21.11
N TYR B 180 -38.52 15.07 20.99
CA TYR B 180 -39.49 15.38 19.94
C TYR B 180 -38.96 16.35 18.90
N ALA B 181 -37.84 17.03 19.17
CA ALA B 181 -37.29 18.00 18.23
C ALA B 181 -35.79 17.90 18.01
N SER B 182 -35.04 17.28 18.91
CA SER B 182 -33.59 17.23 18.78
C SER B 182 -33.19 16.35 17.60
N THR B 183 -32.43 16.91 16.67
CA THR B 183 -32.01 16.21 15.47
C THR B 183 -30.48 16.14 15.34
N SER B 184 -29.75 16.33 16.44
CA SER B 184 -28.30 16.29 16.39
C SER B 184 -27.81 14.89 16.09
N ALA B 185 -26.74 14.80 15.30
CA ALA B 185 -26.15 13.51 14.98
C ALA B 185 -25.33 12.95 16.15
N LYS B 186 -24.94 13.79 17.09
CA LYS B 186 -24.19 13.31 18.25
C LYS B 186 -25.05 12.42 19.13
N LEU B 187 -26.37 12.63 19.14
CA LEU B 187 -27.27 11.83 19.97
C LEU B 187 -27.44 10.40 19.46
N SER B 188 -26.95 10.10 18.25
CA SER B 188 -27.03 8.75 17.72
C SER B 188 -25.96 7.82 18.28
N ASP B 189 -24.99 8.35 19.02
CA ASP B 189 -23.93 7.54 19.62
C ASP B 189 -24.47 6.87 20.87
N LYS B 190 -24.83 5.58 20.76
CA LYS B 190 -25.36 4.85 21.88
C LYS B 190 -24.33 4.55 22.95
N SER B 191 -23.04 4.70 22.63
CA SER B 191 -22.00 4.48 23.64
C SER B 191 -21.97 5.62 24.67
N ARG B 192 -22.51 6.79 24.33
CA ARG B 192 -22.59 7.92 25.25
C ARG B 192 -24.00 8.23 25.70
N TYR B 193 -25.01 7.92 24.88
CA TYR B 193 -26.42 8.13 25.24
C TYR B 193 -27.15 6.83 24.94
N ASP B 194 -27.14 5.91 25.91
CA ASP B 194 -27.73 4.59 25.74
C ASP B 194 -29.17 4.52 26.23
N TYR B 195 -29.76 5.64 26.66
CA TYR B 195 -31.15 5.68 27.08
C TYR B 195 -31.90 6.81 26.36
N PHE B 196 -31.47 7.15 25.15
CA PHE B 196 -32.03 8.27 24.40
C PHE B 196 -32.74 7.76 23.16
N ALA B 197 -33.88 8.38 22.85
CA ALA B 197 -34.63 8.08 21.64
C ALA B 197 -35.27 9.37 21.15
N ARG B 198 -35.68 9.36 19.88
CA ARG B 198 -36.30 10.54 19.30
C ARG B 198 -37.21 10.11 18.15
N THR B 199 -38.37 10.77 18.05
CA THR B 199 -39.30 10.53 16.95
C THR B 199 -38.93 11.31 15.69
N VAL B 200 -37.97 12.23 15.76
CA VAL B 200 -37.52 12.98 14.59
C VAL B 200 -36.24 12.35 14.06
N PRO B 201 -36.03 12.34 12.74
CA PRO B 201 -34.78 11.79 12.21
C PRO B 201 -33.63 12.72 12.51
N PRO B 202 -32.40 12.20 12.57
CA PRO B 202 -31.23 13.06 12.79
C PRO B 202 -30.97 13.98 11.61
N ASP B 203 -29.93 14.82 11.73
CA ASP B 203 -29.69 15.87 10.75
C ASP B 203 -28.92 15.39 9.52
N PHE B 204 -28.35 14.19 9.54
CA PHE B 204 -27.60 13.70 8.40
C PHE B 204 -28.45 12.92 7.41
N TYR B 205 -29.75 12.81 7.64
CA TYR B 205 -30.63 12.20 6.64
C TYR B 205 -30.87 13.14 5.46
N GLN B 206 -30.86 14.45 5.71
CA GLN B 206 -30.97 15.40 4.61
C GLN B 206 -29.76 15.34 3.70
N ALA B 207 -28.57 15.15 4.29
CA ALA B 207 -27.35 15.02 3.51
C ALA B 207 -27.38 13.80 2.60
N LYS B 208 -28.20 12.81 2.91
CA LYS B 208 -28.40 11.67 2.02
C LYS B 208 -29.53 11.94 1.02
N ALA B 209 -30.62 12.56 1.47
CA ALA B 209 -31.75 12.81 0.60
C ALA B 209 -31.37 13.71 -0.56
N MET B 210 -30.76 14.87 -0.27
CA MET B 210 -30.43 15.77 -1.36
C MET B 210 -29.18 15.33 -2.11
N ALA B 211 -28.33 14.49 -1.53
CA ALA B 211 -27.29 13.83 -2.31
C ALA B 211 -27.90 12.92 -3.36
N GLU B 212 -28.92 12.15 -2.98
CA GLU B 212 -29.65 11.35 -3.96
C GLU B 212 -30.34 12.23 -4.99
N ILE B 213 -30.84 13.39 -4.56
CA ILE B 213 -31.44 14.33 -5.50
C ILE B 213 -30.42 14.79 -6.53
N LEU B 214 -29.20 15.12 -6.07
CA LEU B 214 -28.15 15.51 -7.00
C LEU B 214 -27.78 14.37 -7.94
N ARG B 215 -27.69 13.15 -7.41
CA ARG B 215 -27.38 12.00 -8.26
C ARG B 215 -28.48 11.74 -9.29
N PHE B 216 -29.73 12.08 -8.95
CA PHE B 216 -30.83 11.86 -9.88
C PHE B 216 -30.70 12.71 -11.13
N PHE B 217 -30.24 13.96 -10.98
CA PHE B 217 -30.08 14.87 -12.10
C PHE B 217 -28.68 14.87 -12.67
N ASN B 218 -27.84 13.90 -12.31
CA ASN B 218 -26.47 13.78 -12.80
C ASN B 218 -25.65 15.04 -12.48
N TRP B 219 -25.88 15.60 -11.30
CA TRP B 219 -25.11 16.76 -10.83
C TRP B 219 -23.93 16.24 -10.01
N THR B 220 -22.75 16.23 -10.62
CA THR B 220 -21.58 15.59 -10.04
C THR B 220 -20.53 16.56 -9.50
N TYR B 221 -20.43 17.77 -10.07
CA TYR B 221 -19.40 18.74 -9.70
C TYR B 221 -20.11 19.99 -9.17
N VAL B 222 -20.40 19.99 -7.88
CA VAL B 222 -21.23 21.04 -7.27
C VAL B 222 -20.41 21.76 -6.19
N SER B 223 -20.89 22.95 -5.83
CA SER B 223 -20.28 23.75 -4.80
C SER B 223 -21.09 23.64 -3.50
N THR B 224 -20.39 23.52 -2.39
CA THR B 224 -21.01 23.33 -1.09
C THR B 224 -20.71 24.51 -0.18
N VAL B 225 -21.74 25.06 0.45
CA VAL B 225 -21.61 26.15 1.39
C VAL B 225 -22.19 25.71 2.73
N ALA B 226 -21.43 25.90 3.79
CA ALA B 226 -21.83 25.50 5.14
C ALA B 226 -21.91 26.73 6.03
N SER B 227 -22.17 26.50 7.31
CA SER B 227 -22.30 27.57 8.29
C SER B 227 -21.53 27.19 9.55
N GLU B 228 -21.06 28.21 10.26
CA GLU B 228 -20.33 27.98 11.50
C GLU B 228 -21.27 27.48 12.60
N GLY B 229 -20.77 26.55 13.39
CA GLY B 229 -21.55 25.99 14.48
C GLY B 229 -21.40 24.49 14.61
N ASP B 230 -22.50 23.78 14.77
CA ASP B 230 -22.51 22.33 14.82
C ASP B 230 -23.40 21.71 13.75
N TYR B 231 -24.60 22.28 13.54
CA TYR B 231 -25.52 21.75 12.55
C TYR B 231 -24.92 21.86 11.15
N GLY B 232 -24.41 23.05 10.81
CA GLY B 232 -23.84 23.24 9.48
C GLY B 232 -22.64 22.36 9.23
N GLU B 233 -21.74 22.26 10.21
CA GLU B 233 -20.59 21.36 10.06
C GLU B 233 -21.05 19.92 9.89
N THR B 234 -21.74 19.37 10.89
CA THR B 234 -22.12 17.97 10.82
C THR B 234 -22.81 17.67 9.50
N GLY B 235 -23.67 18.58 9.04
CA GLY B 235 -24.29 18.41 7.74
C GLY B 235 -23.28 18.41 6.59
N ILE B 236 -22.29 19.30 6.62
CA ILE B 236 -21.39 19.41 5.48
C ILE B 236 -20.47 18.19 5.39
N GLU B 237 -19.93 17.72 6.52
CA GLU B 237 -19.16 16.47 6.43
C GLU B 237 -20.05 15.26 6.12
N ALA B 238 -21.30 15.23 6.59
CA ALA B 238 -22.17 14.13 6.19
C ALA B 238 -22.41 14.14 4.69
N PHE B 239 -22.68 15.33 4.12
CA PHE B 239 -22.90 15.43 2.68
C PHE B 239 -21.64 15.10 1.90
N GLU B 240 -20.46 15.49 2.40
CA GLU B 240 -19.22 15.15 1.72
C GLU B 240 -19.00 13.64 1.73
N GLN B 241 -19.28 12.98 2.85
CA GLN B 241 -19.16 11.52 2.90
C GLN B 241 -20.11 10.87 1.91
N GLU B 242 -21.37 11.32 1.86
CA GLU B 242 -22.33 10.73 0.93
C GLU B 242 -21.93 11.00 -0.52
N ALA B 243 -21.39 12.19 -0.81
CA ALA B 243 -20.97 12.50 -2.16
C ALA B 243 -19.79 11.65 -2.60
N ARG B 244 -18.82 11.44 -1.72
CA ARG B 244 -17.71 10.56 -2.06
C ARG B 244 -18.17 9.11 -2.20
N LEU B 245 -19.17 8.70 -1.43
CA LEU B 245 -19.76 7.38 -1.63
C LEU B 245 -20.43 7.27 -3.00
N ARG B 246 -21.12 8.33 -3.41
CA ARG B 246 -21.81 8.35 -4.70
C ARG B 246 -20.94 8.90 -5.83
N ASN B 247 -19.66 9.18 -5.56
CA ASN B 247 -18.74 9.71 -6.56
C ASN B 247 -19.20 11.05 -7.11
N ILE B 248 -19.46 11.99 -6.20
CA ILE B 248 -19.85 13.36 -6.54
C ILE B 248 -18.73 14.27 -6.08
N CYS B 249 -18.17 15.04 -7.02
CA CYS B 249 -17.06 15.93 -6.72
C CYS B 249 -17.55 17.20 -6.04
N ILE B 250 -16.75 17.71 -5.10
CA ILE B 250 -17.01 18.97 -4.42
C ILE B 250 -16.01 19.99 -4.94
N ALA B 251 -16.52 21.10 -5.46
CA ALA B 251 -15.65 22.11 -6.06
C ALA B 251 -15.05 23.01 -4.99
N THR B 252 -15.89 23.75 -4.26
CA THR B 252 -15.45 24.65 -3.22
C THR B 252 -16.29 24.45 -1.97
N ALA B 253 -15.66 24.65 -0.81
CA ALA B 253 -16.33 24.53 0.48
C ALA B 253 -16.17 25.84 1.22
N GLU B 254 -17.23 26.64 1.27
CA GLU B 254 -17.21 27.92 1.96
C GLU B 254 -17.75 27.76 3.38
N LYS B 255 -17.34 28.69 4.24
CA LYS B 255 -17.77 28.70 5.64
C LYS B 255 -18.30 30.09 5.97
N VAL B 256 -19.45 30.13 6.61
CA VAL B 256 -20.12 31.38 6.98
C VAL B 256 -20.27 31.42 8.49
N GLY B 257 -19.80 32.51 9.10
CA GLY B 257 -19.90 32.69 10.53
C GLY B 257 -21.17 33.45 10.93
N ARG B 258 -21.31 33.66 12.24
CA ARG B 258 -22.45 34.36 12.79
C ARG B 258 -22.22 35.86 12.92
N SER B 259 -21.05 36.36 12.49
CA SER B 259 -20.77 37.78 12.59
C SER B 259 -21.61 38.62 11.65
N ASN B 260 -22.21 38.01 10.63
CA ASN B 260 -23.03 38.72 9.63
C ASN B 260 -22.26 39.86 9.00
N ILE B 261 -21.00 39.61 8.67
CA ILE B 261 -20.15 40.64 8.06
C ILE B 261 -20.63 40.89 6.64
N ARG B 262 -20.77 42.17 6.28
CA ARG B 262 -21.24 42.54 4.95
C ARG B 262 -20.25 42.22 3.85
N LYS B 263 -18.99 41.92 4.19
CA LYS B 263 -17.98 41.60 3.20
C LYS B 263 -17.76 40.10 3.02
N SER B 264 -17.95 39.31 4.07
CA SER B 264 -17.75 37.86 3.97
C SER B 264 -18.76 37.24 3.01
N TYR B 265 -20.02 37.68 3.06
CA TYR B 265 -21.01 37.13 2.16
C TYR B 265 -20.69 37.46 0.70
N ASP B 266 -20.26 38.71 0.44
CA ASP B 266 -19.89 39.07 -0.93
C ASP B 266 -18.67 38.29 -1.38
N SER B 267 -17.71 38.06 -0.49
CA SER B 267 -16.56 37.24 -0.85
C SER B 267 -16.97 35.81 -1.19
N VAL B 268 -17.90 35.25 -0.41
CA VAL B 268 -18.39 33.90 -0.69
C VAL B 268 -19.10 33.85 -2.05
N ILE B 269 -19.92 34.87 -2.33
CA ILE B 269 -20.62 34.92 -3.62
C ILE B 269 -19.62 35.02 -4.77
N ARG B 270 -18.59 35.85 -4.61
CA ARG B 270 -17.58 35.97 -5.66
C ARG B 270 -16.82 34.67 -5.86
N GLU B 271 -16.48 33.99 -4.76
CA GLU B 271 -15.78 32.71 -4.87
C GLU B 271 -16.63 31.66 -5.57
N LEU B 272 -17.93 31.64 -5.28
CA LEU B 272 -18.83 30.73 -5.98
C LEU B 272 -18.97 31.10 -7.45
N LEU B 273 -18.99 32.41 -7.74
CA LEU B 273 -19.22 32.88 -9.11
C LEU B 273 -18.01 32.68 -10.00
N GLN B 274 -16.80 32.67 -9.43
CA GLN B 274 -15.61 32.51 -10.26
C GLN B 274 -15.38 31.03 -10.58
N LYS B 275 -16.43 30.38 -11.07
CA LYS B 275 -16.39 28.98 -11.48
C LYS B 275 -17.60 28.69 -12.36
N PRO B 276 -17.54 29.03 -13.64
CA PRO B 276 -18.75 28.96 -14.49
C PRO B 276 -19.25 27.54 -14.76
N ASN B 277 -18.50 26.51 -14.39
CA ASN B 277 -18.87 25.13 -14.66
C ASN B 277 -19.46 24.44 -13.43
N ALA B 278 -19.89 25.20 -12.43
CA ALA B 278 -20.52 24.65 -11.22
C ALA B 278 -21.68 25.57 -10.85
N ARG B 279 -22.88 25.21 -11.32
CA ARG B 279 -24.07 26.02 -11.09
C ARG B 279 -24.91 25.55 -9.91
N VAL B 280 -24.84 24.27 -9.56
CA VAL B 280 -25.60 23.75 -8.42
C VAL B 280 -24.83 24.01 -7.15
N VAL B 281 -25.49 24.64 -6.18
CA VAL B 281 -24.87 25.01 -4.91
C VAL B 281 -25.64 24.33 -3.78
N VAL B 282 -24.90 23.67 -2.89
CA VAL B 282 -25.48 22.94 -1.77
C VAL B 282 -25.29 23.76 -0.50
N LEU B 283 -26.37 23.96 0.25
CA LEU B 283 -26.37 24.82 1.42
C LEU B 283 -26.69 24.01 2.67
N PHE B 284 -25.82 24.11 3.67
CA PHE B 284 -26.09 23.69 5.04
C PHE B 284 -25.94 24.94 5.91
N MET B 285 -27.01 25.74 5.99
CA MET B 285 -26.93 27.04 6.64
C MET B 285 -28.19 27.28 7.45
N ARG B 286 -28.05 28.11 8.48
CA ARG B 286 -29.18 28.53 9.29
C ARG B 286 -30.01 29.57 8.54
N SER B 287 -31.15 29.92 9.12
CA SER B 287 -32.14 30.73 8.41
C SER B 287 -31.59 32.11 8.04
N ASP B 288 -31.08 32.84 9.03
CA ASP B 288 -30.62 34.19 8.78
C ASP B 288 -29.35 34.21 7.92
N ASP B 289 -28.45 33.25 8.14
CA ASP B 289 -27.25 33.16 7.30
C ASP B 289 -27.63 32.89 5.85
N SER B 290 -28.58 31.98 5.63
CA SER B 290 -29.02 31.70 4.27
C SER B 290 -29.69 32.93 3.65
N ARG B 291 -30.48 33.65 4.44
CA ARG B 291 -31.11 34.87 3.94
C ARG B 291 -30.06 35.91 3.54
N GLU B 292 -29.03 36.09 4.37
CA GLU B 292 -27.97 37.04 4.05
C GLU B 292 -27.21 36.61 2.80
N LEU B 293 -26.94 35.31 2.66
CA LEU B 293 -26.24 34.83 1.46
C LEU B 293 -27.08 35.04 0.21
N ILE B 294 -28.39 34.78 0.30
CA ILE B 294 -29.27 35.01 -0.85
C ILE B 294 -29.33 36.49 -1.20
N ALA B 295 -29.40 37.36 -0.18
CA ALA B 295 -29.40 38.79 -0.44
C ALA B 295 -28.10 39.24 -1.09
N ALA B 296 -26.97 38.70 -0.64
CA ALA B 296 -25.69 39.04 -1.25
C ALA B 296 -25.62 38.57 -2.69
N ALA B 297 -26.14 37.37 -2.97
CA ALA B 297 -26.18 36.88 -4.34
C ALA B 297 -27.05 37.76 -5.22
N SER B 298 -28.19 38.21 -4.69
CA SER B 298 -29.05 39.12 -5.44
C SER B 298 -28.36 40.46 -5.70
N ARG B 299 -27.63 40.98 -4.71
CA ARG B 299 -26.90 42.22 -4.89
C ARG B 299 -25.78 42.06 -5.91
N ALA B 300 -25.16 40.88 -5.98
CA ALA B 300 -24.11 40.61 -6.95
C ALA B 300 -24.64 40.18 -8.30
N ASN B 301 -25.96 40.12 -8.47
CA ASN B 301 -26.59 39.72 -9.73
C ASN B 301 -26.11 38.35 -10.20
N ALA B 302 -26.02 37.42 -9.27
CA ALA B 302 -25.63 36.05 -9.57
C ALA B 302 -26.86 35.18 -9.83
N SER B 303 -26.62 34.02 -10.43
CA SER B 303 -27.68 33.07 -10.75
C SER B 303 -27.15 31.66 -10.50
N PHE B 304 -27.72 30.97 -9.51
CA PHE B 304 -27.29 29.64 -9.13
C PHE B 304 -28.51 28.75 -8.93
N THR B 305 -28.25 27.45 -8.79
CA THR B 305 -29.28 26.46 -8.51
C THR B 305 -29.06 25.97 -7.07
N TRP B 306 -29.74 26.61 -6.14
CA TRP B 306 -29.57 26.31 -4.73
C TRP B 306 -30.25 25.00 -4.36
N VAL B 307 -29.52 24.13 -3.68
CA VAL B 307 -30.05 22.89 -3.11
C VAL B 307 -29.81 22.97 -1.62
N ALA B 308 -30.80 23.42 -0.87
CA ALA B 308 -30.64 23.74 0.54
C ALA B 308 -31.23 22.64 1.42
N SER B 309 -30.96 22.77 2.72
CA SER B 309 -31.41 21.84 3.74
C SER B 309 -32.63 22.41 4.46
N ASP B 310 -33.00 21.78 5.57
CA ASP B 310 -34.17 22.22 6.33
C ASP B 310 -34.01 23.63 6.89
N GLY B 311 -32.79 24.17 6.92
CA GLY B 311 -32.60 25.53 7.36
C GLY B 311 -33.35 26.53 6.48
N TRP B 312 -33.44 26.25 5.18
CA TRP B 312 -34.26 27.05 4.27
C TRP B 312 -35.69 26.52 4.23
N GLY B 313 -35.86 25.27 3.82
CA GLY B 313 -37.19 24.67 3.79
C GLY B 313 -38.13 25.45 2.90
N ALA B 314 -39.31 25.78 3.44
CA ALA B 314 -40.32 26.56 2.73
C ALA B 314 -40.59 27.88 3.46
N GLN B 315 -39.58 28.43 4.11
CA GLN B 315 -39.75 29.68 4.84
C GLN B 315 -39.89 30.86 3.88
N GLU B 316 -40.62 31.88 4.32
CA GLU B 316 -40.87 33.07 3.52
C GLU B 316 -39.92 34.22 3.83
N SER B 317 -39.35 34.26 5.03
CA SER B 317 -38.49 35.36 5.42
C SER B 317 -37.16 35.38 4.65
N ILE B 318 -36.84 34.30 3.94
CA ILE B 318 -35.59 34.24 3.20
C ILE B 318 -35.73 34.83 1.79
N ILE B 319 -36.92 34.78 1.21
CA ILE B 319 -37.13 35.20 -0.17
C ILE B 319 -37.61 36.65 -0.22
N LYS B 320 -37.67 37.31 0.93
CA LYS B 320 -38.17 38.68 0.98
C LYS B 320 -37.19 39.62 0.28
N GLY B 321 -37.62 40.18 -0.84
CA GLY B 321 -36.85 41.16 -1.58
C GLY B 321 -35.79 40.59 -2.50
N SER B 322 -35.64 39.27 -2.56
CA SER B 322 -34.62 38.65 -3.40
C SER B 322 -35.18 37.42 -4.09
N GLU B 323 -36.40 37.53 -4.65
CA GLU B 323 -37.03 36.40 -5.30
C GLU B 323 -36.41 36.05 -6.64
N HIS B 324 -35.51 36.87 -7.17
CA HIS B 324 -34.95 36.63 -8.49
C HIS B 324 -33.90 35.51 -8.46
N VAL B 325 -32.85 35.69 -7.67
CA VAL B 325 -31.78 34.70 -7.62
C VAL B 325 -32.28 33.40 -6.98
N ALA B 326 -33.17 33.51 -5.99
CA ALA B 326 -33.68 32.33 -5.30
C ALA B 326 -34.61 31.50 -6.16
N TYR B 327 -35.02 31.99 -7.32
CA TYR B 327 -35.92 31.25 -8.19
C TYR B 327 -35.28 29.95 -8.66
N GLY B 328 -36.08 28.88 -8.66
CA GLY B 328 -35.60 27.57 -9.07
C GLY B 328 -34.87 26.79 -8.00
N ALA B 329 -34.80 27.29 -6.77
CA ALA B 329 -34.12 26.57 -5.71
C ALA B 329 -34.92 25.36 -5.26
N ILE B 330 -34.22 24.30 -4.89
CA ILE B 330 -34.82 23.08 -4.38
C ILE B 330 -34.40 22.92 -2.92
N THR B 331 -35.38 22.85 -2.03
CA THR B 331 -35.12 22.80 -0.60
C THR B 331 -35.84 21.61 0.02
N LEU B 332 -35.26 21.09 1.10
CA LEU B 332 -35.82 19.98 1.84
C LEU B 332 -36.52 20.49 3.10
N GLU B 333 -37.67 19.92 3.40
CA GLU B 333 -38.42 20.23 4.61
C GLU B 333 -38.88 18.94 5.27
N LEU B 334 -38.78 18.89 6.59
CA LEU B 334 -39.20 17.71 7.33
C LEU B 334 -40.71 17.47 7.14
N ALA B 335 -41.07 16.21 6.89
CA ALA B 335 -42.46 15.88 6.66
C ALA B 335 -43.24 15.93 7.96
N SER B 336 -44.31 16.74 7.98
CA SER B 336 -45.12 16.91 9.18
C SER B 336 -46.54 17.22 8.76
N GLN B 337 -47.49 16.61 9.46
CA GLN B 337 -48.91 16.79 9.17
C GLN B 337 -49.61 17.53 10.30
N PRO B 338 -50.58 18.37 9.99
CA PRO B 338 -51.34 19.06 11.04
C PRO B 338 -52.24 18.10 11.80
N VAL B 339 -52.52 18.45 13.05
CA VAL B 339 -53.43 17.69 13.90
C VAL B 339 -54.64 18.58 14.17
N ARG B 340 -55.81 18.13 13.69
CA ARG B 340 -57.02 18.92 13.87
C ARG B 340 -57.52 18.85 15.31
N GLN B 341 -57.38 17.69 15.95
CA GLN B 341 -57.82 17.55 17.33
C GLN B 341 -57.04 18.49 18.25
N PHE B 342 -55.72 18.61 18.04
CA PHE B 342 -54.93 19.55 18.82
C PHE B 342 -55.37 20.98 18.54
N ASP B 343 -55.73 21.28 17.29
CA ASP B 343 -56.23 22.61 16.97
C ASP B 343 -57.49 22.93 17.74
N ARG B 344 -58.43 21.98 17.78
CA ARG B 344 -59.66 22.19 18.54
C ARG B 344 -59.37 22.33 20.04
N TYR B 345 -58.45 21.52 20.56
CA TYR B 345 -58.11 21.60 21.97
C TYR B 345 -57.47 22.94 22.33
N PHE B 346 -56.58 23.43 21.47
CA PHE B 346 -55.85 24.66 21.76
C PHE B 346 -56.75 25.89 21.58
N GLN B 347 -57.62 25.88 20.57
CA GLN B 347 -58.49 27.03 20.33
C GLN B 347 -59.56 27.20 21.40
N SER B 348 -59.75 26.20 22.27
CA SER B 348 -60.74 26.27 23.34
C SER B 348 -60.07 26.41 24.70
N LEU B 349 -58.96 27.13 24.76
CA LEU B 349 -58.21 27.35 25.99
C LEU B 349 -58.35 28.80 26.43
N ASN B 350 -58.68 29.01 27.69
CA ASN B 350 -58.85 30.33 28.28
C ASN B 350 -58.09 30.40 29.59
N PRO B 351 -57.69 31.60 30.02
CA PRO B 351 -56.99 31.73 31.30
C PRO B 351 -57.85 31.35 32.50
N TYR B 352 -59.18 31.32 32.35
CA TYR B 352 -60.07 31.05 33.47
C TYR B 352 -60.43 29.58 33.63
N ASN B 353 -60.20 28.75 32.61
CA ASN B 353 -60.50 27.33 32.70
C ASN B 353 -59.29 26.44 32.57
N ASN B 354 -58.11 26.98 32.27
CA ASN B 354 -56.87 26.21 32.15
C ASN B 354 -56.03 26.52 33.39
N HIS B 355 -56.20 25.72 34.43
CA HIS B 355 -55.48 25.92 35.68
C HIS B 355 -54.26 25.01 35.83
N ARG B 356 -54.17 23.95 35.03
CA ARG B 356 -53.01 23.05 35.13
C ARG B 356 -51.74 23.72 34.64
N ASN B 357 -51.85 24.66 33.70
CA ASN B 357 -50.68 25.32 33.13
C ASN B 357 -50.37 26.59 33.90
N PRO B 358 -49.25 26.67 34.62
CA PRO B 358 -48.90 27.91 35.32
C PRO B 358 -48.32 28.98 34.41
N TRP B 359 -47.88 28.63 33.20
CA TRP B 359 -47.32 29.59 32.27
C TRP B 359 -48.35 30.18 31.31
N PHE B 360 -49.63 29.78 31.44
CA PHE B 360 -50.63 30.23 30.47
C PHE B 360 -50.98 31.70 30.67
N ARG B 361 -50.96 32.20 31.90
CA ARG B 361 -51.26 33.61 32.14
C ARG B 361 -50.23 34.51 31.47
N ASP B 362 -48.94 34.19 31.66
CA ASP B 362 -47.89 34.98 31.03
C ASP B 362 -47.94 34.88 29.52
N PHE B 363 -48.23 33.68 28.99
CA PHE B 363 -48.36 33.52 27.55
C PHE B 363 -49.50 34.36 26.99
N TRP B 364 -50.65 34.36 27.69
CA TRP B 364 -51.79 35.16 27.25
C TRP B 364 -51.46 36.64 27.27
N GLU B 365 -50.82 37.10 28.35
CA GLU B 365 -50.46 38.51 28.46
C GLU B 365 -49.48 38.93 27.39
N GLN B 366 -48.50 38.07 27.08
CA GLN B 366 -47.51 38.40 26.06
C GLN B 366 -48.12 38.35 24.66
N LYS B 367 -49.05 37.42 24.43
CA LYS B 367 -49.65 37.29 23.11
C LYS B 367 -50.60 38.44 22.81
N PHE B 368 -51.46 38.79 23.76
CA PHE B 368 -52.45 39.84 23.54
C PHE B 368 -52.00 41.21 24.03
N GLN B 369 -50.80 41.32 24.58
CA GLN B 369 -50.22 42.60 25.02
C GLN B 369 -51.14 43.32 25.99
N CYS B 370 -51.79 42.57 26.87
CA CYS B 370 -52.69 43.11 27.87
C CYS B 370 -52.38 42.49 29.23
N SER B 371 -53.06 42.97 30.26
CA SER B 371 -52.89 42.48 31.62
C SER B 371 -54.24 42.13 32.21
N LEU B 372 -54.37 40.90 32.71
CA LEU B 372 -55.63 40.50 33.33
C LEU B 372 -55.90 41.30 34.60
N GLN B 373 -54.87 41.54 35.41
CA GLN B 373 -54.97 42.34 36.63
C GLN B 373 -54.07 43.56 36.46
N ASN B 374 -54.63 44.63 35.90
CA ASN B 374 -53.87 45.85 35.62
C ASN B 374 -53.71 46.62 36.94
N LYS B 375 -52.56 46.43 37.60
CA LYS B 375 -52.27 47.12 38.85
C LYS B 375 -51.39 48.33 38.53
N ARG B 376 -52.03 49.37 38.00
CA ARG B 376 -51.36 50.62 37.61
C ARG B 376 -50.22 50.36 36.63
N ASN B 377 -50.43 49.41 35.72
CA ASN B 377 -49.44 49.05 34.71
C ASN B 377 -49.74 49.77 33.40
N HIS B 378 -48.71 49.85 32.55
CA HIS B 378 -48.83 50.50 31.24
C HIS B 378 -49.28 49.49 30.19
N ARG B 379 -50.47 48.94 30.42
CA ARG B 379 -51.05 47.96 29.51
C ARG B 379 -52.57 47.99 29.66
N ARG B 380 -53.26 47.61 28.60
CA ARG B 380 -54.71 47.58 28.60
C ARG B 380 -55.21 46.35 29.35
N VAL B 381 -56.48 46.42 29.76
CA VAL B 381 -57.12 45.31 30.45
C VAL B 381 -57.60 44.30 29.42
N CYS B 382 -57.26 43.03 29.62
CA CYS B 382 -57.66 41.98 28.70
C CYS B 382 -59.17 41.87 28.62
N ASP B 383 -59.70 41.82 27.41
CA ASP B 383 -61.14 41.70 27.21
C ASP B 383 -61.61 40.31 27.65
N LYS B 384 -62.77 40.27 28.31
CA LYS B 384 -63.31 39.00 28.77
C LYS B 384 -63.76 38.11 27.61
N HIS B 385 -64.02 38.69 26.45
CA HIS B 385 -64.42 37.92 25.26
C HIS B 385 -63.25 37.58 24.36
N LEU B 386 -62.03 37.91 24.75
CA LEU B 386 -60.86 37.59 23.94
C LEU B 386 -60.66 36.08 23.87
N ALA B 387 -60.35 35.60 22.66
CA ALA B 387 -60.10 34.19 22.44
C ALA B 387 -59.13 34.03 21.28
N ILE B 388 -58.49 32.87 21.23
CA ILE B 388 -57.52 32.56 20.17
C ILE B 388 -58.19 31.65 19.16
N ASP B 389 -58.04 31.98 17.88
CA ASP B 389 -58.65 31.26 16.78
C ASP B 389 -57.61 31.07 15.69
N SER B 390 -58.06 30.57 14.54
CA SER B 390 -57.14 30.34 13.42
C SER B 390 -56.55 31.63 12.88
N SER B 391 -57.18 32.78 13.14
CA SER B 391 -56.66 34.04 12.62
C SER B 391 -55.30 34.39 13.22
N ASN B 392 -55.15 34.19 14.53
CA ASN B 392 -53.93 34.56 15.23
C ASN B 392 -53.15 33.36 15.77
N TYR B 393 -53.54 32.15 15.41
CA TYR B 393 -52.87 30.94 15.89
C TYR B 393 -52.63 29.99 14.73
N GLU B 394 -51.42 29.44 14.66
CA GLU B 394 -51.05 28.45 13.67
C GLU B 394 -50.34 27.29 14.37
N GLN B 395 -50.69 26.07 13.97
CA GLN B 395 -50.11 24.90 14.61
C GLN B 395 -48.62 24.79 14.33
N GLU B 396 -47.86 24.45 15.36
CA GLU B 396 -46.43 24.26 15.21
C GLU B 396 -46.14 22.98 14.45
N SER B 397 -44.97 22.93 13.80
CA SER B 397 -44.66 21.84 12.88
C SER B 397 -44.34 20.54 13.59
N LYS B 398 -44.01 20.56 14.88
CA LYS B 398 -43.60 19.36 15.60
C LYS B 398 -44.61 18.94 16.66
N ILE B 399 -45.85 19.44 16.57
CA ILE B 399 -46.91 18.98 17.47
C ILE B 399 -47.16 17.49 17.28
N MET B 400 -47.19 17.03 16.03
CA MET B 400 -47.38 15.62 15.77
C MET B 400 -46.21 14.79 16.25
N PHE B 401 -44.99 15.33 16.19
CA PHE B 401 -43.84 14.62 16.75
C PHE B 401 -43.94 14.50 18.26
N VAL B 402 -44.39 15.56 18.94
CA VAL B 402 -44.58 15.49 20.39
C VAL B 402 -45.64 14.44 20.73
N VAL B 403 -46.74 14.44 20.00
CA VAL B 403 -47.80 13.47 20.23
C VAL B 403 -47.29 12.05 19.99
N ASN B 404 -46.49 11.86 18.93
CA ASN B 404 -45.93 10.55 18.64
C ASN B 404 -45.00 10.09 19.76
N ALA B 405 -44.18 11.00 20.29
CA ALA B 405 -43.29 10.62 21.39
C ALA B 405 -44.08 10.21 22.62
N VAL B 406 -45.10 10.98 22.98
CA VAL B 406 -45.91 10.65 24.14
C VAL B 406 -46.61 9.30 23.95
N TYR B 407 -47.18 9.08 22.77
CA TYR B 407 -47.87 7.83 22.50
C TYR B 407 -46.91 6.64 22.44
N ALA B 408 -45.67 6.87 21.98
CA ALA B 408 -44.67 5.81 21.99
C ALA B 408 -44.32 5.41 23.42
N MET B 409 -44.13 6.40 24.30
CA MET B 409 -43.89 6.08 25.70
C MET B 409 -45.07 5.32 26.30
N ALA B 410 -46.29 5.77 25.99
CA ALA B 410 -47.48 5.10 26.52
C ALA B 410 -47.58 3.67 26.02
N HIS B 411 -47.28 3.44 24.74
CA HIS B 411 -47.33 2.09 24.17
C HIS B 411 -46.28 1.20 24.79
N ALA B 412 -45.07 1.73 25.02
CA ALA B 412 -44.03 0.94 25.68
C ALA B 412 -44.46 0.54 27.08
N LEU B 413 -45.03 1.49 27.84
CA LEU B 413 -45.51 1.16 29.18
C LEU B 413 -46.64 0.13 29.13
N HIS B 414 -47.54 0.27 28.15
CA HIS B 414 -48.65 -0.67 28.02
C HIS B 414 -48.16 -2.08 27.72
N LYS B 415 -47.21 -2.21 26.79
CA LYS B 415 -46.66 -3.53 26.50
C LYS B 415 -45.93 -4.12 27.69
N MET B 416 -45.18 -3.28 28.42
CA MET B 416 -44.50 -3.76 29.61
C MET B 416 -45.50 -4.26 30.66
N GLN B 417 -46.60 -3.53 30.85
CA GLN B 417 -47.62 -3.95 31.81
C GLN B 417 -48.30 -5.23 31.37
N ARG B 418 -48.59 -5.37 30.07
CA ARG B 418 -49.21 -6.59 29.58
C ARG B 418 -48.28 -7.78 29.72
N THR B 419 -46.98 -7.60 29.48
CA THR B 419 -46.07 -8.74 29.47
C THR B 419 -45.68 -9.15 30.88
N LEU B 420 -45.35 -8.19 31.75
CA LEU B 420 -44.85 -8.53 33.08
C LEU B 420 -45.94 -9.18 33.93
N CYS B 421 -47.12 -8.56 33.99
CA CYS B 421 -48.22 -9.05 34.82
C CYS B 421 -49.51 -9.12 34.01
N PRO B 422 -49.83 -10.29 33.43
CA PRO B 422 -51.07 -10.43 32.69
C PRO B 422 -52.24 -10.73 33.63
N ASN B 423 -53.41 -10.95 33.02
CA ASN B 423 -54.65 -11.31 33.72
C ASN B 423 -55.12 -10.23 34.69
N THR B 424 -54.60 -9.01 34.56
CA THR B 424 -55.02 -7.91 35.40
C THR B 424 -54.74 -6.60 34.68
N THR B 425 -55.45 -5.55 35.09
CA THR B 425 -55.29 -4.21 34.53
C THR B 425 -55.14 -3.23 35.70
N LYS B 426 -53.90 -3.09 36.18
CA LYS B 426 -53.59 -2.20 37.29
C LYS B 426 -52.08 -2.14 37.44
N LEU B 427 -51.62 -1.26 38.32
CA LEU B 427 -50.19 -1.18 38.62
C LEU B 427 -49.78 -2.35 39.49
N CYS B 428 -48.84 -3.14 39.00
CA CYS B 428 -48.45 -4.39 39.65
C CYS B 428 -47.22 -4.18 40.54
N ASP B 429 -46.97 -5.18 41.40
CA ASP B 429 -45.79 -5.15 42.25
C ASP B 429 -44.51 -5.30 41.44
N ALA B 430 -44.54 -6.09 40.36
CA ALA B 430 -43.36 -6.25 39.53
C ALA B 430 -42.99 -4.97 38.81
N MET B 431 -43.98 -4.12 38.53
CA MET B 431 -43.74 -2.84 37.87
C MET B 431 -43.39 -1.73 38.85
N LYS B 432 -43.38 -2.02 40.16
CA LYS B 432 -43.03 -0.99 41.14
C LYS B 432 -41.57 -0.57 40.99
N ILE B 433 -40.68 -1.52 40.73
CA ILE B 433 -39.27 -1.17 40.56
C ILE B 433 -39.06 -0.37 39.28
N LEU B 434 -39.80 -0.71 38.23
CA LEU B 434 -39.78 0.05 36.96
C LEU B 434 -38.37 0.14 36.39
N ASP B 435 -37.83 -1.02 36.02
CA ASP B 435 -36.48 -1.09 35.46
C ASP B 435 -36.46 -0.37 34.11
N GLY B 436 -35.55 0.61 33.98
CA GLY B 436 -35.47 1.37 32.74
C GLY B 436 -34.78 0.64 31.61
N LYS B 437 -33.82 -0.22 31.93
CA LYS B 437 -33.09 -0.94 30.89
C LYS B 437 -34.02 -1.88 30.11
N LYS B 438 -34.86 -2.63 30.83
CA LYS B 438 -35.80 -3.52 30.16
C LYS B 438 -36.87 -2.73 29.42
N LEU B 439 -37.31 -1.61 29.98
CA LEU B 439 -38.32 -0.79 29.33
C LEU B 439 -37.80 -0.20 28.02
N TYR B 440 -36.53 0.22 28.00
CA TYR B 440 -35.99 0.89 26.81
C TYR B 440 -35.48 -0.11 25.78
N LYS B 441 -34.53 -0.97 26.19
CA LYS B 441 -33.85 -1.82 25.21
C LYS B 441 -34.74 -2.93 24.66
N ASP B 442 -35.81 -3.30 25.37
CA ASP B 442 -36.67 -4.40 24.95
C ASP B 442 -38.02 -3.94 24.43
N TYR B 443 -38.68 -3.03 25.14
CA TYR B 443 -40.04 -2.61 24.80
C TYR B 443 -40.09 -1.32 23.99
N LEU B 444 -39.35 -0.29 24.42
CA LEU B 444 -39.44 1.00 23.74
C LEU B 444 -38.84 0.94 22.34
N LEU B 445 -37.73 0.23 22.17
CA LEU B 445 -37.07 0.17 20.88
C LEU B 445 -37.74 -0.78 19.89
N LYS B 446 -38.74 -1.53 20.34
CA LYS B 446 -39.42 -2.52 19.50
C LYS B 446 -40.91 -2.19 19.37
N ILE B 447 -41.23 -0.92 19.14
CA ILE B 447 -42.62 -0.49 18.97
C ILE B 447 -42.94 -0.44 17.48
N ASN B 448 -44.22 -0.65 17.16
CA ASN B 448 -44.69 -0.55 15.79
C ASN B 448 -46.19 -0.23 15.85
N PHE B 449 -46.52 1.04 15.64
CA PHE B 449 -47.92 1.46 15.70
C PHE B 449 -48.10 2.67 14.80
N THR B 450 -49.31 2.82 14.27
CA THR B 450 -49.63 3.93 13.40
C THR B 450 -49.87 5.20 14.22
N ALA B 451 -49.85 6.33 13.53
CA ALA B 451 -50.08 7.61 14.19
C ALA B 451 -51.48 7.65 14.79
N PRO B 452 -51.62 8.04 16.06
CA PRO B 452 -52.96 8.00 16.69
C PRO B 452 -53.99 8.89 16.02
N PHE B 453 -53.59 10.02 15.46
CA PHE B 453 -54.51 11.00 14.90
C PHE B 453 -54.32 11.15 13.39
N ASN B 454 -54.03 10.04 12.70
CA ASN B 454 -53.88 10.03 11.25
C ASN B 454 -54.71 8.88 10.70
N PRO B 455 -56.03 9.08 10.54
CA PRO B 455 -56.87 8.02 9.97
C PRO B 455 -56.78 7.91 8.46
N ASN B 456 -56.16 8.88 7.78
CA ASN B 456 -56.10 8.84 6.33
C ASN B 456 -54.94 7.97 5.84
N LYS B 457 -53.74 8.20 6.37
CA LYS B 457 -52.55 7.48 5.95
C LYS B 457 -52.18 6.45 7.02
N ASP B 458 -51.97 5.21 6.61
CA ASP B 458 -51.59 4.13 7.51
C ASP B 458 -50.27 3.46 7.15
N ALA B 459 -49.74 3.66 5.95
CA ALA B 459 -48.48 3.06 5.55
C ALA B 459 -47.29 3.96 5.79
N ASP B 460 -47.47 5.28 5.65
CA ASP B 460 -46.40 6.25 5.86
C ASP B 460 -46.50 6.92 7.22
N SER B 461 -47.36 6.43 8.11
CA SER B 461 -47.55 7.02 9.43
C SER B 461 -47.24 6.01 10.54
N ILE B 462 -46.25 5.16 10.31
CA ILE B 462 -45.84 4.16 11.29
C ILE B 462 -44.75 4.76 12.18
N VAL B 463 -44.97 4.71 13.49
CA VAL B 463 -44.03 5.25 14.47
C VAL B 463 -43.19 4.11 15.00
N LYS B 464 -41.88 4.18 14.76
CA LYS B 464 -40.96 3.15 15.25
C LYS B 464 -39.55 3.74 15.30
N PHE B 465 -38.70 3.11 16.10
CA PHE B 465 -37.31 3.50 16.24
C PHE B 465 -36.41 2.41 15.66
N ASP B 466 -35.33 2.82 15.02
CA ASP B 466 -34.36 1.89 14.47
C ASP B 466 -33.42 1.42 15.57
N THR B 467 -32.33 0.74 15.19
CA THR B 467 -31.41 0.21 16.18
C THR B 467 -30.73 1.31 16.99
N PHE B 468 -30.59 2.50 16.41
CA PHE B 468 -29.99 3.64 17.10
C PHE B 468 -31.02 4.50 17.81
N GLY B 469 -32.28 4.09 17.85
CA GLY B 469 -33.32 4.85 18.52
C GLY B 469 -33.63 6.18 17.86
N ASP B 470 -33.69 6.21 16.53
CA ASP B 470 -33.99 7.41 15.78
C ASP B 470 -35.26 7.20 14.95
N GLY B 471 -36.00 8.27 14.76
CA GLY B 471 -37.23 8.20 14.00
C GLY B 471 -36.98 8.03 12.51
N MET B 472 -38.05 7.65 11.80
CA MET B 472 -37.96 7.44 10.36
C MET B 472 -37.73 8.76 9.64
N GLY B 473 -36.84 8.74 8.65
CA GLY B 473 -36.51 9.94 7.92
C GLY B 473 -37.42 10.20 6.74
N ARG B 474 -38.37 11.12 6.90
CA ARG B 474 -39.28 11.52 5.84
C ARG B 474 -39.15 13.01 5.61
N TYR B 475 -38.90 13.40 4.36
CA TYR B 475 -38.70 14.79 3.98
C TYR B 475 -39.52 15.11 2.74
N ASN B 476 -39.89 16.38 2.62
CA ASN B 476 -40.65 16.88 1.48
C ASN B 476 -39.74 17.78 0.64
N VAL B 477 -39.73 17.53 -0.67
CA VAL B 477 -38.92 18.31 -1.60
C VAL B 477 -39.76 19.48 -2.09
N PHE B 478 -39.26 20.70 -1.89
CA PHE B 478 -39.95 21.92 -2.28
C PHE B 478 -39.14 22.63 -3.35
N ASN B 479 -39.82 23.07 -4.41
CA ASN B 479 -39.21 23.85 -5.47
C ASN B 479 -39.79 25.25 -5.48
N PHE B 480 -38.92 26.25 -5.41
CA PHE B 480 -39.36 27.65 -5.38
C PHE B 480 -39.66 28.08 -6.82
N GLN B 481 -40.93 28.28 -7.12
CA GLN B 481 -41.38 28.58 -8.48
C GLN B 481 -42.26 29.83 -8.46
N ASN B 482 -42.65 30.26 -9.65
CA ASN B 482 -43.54 31.41 -9.82
C ASN B 482 -44.81 30.98 -10.55
N VAL B 483 -45.83 31.83 -10.45
CA VAL B 483 -47.12 31.56 -11.06
C VAL B 483 -47.44 32.53 -12.20
N GLY B 484 -46.73 33.65 -12.30
CA GLY B 484 -47.09 34.69 -13.23
C GLY B 484 -47.08 36.05 -12.57
N GLY B 485 -46.46 36.14 -11.40
CA GLY B 485 -46.44 37.37 -10.63
C GLY B 485 -46.47 37.09 -9.14
N LYS B 486 -46.78 35.85 -8.77
CA LYS B 486 -46.79 35.41 -7.39
C LYS B 486 -45.75 34.31 -7.21
N TYR B 487 -44.89 34.47 -6.20
CA TYR B 487 -43.84 33.50 -5.91
C TYR B 487 -44.22 32.70 -4.67
N SER B 488 -44.17 31.37 -4.80
CA SER B 488 -44.53 30.50 -3.69
C SER B 488 -43.83 29.16 -3.87
N TYR B 489 -43.76 28.40 -2.77
CA TYR B 489 -43.15 27.08 -2.77
C TYR B 489 -44.17 26.03 -3.18
N LEU B 490 -43.70 25.01 -3.89
CA LEU B 490 -44.54 23.89 -4.31
C LEU B 490 -43.82 22.59 -3.98
N LYS B 491 -44.55 21.65 -3.38
CA LYS B 491 -43.99 20.34 -3.06
C LYS B 491 -43.91 19.51 -4.34
N VAL B 492 -42.69 19.23 -4.78
CA VAL B 492 -42.46 18.51 -6.04
C VAL B 492 -41.85 17.14 -5.80
N GLY B 493 -41.88 16.64 -4.57
CA GLY B 493 -41.32 15.33 -4.29
C GLY B 493 -41.41 15.00 -2.82
N HIS B 494 -40.90 13.82 -2.49
N HIS B 494 -40.90 13.82 -2.49
CA HIS B 494 -40.91 13.32 -1.12
CA HIS B 494 -40.91 13.32 -1.12
C HIS B 494 -39.83 12.26 -0.98
C HIS B 494 -39.83 12.26 -0.98
N TRP B 495 -39.09 12.33 0.13
CA TRP B 495 -38.02 11.38 0.42
C TRP B 495 -38.31 10.68 1.74
N ALA B 496 -38.72 9.42 1.66
CA ALA B 496 -38.89 8.56 2.84
C ALA B 496 -38.17 7.25 2.53
N GLU B 497 -36.86 7.23 2.76
CA GLU B 497 -35.94 6.12 2.49
C GLU B 497 -35.80 5.85 0.99
N THR B 498 -36.56 6.53 0.15
CA THR B 498 -36.49 6.39 -1.31
C THR B 498 -36.63 7.76 -1.94
N LEU B 499 -36.23 7.85 -3.20
CA LEU B 499 -36.28 9.11 -3.95
C LEU B 499 -37.48 9.09 -4.89
N SER B 500 -38.26 10.17 -4.87
CA SER B 500 -39.45 10.27 -5.71
C SER B 500 -39.75 11.74 -5.94
N LEU B 501 -39.53 12.20 -7.18
CA LEU B 501 -39.78 13.59 -7.55
C LEU B 501 -40.75 13.64 -8.73
N ASP B 502 -41.17 14.87 -9.05
CA ASP B 502 -42.05 15.14 -10.19
C ASP B 502 -41.37 16.20 -11.04
N VAL B 503 -40.61 15.75 -12.04
CA VAL B 503 -39.81 16.68 -12.85
C VAL B 503 -40.70 17.61 -13.65
N ASN B 504 -41.90 17.16 -14.02
CA ASN B 504 -42.78 17.98 -14.85
C ASN B 504 -43.19 19.26 -14.13
N SER B 505 -43.49 19.17 -12.83
CA SER B 505 -43.91 20.34 -12.07
C SER B 505 -42.76 21.21 -11.59
N ILE B 506 -41.52 20.77 -11.78
CA ILE B 506 -40.36 21.53 -11.32
C ILE B 506 -40.06 22.64 -12.32
N HIS B 507 -39.85 23.85 -11.82
CA HIS B 507 -39.53 25.01 -12.64
C HIS B 507 -38.06 25.40 -12.46
N TRP B 508 -37.44 25.81 -13.56
CA TRP B 508 -36.04 26.22 -13.67
C TRP B 508 -35.08 25.05 -13.54
N SER B 509 -35.57 23.86 -13.19
CA SER B 509 -34.75 22.65 -13.19
C SER B 509 -35.31 21.56 -14.09
N ARG B 510 -36.50 21.74 -14.67
CA ARG B 510 -36.95 20.85 -15.73
C ARG B 510 -36.01 20.93 -16.93
N ASN B 511 -35.60 22.16 -17.29
CA ASN B 511 -34.47 22.37 -18.17
C ASN B 511 -33.22 22.31 -17.29
N SER B 512 -32.86 21.07 -16.92
CA SER B 512 -31.82 20.85 -15.92
C SER B 512 -30.51 21.51 -16.32
N VAL B 513 -29.91 22.23 -15.39
CA VAL B 513 -28.65 22.92 -15.68
C VAL B 513 -27.54 21.90 -15.86
N PRO B 514 -26.81 21.92 -16.97
CA PRO B 514 -25.74 20.94 -17.18
C PRO B 514 -24.57 21.21 -16.24
N THR B 515 -24.34 20.27 -15.32
CA THR B 515 -23.23 20.36 -14.36
C THR B 515 -22.48 19.04 -14.40
N SER B 516 -21.55 18.94 -15.35
CA SER B 516 -20.72 17.75 -15.51
C SER B 516 -19.53 17.82 -14.56
N GLN B 517 -18.80 16.70 -14.47
CA GLN B 517 -17.66 16.58 -13.56
C GLN B 517 -16.44 17.29 -14.13
N CYS B 518 -16.61 18.60 -14.37
CA CYS B 518 -15.55 19.49 -14.82
C CYS B 518 -14.91 19.04 -16.13
N SER B 519 -15.55 18.14 -16.87
CA SER B 519 -15.00 17.60 -18.11
C SER B 519 -16.11 16.84 -18.82
N ASP B 520 -15.74 16.21 -19.94
CA ASP B 520 -16.63 15.38 -20.72
C ASP B 520 -15.95 14.04 -21.00
N PRO B 521 -16.72 12.97 -21.14
CA PRO B 521 -16.11 11.65 -21.41
C PRO B 521 -15.46 11.62 -22.78
N CYS B 522 -14.15 11.41 -22.81
CA CYS B 522 -13.39 11.32 -24.04
C CYS B 522 -12.91 9.89 -24.25
N ALA B 523 -13.02 9.41 -25.49
CA ALA B 523 -12.66 8.04 -25.80
C ALA B 523 -11.16 7.83 -25.65
N PRO B 524 -10.73 6.61 -25.30
CA PRO B 524 -9.30 6.36 -25.07
C PRO B 524 -8.45 6.29 -26.33
N ASN B 525 -8.96 6.75 -27.47
CA ASN B 525 -8.21 6.68 -28.74
C ASN B 525 -7.14 7.76 -28.74
N GLU B 526 -6.03 7.47 -28.07
CA GLU B 526 -4.89 8.39 -27.97
C GLU B 526 -5.32 9.74 -27.42
N MET B 527 -6.12 9.73 -26.36
CA MET B 527 -6.71 10.94 -25.79
C MET B 527 -6.29 10.96 -24.32
N LYS B 528 -5.13 11.55 -24.05
CA LYS B 528 -4.58 11.51 -22.70
C LYS B 528 -5.38 12.41 -21.76
N ASN B 529 -5.58 11.94 -20.53
CA ASN B 529 -6.29 12.70 -19.50
C ASN B 529 -5.27 13.27 -18.53
N MET B 530 -5.05 14.58 -18.59
CA MET B 530 -4.12 15.26 -17.71
C MET B 530 -4.90 16.01 -16.63
N GLN B 531 -4.54 15.76 -15.37
CA GLN B 531 -5.28 16.34 -14.26
C GLN B 531 -4.80 17.75 -13.96
N PRO B 532 -5.68 18.76 -13.99
CA PRO B 532 -5.30 20.09 -13.52
C PRO B 532 -5.18 20.14 -12.00
N GLY B 533 -5.01 21.35 -11.44
CA GLY B 533 -4.91 21.49 -10.01
C GLY B 533 -6.09 20.90 -9.26
N ASP B 534 -7.28 20.93 -9.86
CA ASP B 534 -8.44 20.27 -9.29
C ASP B 534 -8.42 18.79 -9.68
N VAL B 535 -8.62 17.92 -8.68
CA VAL B 535 -8.49 16.49 -8.92
C VAL B 535 -9.61 15.97 -9.82
N CYS B 536 -10.82 16.50 -9.65
CA CYS B 536 -11.96 16.01 -10.43
C CYS B 536 -11.93 16.48 -11.88
N CYS B 537 -11.28 17.61 -12.16
CA CYS B 537 -11.29 18.16 -13.50
C CYS B 537 -10.40 17.33 -14.44
N TRP B 538 -10.82 17.25 -15.70
CA TRP B 538 -10.05 16.60 -16.75
C TRP B 538 -10.07 17.51 -17.98
N ILE B 539 -9.00 17.43 -18.76
CA ILE B 539 -8.87 18.24 -19.97
C ILE B 539 -8.86 17.41 -21.26
N CYS B 540 -8.50 16.12 -21.18
CA CYS B 540 -8.53 15.22 -22.34
C CYS B 540 -7.69 15.78 -23.50
N ILE B 541 -6.41 16.00 -23.24
CA ILE B 541 -5.51 16.51 -24.28
C ILE B 541 -4.98 15.33 -25.10
N PRO B 542 -4.95 15.45 -26.43
CA PRO B 542 -4.42 14.35 -27.25
C PRO B 542 -2.92 14.19 -27.07
N CYS B 543 -2.44 12.99 -27.34
CA CYS B 543 -1.01 12.74 -27.50
C CYS B 543 -0.71 12.50 -28.97
N GLU B 544 0.54 12.16 -29.26
CA GLU B 544 0.95 11.94 -30.64
C GLU B 544 0.25 10.71 -31.20
N PRO B 545 -0.17 10.75 -32.47
CA PRO B 545 -0.88 9.58 -33.04
C PRO B 545 -0.04 8.31 -33.05
N TYR B 546 1.27 8.42 -33.27
CA TYR B 546 2.12 7.23 -33.25
C TYR B 546 2.29 6.65 -31.85
N GLU B 547 2.08 7.46 -30.82
CA GLU B 547 2.16 6.96 -29.45
C GLU B 547 0.95 6.09 -29.13
N TYR B 548 1.22 4.96 -28.47
CA TYR B 548 0.16 4.02 -28.09
C TYR B 548 -0.15 4.20 -26.61
N LEU B 549 -1.43 4.41 -26.30
CA LEU B 549 -1.85 4.67 -24.92
C LEU B 549 -1.61 3.46 -24.05
N ALA B 550 -1.08 3.70 -22.85
CA ALA B 550 -0.87 2.65 -21.86
C ALA B 550 -1.37 3.01 -20.46
N ASP B 551 -1.58 4.28 -20.16
CA ASP B 551 -2.07 4.70 -18.85
C ASP B 551 -3.08 5.83 -19.05
N GLU B 552 -3.46 6.47 -17.96
CA GLU B 552 -4.43 7.57 -18.00
C GLU B 552 -3.79 8.94 -17.91
N PHE B 553 -2.80 9.10 -17.03
CA PHE B 553 -2.14 10.40 -16.85
C PHE B 553 -1.03 10.65 -17.87
N THR B 554 -0.67 9.64 -18.66
CA THR B 554 0.35 9.81 -19.68
C THR B 554 0.04 8.88 -20.85
N CYS B 555 0.58 9.22 -22.01
CA CYS B 555 0.29 8.45 -23.22
C CYS B 555 1.18 7.23 -23.36
N MET B 556 2.42 7.31 -22.85
CA MET B 556 3.30 6.15 -22.68
C MET B 556 3.56 5.45 -24.02
N ASP B 557 4.25 6.17 -24.89
CA ASP B 557 4.62 5.64 -26.20
C ASP B 557 5.42 4.35 -26.07
N CYS B 558 5.09 3.37 -26.91
CA CYS B 558 5.79 2.10 -26.97
C CYS B 558 6.25 1.86 -28.40
N GLY B 559 7.51 1.46 -28.57
CA GLY B 559 8.04 1.17 -29.88
C GLY B 559 8.45 2.40 -30.66
N SER B 560 9.56 2.31 -31.40
CA SER B 560 10.06 3.42 -32.20
C SER B 560 9.69 3.18 -33.66
N GLY B 561 8.47 3.57 -34.02
CA GLY B 561 8.00 3.43 -35.39
C GLY B 561 6.89 2.42 -35.55
N GLN B 562 6.10 2.22 -34.49
CA GLN B 562 4.99 1.27 -34.50
C GLN B 562 3.71 1.98 -34.11
N TRP B 563 2.67 1.83 -34.93
CA TRP B 563 1.37 2.41 -34.64
C TRP B 563 0.58 1.52 -33.70
N PRO B 564 -0.34 2.10 -32.91
CA PRO B 564 -1.22 1.27 -32.08
C PRO B 564 -2.29 0.57 -32.90
N THR B 565 -3.17 -0.20 -32.24
CA THR B 565 -4.27 -0.86 -32.93
C THR B 565 -5.61 -0.25 -32.56
N ALA B 566 -5.98 -0.25 -31.28
CA ALA B 566 -7.09 0.57 -30.81
C ALA B 566 -6.64 1.61 -29.80
N ASP B 567 -6.08 1.20 -28.66
CA ASP B 567 -5.40 2.12 -27.76
C ASP B 567 -4.10 1.59 -27.18
N LEU B 568 -3.94 0.29 -26.98
CA LEU B 568 -2.80 -0.25 -26.25
C LEU B 568 -2.10 -1.40 -26.96
N THR B 569 -2.86 -2.26 -27.65
CA THR B 569 -2.31 -3.51 -28.15
C THR B 569 -1.28 -3.33 -29.27
N GLY B 570 -1.15 -2.13 -29.82
CA GLY B 570 -0.24 -1.92 -30.92
C GLY B 570 1.18 -1.59 -30.51
N CYS B 571 1.72 -2.35 -29.56
CA CYS B 571 3.11 -2.22 -29.15
C CYS B 571 4.04 -3.20 -29.86
N TYR B 572 3.50 -4.01 -30.77
CA TYR B 572 4.31 -4.95 -31.51
C TYR B 572 5.11 -4.25 -32.61
N ASP B 573 6.09 -4.96 -33.16
CA ASP B 573 6.94 -4.40 -34.20
C ASP B 573 6.12 -4.16 -35.47
N LEU B 574 6.34 -3.01 -36.09
CA LEU B 574 5.65 -2.67 -37.33
C LEU B 574 6.26 -3.44 -38.49
N PRO B 575 5.46 -4.12 -39.31
CA PRO B 575 6.01 -4.86 -40.46
C PRO B 575 6.68 -3.91 -41.45
N GLU B 576 7.95 -4.17 -41.72
CA GLU B 576 8.71 -3.31 -42.62
C GLU B 576 8.28 -3.55 -44.07
N ASP B 577 8.26 -2.48 -44.85
CA ASP B 577 7.92 -2.54 -46.26
C ASP B 577 9.13 -2.75 -47.16
N TYR B 578 10.33 -2.90 -46.57
CA TYR B 578 11.52 -3.12 -47.38
C TYR B 578 11.47 -4.44 -48.14
N ILE B 579 10.73 -5.42 -47.62
CA ILE B 579 10.62 -6.72 -48.27
C ILE B 579 9.62 -6.59 -49.41
N ARG B 580 10.13 -6.36 -50.63
CA ARG B 580 9.28 -6.22 -51.82
C ARG B 580 9.97 -6.99 -52.96
N TRP B 581 9.59 -8.25 -53.10
CA TRP B 581 10.15 -9.12 -54.14
C TRP B 581 9.27 -9.12 -55.38
N GLU B 582 9.91 -9.28 -56.53
CA GLU B 582 9.22 -9.32 -57.83
C GLU B 582 8.39 -8.06 -58.05
N ASP B 583 8.94 -6.92 -57.66
CA ASP B 583 8.25 -5.64 -57.82
C ASP B 583 8.46 -5.11 -59.23
N ALA B 584 7.91 -3.91 -59.48
CA ALA B 584 8.06 -3.29 -60.79
C ALA B 584 9.51 -2.94 -61.08
N TRP B 585 10.24 -2.44 -60.07
CA TRP B 585 11.63 -2.06 -60.23
C TRP B 585 12.60 -3.14 -59.75
N ALA B 586 12.10 -4.34 -59.48
CA ALA B 586 12.92 -5.45 -59.04
C ALA B 586 13.02 -6.58 -60.06
N ILE B 587 11.92 -6.91 -60.72
CA ILE B 587 11.93 -7.99 -61.71
C ILE B 587 12.79 -7.60 -62.91
N GLY B 588 12.66 -6.37 -63.38
CA GLY B 588 13.39 -5.90 -64.55
C GLY B 588 14.90 -5.95 -64.40
N PRO B 589 15.43 -5.44 -63.30
CA PRO B 589 16.88 -5.60 -63.04
C PRO B 589 17.32 -7.04 -62.98
N VAL B 590 16.48 -7.94 -62.44
CA VAL B 590 16.84 -9.35 -62.40
C VAL B 590 16.97 -9.92 -63.80
N THR B 591 16.01 -9.59 -64.68
CA THR B 591 16.08 -10.05 -66.06
C THR B 591 17.29 -9.46 -66.78
N ILE B 592 17.60 -8.19 -66.53
CA ILE B 592 18.75 -7.57 -67.15
C ILE B 592 20.04 -8.25 -66.70
N ALA B 593 20.15 -8.55 -65.40
CA ALA B 593 21.32 -9.24 -64.89
C ALA B 593 21.44 -10.64 -65.48
N CYS B 594 20.31 -11.35 -65.60
CA CYS B 594 20.35 -12.68 -66.20
C CYS B 594 20.78 -12.63 -67.66
N LEU B 595 20.28 -11.64 -68.42
CA LEU B 595 20.68 -11.50 -69.81
C LEU B 595 22.16 -11.17 -69.91
N GLY B 596 22.66 -10.29 -69.05
CA GLY B 596 24.08 -9.96 -69.05
C GLY B 596 24.94 -11.16 -68.72
N PHE B 597 24.52 -11.95 -67.73
CA PHE B 597 25.27 -13.16 -67.38
C PHE B 597 25.28 -14.16 -68.53
N MET B 598 24.14 -14.32 -69.20
CA MET B 598 24.09 -15.21 -70.36
C MET B 598 25.00 -14.73 -71.47
N CYS B 599 25.01 -13.41 -71.73
CA CYS B 599 25.89 -12.87 -72.75
C CYS B 599 27.36 -13.08 -72.40
N THR B 600 27.72 -12.86 -71.14
CA THR B 600 29.11 -13.08 -70.72
C THR B 600 29.49 -14.56 -70.84
N CYS B 601 28.57 -15.46 -70.49
CA CYS B 601 28.85 -16.88 -70.62
C CYS B 601 29.04 -17.27 -72.09
N MET B 602 28.20 -16.72 -72.97
CA MET B 602 28.34 -16.99 -74.40
C MET B 602 29.67 -16.46 -74.93
N VAL B 603 30.07 -15.27 -74.49
CA VAL B 603 31.35 -14.71 -74.91
C VAL B 603 32.51 -15.59 -74.42
N VAL B 604 32.41 -16.06 -73.17
CA VAL B 604 33.46 -16.91 -72.62
C VAL B 604 33.55 -18.21 -73.40
N THR B 605 32.41 -18.82 -73.73
CA THR B 605 32.42 -20.06 -74.50
C THR B 605 32.99 -19.82 -75.90
N VAL B 606 32.65 -18.70 -76.53
CA VAL B 606 33.19 -18.39 -77.85
C VAL B 606 34.70 -18.21 -77.78
N PHE B 607 35.18 -17.51 -76.75
CA PHE B 607 36.62 -17.32 -76.59
C PHE B 607 37.33 -18.65 -76.34
N ILE B 608 36.73 -19.53 -75.56
CA ILE B 608 37.29 -20.86 -75.35
C ILE B 608 37.38 -21.62 -76.66
N LYS B 609 36.30 -21.57 -77.46
CA LYS B 609 36.33 -22.20 -78.78
C LYS B 609 37.33 -21.51 -79.69
N HIS B 610 37.45 -20.18 -79.59
CA HIS B 610 38.39 -19.41 -80.40
C HIS B 610 39.75 -19.25 -79.74
N ASN B 611 40.12 -20.18 -78.85
CA ASN B 611 41.42 -20.15 -78.20
C ASN B 611 42.40 -21.17 -78.77
N ASN B 612 41.95 -22.04 -79.68
CA ASN B 612 42.84 -23.06 -80.24
C ASN B 612 43.76 -22.47 -81.30
N THR B 613 43.17 -21.95 -82.39
CA THR B 613 43.98 -21.38 -83.46
C THR B 613 44.79 -20.17 -83.00
N PRO B 614 44.23 -19.18 -82.29
CA PRO B 614 45.08 -18.09 -81.79
C PRO B 614 45.93 -18.52 -80.61
N LEU B 615 46.94 -19.35 -80.87
CA LEU B 615 47.82 -19.84 -79.82
C LEU B 615 48.78 -18.77 -79.30
N VAL B 616 48.87 -17.62 -79.97
CA VAL B 616 49.80 -16.57 -79.53
C VAL B 616 49.39 -16.04 -78.17
N LYS B 617 48.10 -15.94 -77.91
CA LYS B 617 47.59 -15.38 -76.64
C LYS B 617 47.65 -16.47 -75.56
N ALA B 618 48.88 -16.77 -75.13
CA ALA B 618 49.08 -17.73 -74.06
C ALA B 618 48.49 -17.20 -72.75
N SER B 619 48.71 -15.92 -72.45
CA SER B 619 48.15 -15.30 -71.27
C SER B 619 46.89 -14.50 -71.56
N GLY B 620 46.63 -14.17 -72.83
CA GLY B 620 45.41 -13.46 -73.17
C GLY B 620 44.16 -14.28 -72.87
N ARG B 621 44.24 -15.60 -73.07
CA ARG B 621 43.12 -16.47 -72.73
C ARG B 621 42.84 -16.43 -71.23
N GLU B 622 43.90 -16.47 -70.41
CA GLU B 622 43.72 -16.39 -68.96
C GLU B 622 43.15 -15.04 -68.55
N LEU B 623 43.62 -13.96 -69.20
CA LEU B 623 43.08 -12.64 -68.89
C LEU B 623 41.61 -12.55 -69.23
N CYS B 624 41.21 -13.09 -70.39
CA CYS B 624 39.80 -13.10 -70.77
C CYS B 624 38.99 -13.93 -69.80
N TYR B 625 39.52 -15.08 -69.37
CA TYR B 625 38.81 -15.93 -68.43
C TYR B 625 38.59 -15.24 -67.10
N ILE B 626 39.63 -14.59 -66.57
CA ILE B 626 39.47 -13.90 -65.28
C ILE B 626 38.56 -12.70 -65.41
N LEU B 627 38.60 -11.99 -66.55
CA LEU B 627 37.68 -10.89 -66.76
C LEU B 627 36.24 -11.38 -66.81
N LEU B 628 35.99 -12.49 -67.49
CA LEU B 628 34.64 -13.05 -67.53
C LEU B 628 34.19 -13.52 -66.16
N PHE B 629 35.11 -14.11 -65.38
CA PHE B 629 34.77 -14.52 -64.02
C PHE B 629 34.41 -13.32 -63.15
N GLY B 630 35.16 -12.23 -63.28
CA GLY B 630 34.84 -11.03 -62.53
C GLY B 630 33.51 -10.43 -62.95
N VAL B 631 33.22 -10.44 -64.25
CA VAL B 631 31.95 -9.93 -64.74
C VAL B 631 30.79 -10.77 -64.19
N GLY B 632 30.95 -12.09 -64.20
CA GLY B 632 29.92 -12.95 -63.64
C GLY B 632 29.74 -12.76 -62.15
N LEU B 633 30.84 -12.57 -61.43
CA LEU B 633 30.75 -12.29 -60.00
C LEU B 633 30.02 -10.98 -59.73
N SER B 634 30.30 -9.94 -60.52
CA SER B 634 29.59 -8.69 -60.38
C SER B 634 28.11 -8.85 -60.67
N TYR B 635 27.78 -9.60 -61.74
CA TYR B 635 26.38 -9.82 -62.09
C TYR B 635 25.64 -10.56 -60.99
N CYS B 636 26.28 -11.56 -60.39
CA CYS B 636 25.68 -12.26 -59.25
C CYS B 636 25.56 -11.33 -58.05
N MET B 637 26.51 -10.41 -57.87
CA MET B 637 26.43 -9.47 -56.77
C MET B 637 25.25 -8.52 -56.92
N THR B 638 24.93 -8.12 -58.16
CA THR B 638 23.76 -7.28 -58.38
C THR B 638 22.48 -7.99 -57.95
N PHE B 639 22.38 -9.30 -58.23
CA PHE B 639 21.22 -10.06 -57.80
C PHE B 639 21.17 -10.25 -56.29
N PHE B 640 22.28 -10.03 -55.59
CA PHE B 640 22.29 -10.19 -54.13
C PHE B 640 21.62 -9.02 -53.43
N PHE B 641 21.77 -7.81 -53.96
CA PHE B 641 21.21 -6.63 -53.29
C PHE B 641 19.70 -6.57 -53.37
N ILE B 642 19.09 -7.19 -54.39
CA ILE B 642 17.63 -7.13 -54.56
C ILE B 642 16.89 -8.07 -53.63
N ALA B 643 17.59 -8.76 -52.73
CA ALA B 643 16.94 -9.67 -51.79
C ALA B 643 15.97 -8.93 -50.89
N LYS B 644 14.68 -9.22 -51.02
CA LYS B 644 13.66 -8.55 -50.22
C LYS B 644 13.82 -8.77 -48.72
N PRO B 645 14.03 -10.00 -48.22
CA PRO B 645 14.20 -10.15 -46.77
C PRO B 645 15.40 -9.40 -46.21
N SER B 646 16.46 -9.24 -47.00
CA SER B 646 17.69 -8.59 -46.59
C SER B 646 18.27 -9.25 -45.34
N PRO B 647 18.76 -10.48 -45.44
CA PRO B 647 19.27 -11.18 -44.26
C PRO B 647 20.69 -10.75 -43.91
N VAL B 648 21.29 -11.44 -42.94
CA VAL B 648 22.68 -11.18 -42.55
C VAL B 648 23.66 -11.47 -43.69
N ILE B 649 23.21 -12.15 -44.74
CA ILE B 649 24.06 -12.53 -45.86
C ILE B 649 24.44 -11.29 -46.67
N CYS B 650 23.93 -10.13 -46.26
CA CYS B 650 24.38 -8.90 -46.89
C CYS B 650 25.85 -8.63 -46.62
N ALA B 651 26.41 -9.16 -45.53
CA ALA B 651 27.85 -9.10 -45.33
C ALA B 651 28.60 -9.90 -46.40
N LEU B 652 28.10 -11.09 -46.72
CA LEU B 652 28.69 -11.86 -47.83
C LEU B 652 28.50 -11.15 -49.16
N ARG B 653 27.38 -10.44 -49.32
CA ARG B 653 27.18 -9.63 -50.53
C ARG B 653 28.22 -8.51 -50.61
N ARG B 654 28.50 -7.86 -49.48
CA ARG B 654 29.56 -6.86 -49.44
C ARG B 654 30.91 -7.47 -49.81
N LEU B 655 31.20 -8.65 -49.26
CA LEU B 655 32.46 -9.32 -49.57
C LEU B 655 32.57 -9.65 -51.05
N GLY B 656 31.46 -10.13 -51.64
CA GLY B 656 31.47 -10.42 -53.06
C GLY B 656 31.65 -9.18 -53.92
N LEU B 657 31.00 -8.08 -53.55
CA LEU B 657 31.17 -6.83 -54.28
C LEU B 657 32.61 -6.34 -54.19
N GLY B 658 33.21 -6.42 -53.00
CA GLY B 658 34.60 -6.02 -52.85
C GLY B 658 35.54 -6.90 -53.65
N SER B 659 35.28 -8.21 -53.66
CA SER B 659 36.10 -9.13 -54.45
C SER B 659 35.98 -8.82 -55.94
N SER B 660 34.76 -8.53 -56.41
CA SER B 660 34.56 -8.18 -57.81
C SER B 660 35.30 -6.88 -58.16
N PHE B 661 35.23 -5.89 -57.28
CA PHE B 661 35.95 -4.63 -57.53
C PHE B 661 37.45 -4.87 -57.56
N ALA B 662 37.96 -5.68 -56.64
CA ALA B 662 39.40 -5.98 -56.63
C ALA B 662 39.81 -6.73 -57.90
N ILE B 663 38.97 -7.67 -58.35
CA ILE B 663 39.29 -8.41 -59.57
C ILE B 663 39.30 -7.48 -60.77
N CYS B 664 38.34 -6.56 -60.85
CA CYS B 664 38.32 -5.59 -61.95
C CYS B 664 39.54 -4.70 -61.91
N TYR B 665 39.93 -4.24 -60.72
CA TYR B 665 41.12 -3.40 -60.60
C TYR B 665 42.37 -4.16 -61.02
N SER B 666 42.50 -5.42 -60.60
CA SER B 666 43.65 -6.24 -60.98
C SER B 666 43.69 -6.47 -62.48
N ALA B 667 42.53 -6.73 -63.10
CA ALA B 667 42.48 -6.93 -64.54
C ALA B 667 42.87 -5.65 -65.28
N LEU B 668 42.41 -4.49 -64.80
CA LEU B 668 42.79 -3.23 -65.42
C LEU B 668 44.28 -2.97 -65.28
N LEU B 669 44.84 -3.27 -64.11
CA LEU B 669 46.27 -3.03 -63.89
C LEU B 669 47.13 -3.97 -64.73
N THR B 670 46.69 -5.23 -64.89
CA THR B 670 47.48 -6.19 -65.65
C THR B 670 47.59 -5.77 -67.12
N LYS B 671 46.50 -5.30 -67.70
CA LYS B 671 46.53 -4.84 -69.10
C LYS B 671 47.40 -3.60 -69.25
N THR B 672 47.35 -2.69 -68.27
CA THR B 672 48.16 -1.48 -68.35
C THR B 672 49.65 -1.80 -68.30
N ASN B 673 50.05 -2.75 -67.44
CA ASN B 673 51.45 -3.12 -67.33
C ASN B 673 51.97 -3.73 -68.62
N CYS B 674 51.17 -4.59 -69.26
CA CYS B 674 51.57 -5.23 -70.50
C CYS B 674 51.38 -4.29 -71.69
N PHE B 691 56.81 -15.27 -71.23
CA PHE B 691 55.86 -16.31 -70.83
C PHE B 691 55.83 -16.47 -69.31
N ILE B 692 57.01 -16.67 -68.72
CA ILE B 692 57.09 -16.81 -67.27
C ILE B 692 56.74 -15.49 -66.58
N SER B 693 57.24 -14.39 -67.10
CA SER B 693 56.97 -13.09 -66.49
C SER B 693 55.48 -12.73 -66.48
N PRO B 694 54.72 -12.92 -67.56
CA PRO B 694 53.26 -12.71 -67.44
C PRO B 694 52.61 -13.60 -66.41
N SER B 695 53.08 -14.85 -66.27
CA SER B 695 52.53 -15.72 -65.25
C SER B 695 52.82 -15.19 -63.85
N SER B 696 54.03 -14.67 -63.64
CA SER B 696 54.36 -14.06 -62.35
C SER B 696 53.50 -12.83 -62.08
N GLN B 697 53.26 -12.03 -63.12
CA GLN B 697 52.39 -10.86 -62.95
C GLN B 697 50.97 -11.27 -62.58
N VAL B 698 50.46 -12.32 -63.22
CA VAL B 698 49.12 -12.81 -62.89
C VAL B 698 49.08 -13.32 -61.46
N PHE B 699 50.13 -14.03 -61.03
CA PHE B 699 50.18 -14.51 -59.66
C PHE B 699 50.22 -13.36 -58.66
N ILE B 700 50.99 -12.31 -58.98
CA ILE B 700 51.05 -11.15 -58.09
C ILE B 700 49.69 -10.45 -58.03
N CYS B 701 49.00 -10.34 -59.16
CA CYS B 701 47.67 -9.75 -59.16
C CYS B 701 46.69 -10.59 -58.35
N LEU B 702 46.78 -11.92 -58.45
CA LEU B 702 45.93 -12.80 -57.66
C LEU B 702 46.21 -12.62 -56.17
N GLY B 703 47.48 -12.51 -55.79
CA GLY B 703 47.81 -12.27 -54.39
C GLY B 703 47.30 -10.93 -53.91
N LEU B 704 47.39 -9.91 -54.76
CA LEU B 704 46.85 -8.59 -54.41
C LEU B 704 45.34 -8.65 -54.21
N ILE B 705 44.64 -9.40 -55.07
CA ILE B 705 43.20 -9.55 -54.93
C ILE B 705 42.86 -10.30 -53.65
N LEU B 706 43.67 -11.32 -53.30
CA LEU B 706 43.44 -12.04 -52.06
C LEU B 706 43.62 -11.13 -50.85
N VAL B 707 44.67 -10.30 -50.88
CA VAL B 707 44.87 -9.35 -49.80
C VAL B 707 43.72 -8.34 -49.73
N GLN B 708 43.24 -7.90 -50.89
CA GLN B 708 42.11 -6.97 -50.92
C GLN B 708 40.89 -7.59 -50.27
N ILE B 709 40.61 -8.86 -50.59
CA ILE B 709 39.52 -9.57 -49.94
C ILE B 709 39.79 -9.71 -48.45
N VAL B 710 41.06 -9.87 -48.08
CA VAL B 710 41.40 -10.06 -46.67
C VAL B 710 41.02 -8.84 -45.85
N MET B 711 41.44 -7.64 -46.29
CA MET B 711 41.03 -6.50 -45.47
C MET B 711 39.62 -6.03 -45.77
N VAL B 712 39.00 -6.51 -46.84
CA VAL B 712 37.56 -6.30 -47.00
C VAL B 712 36.80 -7.09 -45.94
N SER B 713 37.20 -8.33 -45.71
CA SER B 713 36.65 -9.13 -44.62
C SER B 713 37.03 -8.58 -43.26
N VAL B 714 38.16 -7.88 -43.16
CA VAL B 714 38.53 -7.23 -41.91
C VAL B 714 37.49 -6.18 -41.52
N TRP B 715 36.84 -5.56 -42.51
CA TRP B 715 35.76 -4.62 -42.22
C TRP B 715 34.60 -5.30 -41.51
N LEU B 716 34.44 -6.61 -41.70
CA LEU B 716 33.36 -7.37 -41.09
C LEU B 716 33.76 -7.98 -39.75
N ILE B 717 34.95 -7.67 -39.25
CA ILE B 717 35.44 -8.22 -37.99
C ILE B 717 34.98 -7.35 -36.83
N LEU B 718 34.11 -6.37 -37.11
CA LEU B 718 33.57 -5.48 -36.10
C LEU B 718 32.09 -5.73 -35.85
N GLU B 719 31.27 -5.65 -36.90
CA GLU B 719 29.83 -5.92 -36.75
C GLU B 719 29.29 -6.27 -38.13
N ALA B 720 28.91 -7.54 -38.32
CA ALA B 720 28.35 -7.98 -39.59
C ALA B 720 26.90 -7.53 -39.76
N PRO B 721 25.95 -7.89 -38.85
CA PRO B 721 24.56 -7.50 -39.09
C PRO B 721 24.28 -6.04 -38.80
N GLY B 722 24.82 -5.53 -37.71
CA GLY B 722 24.56 -4.17 -37.27
C GLY B 722 23.82 -4.15 -35.95
N THR B 723 23.29 -2.97 -35.63
CA THR B 723 22.55 -2.77 -34.39
C THR B 723 21.07 -2.47 -34.63
N ARG B 724 20.76 -1.42 -35.40
CA ARG B 724 19.38 -1.03 -35.66
C ARG B 724 19.37 0.03 -36.75
N ARG B 725 18.24 0.11 -37.45
CA ARG B 725 18.04 1.09 -38.51
C ARG B 725 16.70 1.77 -38.29
N TYR B 726 16.73 3.05 -37.93
CA TYR B 726 15.53 3.83 -37.66
C TYR B 726 15.43 4.98 -38.66
N THR B 727 14.36 5.76 -38.52
CA THR B 727 14.13 6.90 -39.41
C THR B 727 13.26 7.92 -38.67
N LEU B 728 13.24 9.15 -39.21
CA LEU B 728 12.45 10.20 -38.62
C LEU B 728 10.96 9.90 -38.68
N ALA B 729 10.51 9.22 -39.74
CA ALA B 729 9.10 8.88 -39.87
C ALA B 729 8.73 7.79 -38.88
N GLU B 730 7.63 8.02 -38.15
CA GLU B 730 7.14 7.07 -37.16
C GLU B 730 5.98 6.23 -37.69
N LYS B 731 5.79 6.19 -38.99
CA LYS B 731 4.66 5.49 -39.62
C LYS B 731 5.09 4.24 -40.38
N ARG B 732 6.04 4.37 -41.31
CA ARG B 732 6.45 3.23 -42.12
C ARG B 732 7.52 2.40 -41.41
N GLU B 733 8.65 3.03 -41.08
CA GLU B 733 9.79 2.35 -40.46
C GLU B 733 10.23 1.14 -41.29
N THR B 734 10.22 1.30 -42.61
CA THR B 734 10.59 0.23 -43.53
C THR B 734 12.11 0.15 -43.60
N VAL B 735 12.68 -0.71 -42.74
CA VAL B 735 14.12 -0.91 -42.68
C VAL B 735 14.40 -2.41 -42.69
N ILE B 736 15.65 -2.75 -43.05
CA ILE B 736 16.05 -4.15 -43.10
C ILE B 736 16.07 -4.75 -41.70
N LEU B 737 16.49 -3.96 -40.71
CA LEU B 737 16.59 -4.33 -39.29
C LEU B 737 17.67 -5.37 -39.03
N LYS B 738 18.39 -5.82 -40.06
CA LYS B 738 19.49 -6.76 -39.86
C LYS B 738 20.71 -6.44 -40.72
N CYS B 739 20.69 -5.35 -41.48
CA CYS B 739 21.82 -4.92 -42.30
C CYS B 739 22.04 -3.43 -42.14
N ASN B 740 22.10 -2.97 -40.90
CA ASN B 740 22.15 -1.55 -40.56
C ASN B 740 23.58 -1.08 -40.35
N VAL B 741 24.52 -1.61 -41.13
CA VAL B 741 25.94 -1.22 -41.06
C VAL B 741 26.09 0.23 -41.48
N LYS B 742 27.26 0.80 -41.22
CA LYS B 742 27.52 2.20 -41.51
C LYS B 742 27.49 2.47 -43.01
N ASP B 743 26.44 3.12 -43.48
CA ASP B 743 26.32 3.43 -44.90
C ASP B 743 27.40 4.39 -45.36
N SER B 744 27.74 5.38 -44.52
CA SER B 744 28.81 6.32 -44.87
C SER B 744 30.15 5.60 -45.01
N SER B 745 30.45 4.69 -44.08
CA SER B 745 31.69 3.94 -44.16
C SER B 745 31.71 3.03 -45.39
N MET B 746 30.57 2.40 -45.70
CA MET B 746 30.49 1.54 -46.88
C MET B 746 30.71 2.36 -48.15
N LEU B 747 30.10 3.54 -48.24
CA LEU B 747 30.29 4.39 -49.40
C LEU B 747 31.73 4.88 -49.53
N ILE B 748 32.35 5.21 -48.39
CA ILE B 748 33.74 5.66 -48.41
C ILE B 748 34.66 4.55 -48.88
N SER B 749 34.43 3.33 -48.39
CA SER B 749 35.24 2.20 -48.82
C SER B 749 35.03 1.89 -50.30
N LEU B 750 33.78 1.94 -50.76
CA LEU B 750 33.50 1.65 -52.17
C LEU B 750 34.08 2.72 -53.09
N THR B 751 34.02 3.99 -52.67
CA THR B 751 34.51 5.06 -53.53
C THR B 751 36.02 5.03 -53.67
N TYR B 752 36.73 4.49 -52.67
CA TYR B 752 38.19 4.44 -52.75
C TYR B 752 38.66 3.56 -53.89
N ASP B 753 38.02 2.40 -54.08
CA ASP B 753 38.42 1.50 -55.16
C ASP B 753 38.21 2.15 -56.52
N VAL B 754 37.08 2.85 -56.70
CA VAL B 754 36.78 3.46 -57.98
C VAL B 754 37.80 4.53 -58.32
N ILE B 755 38.12 5.40 -57.36
CA ILE B 755 39.06 6.48 -57.62
C ILE B 755 40.47 5.93 -57.82
N LEU B 756 40.84 4.88 -57.08
CA LEU B 756 42.14 4.25 -57.30
C LEU B 756 42.23 3.64 -58.70
N VAL B 757 41.16 2.98 -59.15
CA VAL B 757 41.17 2.41 -60.49
C VAL B 757 41.25 3.50 -61.55
N ILE B 758 40.53 4.61 -61.33
CA ILE B 758 40.58 5.72 -62.28
C ILE B 758 41.98 6.31 -62.35
N LEU B 759 42.63 6.50 -61.20
CA LEU B 759 43.98 7.03 -61.18
C LEU B 759 44.98 6.07 -61.81
N CYS B 760 44.77 4.76 -61.65
CA CYS B 760 45.67 3.80 -62.26
C CYS B 760 45.46 3.70 -63.76
N THR B 761 44.23 3.92 -64.24
CA THR B 761 43.94 3.78 -65.66
C THR B 761 44.19 5.06 -66.46
N VAL B 762 44.13 6.23 -65.81
CA VAL B 762 44.33 7.48 -66.54
C VAL B 762 45.78 7.57 -67.04
N TYR B 763 46.73 7.07 -66.25
CA TYR B 763 48.12 7.10 -66.68
C TYR B 763 48.36 6.23 -67.90
N ALA B 764 47.71 5.07 -67.97
CA ALA B 764 47.90 4.18 -69.10
C ALA B 764 47.31 4.76 -70.38
N PHE B 765 46.21 5.53 -70.28
CA PHE B 765 45.60 6.12 -71.45
C PHE B 765 46.53 7.13 -72.11
N LYS B 766 47.24 7.94 -71.30
CA LYS B 766 48.15 8.93 -71.86
C LYS B 766 49.41 8.27 -72.43
N THR B 767 49.80 7.12 -71.90
CA THR B 767 50.98 6.44 -72.39
C THR B 767 50.75 5.89 -73.79
N ARG B 768 51.77 5.99 -74.63
CA ARG B 768 51.68 5.50 -76.00
C ARG B 768 51.96 4.00 -76.05
N LYS B 769 51.04 3.25 -76.64
CA LYS B 769 51.16 1.80 -76.74
C LYS B 769 51.44 1.39 -78.19
N CYS B 770 51.74 0.11 -78.37
CA CYS B 770 52.00 -0.41 -79.70
C CYS B 770 50.71 -0.53 -80.49
N PRO B 771 50.77 -0.42 -81.82
CA PRO B 771 49.55 -0.59 -82.62
C PRO B 771 48.89 -1.94 -82.44
N GLU B 772 49.67 -3.01 -82.26
CA GLU B 772 49.10 -4.33 -82.02
C GLU B 772 48.42 -4.40 -80.66
N ASN B 773 48.98 -3.71 -79.66
CA ASN B 773 48.42 -3.68 -78.32
C ASN B 773 47.59 -2.43 -78.05
N PHE B 774 47.26 -1.66 -79.09
CA PHE B 774 46.48 -0.45 -78.91
C PHE B 774 45.06 -0.73 -78.41
N ASN B 775 44.56 -1.95 -78.64
CA ASN B 775 43.24 -2.30 -78.14
C ASN B 775 43.18 -2.26 -76.62
N GLU B 776 44.23 -2.76 -75.96
CA GLU B 776 44.27 -2.73 -74.50
C GLU B 776 44.26 -1.31 -73.97
N ALA B 777 45.04 -0.42 -74.59
CA ALA B 777 45.05 0.98 -74.16
C ALA B 777 43.69 1.63 -74.39
N LYS B 778 43.07 1.38 -75.55
CA LYS B 778 41.76 1.93 -75.84
C LYS B 778 40.72 1.40 -74.86
N PHE B 779 40.78 0.10 -74.54
CA PHE B 779 39.85 -0.48 -73.58
C PHE B 779 40.03 0.13 -72.20
N ILE B 780 41.29 0.34 -71.78
CA ILE B 780 41.55 0.95 -70.48
C ILE B 780 41.02 2.37 -70.45
N GLY B 781 41.23 3.13 -71.53
CA GLY B 781 40.71 4.49 -71.59
C GLY B 781 39.20 4.53 -71.55
N PHE B 782 38.54 3.61 -72.26
CA PHE B 782 37.08 3.55 -72.23
C PHE B 782 36.56 3.19 -70.84
N THR B 783 37.22 2.23 -70.17
CA THR B 783 36.78 1.83 -68.84
C THR B 783 37.02 2.93 -67.81
N MET B 784 38.09 3.72 -67.98
CA MET B 784 38.39 4.76 -67.00
C MET B 784 37.27 5.81 -66.94
N TYR B 785 36.73 6.19 -68.10
CA TYR B 785 35.66 7.19 -68.11
C TYR B 785 34.41 6.67 -67.43
N THR B 786 34.06 5.41 -67.66
CA THR B 786 32.84 4.86 -67.08
C THR B 786 32.91 4.77 -65.56
N THR B 787 34.07 4.38 -65.03
CA THR B 787 34.22 4.23 -63.58
C THR B 787 34.04 5.55 -62.87
N CYS B 788 34.62 6.63 -63.41
CA CYS B 788 34.49 7.94 -62.78
C CYS B 788 33.05 8.41 -62.78
N ILE B 789 32.34 8.22 -63.90
CA ILE B 789 30.93 8.62 -63.97
C ILE B 789 30.09 7.82 -62.99
N ILE B 790 30.33 6.50 -62.92
CA ILE B 790 29.58 5.65 -62.01
C ILE B 790 29.81 6.07 -60.56
N TRP B 791 31.08 6.34 -60.21
CA TRP B 791 31.39 6.74 -58.84
C TRP B 791 30.75 8.09 -58.51
N LEU B 792 30.79 9.03 -59.46
CA LEU B 792 30.19 10.35 -59.22
C LEU B 792 28.67 10.26 -59.12
N ALA B 793 28.05 9.31 -59.82
CA ALA B 793 26.60 9.20 -59.76
C ALA B 793 26.12 8.44 -58.53
N PHE B 794 26.86 7.43 -58.10
CA PHE B 794 26.36 6.54 -57.06
C PHE B 794 26.33 7.21 -55.68
N LEU B 795 27.41 7.89 -55.31
CA LEU B 795 27.54 8.36 -53.93
C LEU B 795 26.50 9.40 -53.52
N PRO B 796 26.20 10.45 -54.31
CA PRO B 796 25.34 11.52 -53.76
C PRO B 796 23.94 11.07 -53.37
N ILE B 797 23.37 10.11 -54.10
CA ILE B 797 21.98 9.71 -53.85
C ILE B 797 21.86 9.02 -52.51
N PHE B 798 22.74 8.06 -52.23
CA PHE B 798 22.66 7.31 -50.98
C PHE B 798 23.28 8.04 -49.80
N TYR B 799 24.07 9.09 -50.06
CA TYR B 799 24.73 9.80 -48.97
C TYR B 799 23.72 10.54 -48.09
N VAL B 800 22.73 11.17 -48.70
CA VAL B 800 21.79 12.03 -48.00
C VAL B 800 20.39 11.41 -47.94
N THR B 801 19.86 11.01 -49.11
CA THR B 801 18.48 10.51 -49.16
C THR B 801 18.34 9.20 -48.38
N SER B 802 19.22 8.23 -48.65
CA SER B 802 19.19 6.92 -48.01
C SER B 802 17.81 6.27 -48.14
N SER B 803 17.37 6.12 -49.39
CA SER B 803 16.05 5.57 -49.66
C SER B 803 16.00 4.09 -49.31
N ASP B 804 14.78 3.59 -49.15
CA ASP B 804 14.59 2.18 -48.80
C ASP B 804 15.10 1.26 -49.90
N TYR B 805 14.67 1.50 -51.14
CA TYR B 805 15.08 0.65 -52.25
C TYR B 805 15.48 1.41 -53.51
N ARG B 806 15.20 2.72 -53.60
CA ARG B 806 15.56 3.46 -54.82
C ARG B 806 17.07 3.53 -55.01
N VAL B 807 17.82 3.69 -53.92
CA VAL B 807 19.28 3.72 -54.03
C VAL B 807 19.82 2.36 -54.45
N GLN B 808 19.23 1.28 -53.94
CA GLN B 808 19.73 -0.05 -54.22
C GLN B 808 19.56 -0.42 -55.70
N THR B 809 18.38 -0.15 -56.26
CA THR B 809 18.14 -0.50 -57.66
C THR B 809 18.99 0.35 -58.59
N THR B 810 19.17 1.63 -58.27
CA THR B 810 20.04 2.48 -59.09
C THR B 810 21.50 2.01 -59.01
N THR B 811 21.96 1.63 -57.82
CA THR B 811 23.32 1.13 -57.69
C THR B 811 23.51 -0.17 -58.47
N MET B 812 22.52 -1.07 -58.40
CA MET B 812 22.61 -2.31 -59.16
C MET B 812 22.61 -2.06 -60.66
N CYS B 813 21.76 -1.12 -61.11
CA CYS B 813 21.74 -0.78 -62.53
C CYS B 813 23.07 -0.19 -62.98
N ILE B 814 23.66 0.70 -62.17
CA ILE B 814 24.96 1.27 -62.51
C ILE B 814 26.03 0.18 -62.58
N SER B 815 26.01 -0.74 -61.61
CA SER B 815 27.00 -1.81 -61.59
C SER B 815 26.87 -2.72 -62.81
N VAL B 816 25.64 -3.10 -63.15
CA VAL B 816 25.46 -4.00 -64.30
C VAL B 816 25.78 -3.27 -65.61
N SER B 817 25.49 -1.97 -65.70
CA SER B 817 25.86 -1.21 -66.88
C SER B 817 27.36 -1.11 -67.02
N LEU B 818 28.08 -0.89 -65.91
CA LEU B 818 29.53 -0.86 -65.97
C LEU B 818 30.11 -2.21 -66.36
N SER B 819 29.54 -3.30 -65.82
CA SER B 819 29.99 -4.63 -66.20
C SER B 819 29.77 -4.91 -67.68
N GLY B 820 28.60 -4.52 -68.19
CA GLY B 820 28.35 -4.68 -69.63
C GLY B 820 29.30 -3.86 -70.47
N PHE B 821 29.58 -2.63 -70.05
CA PHE B 821 30.50 -1.77 -70.79
C PHE B 821 31.90 -2.38 -70.83
N VAL B 822 32.40 -2.85 -69.69
CA VAL B 822 33.75 -3.39 -69.64
C VAL B 822 33.83 -4.70 -70.41
N VAL B 823 32.80 -5.54 -70.33
CA VAL B 823 32.86 -6.81 -71.06
C VAL B 823 32.77 -6.56 -72.56
N LEU B 824 31.96 -5.58 -72.98
CA LEU B 824 31.94 -5.22 -74.40
C LEU B 824 33.29 -4.67 -74.85
N GLY B 825 33.91 -3.82 -74.02
CA GLY B 825 35.20 -3.28 -74.38
C GLY B 825 36.27 -4.34 -74.53
N CYS B 826 36.27 -5.34 -73.64
CA CYS B 826 37.28 -6.38 -73.70
C CYS B 826 36.93 -7.52 -74.65
N LEU B 827 35.69 -7.58 -75.15
CA LEU B 827 35.29 -8.64 -76.07
C LEU B 827 34.94 -8.15 -77.47
N PHE B 828 35.07 -6.85 -77.75
CA PHE B 828 34.79 -6.38 -79.10
C PHE B 828 35.73 -7.01 -80.13
N ALA B 829 37.02 -7.10 -79.80
CA ALA B 829 37.97 -7.69 -80.75
C ALA B 829 37.70 -9.16 -81.03
N PRO B 830 37.50 -10.03 -80.04
CA PRO B 830 37.14 -11.42 -80.37
C PRO B 830 35.84 -11.54 -81.14
N LYS B 831 34.86 -10.66 -80.88
CA LYS B 831 33.61 -10.72 -81.62
C LYS B 831 33.82 -10.45 -83.11
N VAL B 832 34.66 -9.46 -83.43
CA VAL B 832 34.98 -9.19 -84.83
C VAL B 832 35.81 -10.32 -85.41
N HIS B 833 36.76 -10.84 -84.64
CA HIS B 833 37.60 -11.93 -85.14
C HIS B 833 36.79 -13.18 -85.41
N ILE B 834 35.84 -13.50 -84.52
CA ILE B 834 35.01 -14.69 -84.71
C ILE B 834 34.15 -14.55 -85.96
N ILE B 835 33.55 -13.38 -86.16
CA ILE B 835 32.71 -13.13 -87.32
C ILE B 835 33.56 -12.97 -88.57
C1 NAG C . 19.98 -9.77 24.20
C2 NAG C . 21.08 -10.13 25.20
C3 NAG C . 22.16 -9.05 25.21
C4 NAG C . 22.67 -8.79 23.80
C5 NAG C . 21.51 -8.50 22.86
C6 NAG C . 21.94 -8.35 21.41
C7 NAG C . 20.70 -11.43 27.25
C8 NAG C . 21.52 -12.52 26.60
N2 NAG C . 20.53 -10.32 26.54
O3 NAG C . 23.23 -9.45 26.06
O4 NAG C . 23.58 -7.69 23.81
O5 NAG C . 20.56 -9.56 22.90
O6 NAG C . 20.83 -8.22 20.55
O7 NAG C . 20.22 -11.56 28.37
NAA Z99 D . -6.33 0.18 40.88
OAB Z99 D . -9.22 -1.28 44.35
OAC Z99 D . -8.90 0.60 39.77
OAD Z99 D . -7.84 -0.21 45.69
OAE Z99 D . -9.69 -0.67 41.34
CAF Z99 D . -10.51 -3.00 36.39
CAG Z99 D . -6.35 -7.04 40.05
CAH Z99 D . -9.71 -1.90 36.66
CAI Z99 D . -5.53 -5.96 40.36
CAJ Z99 D . -10.48 -4.12 37.22
CAK Z99 D . -7.68 -6.83 39.69
CAL Z99 D . -8.88 -1.89 37.76
CAM Z99 D . -6.03 -4.66 40.29
CAN Z99 D . -6.94 -1.96 39.85
CAO Z99 D . -6.10 -1.44 43.13
OAP Z99 D . -9.56 -5.25 39.24
CAQ Z99 D . -8.15 -0.65 44.55
CAR Z99 D . -8.71 -0.28 40.65
CAS Z99 D . -9.64 -4.12 38.34
CAT Z99 D . -8.19 -5.53 39.62
CAU Z99 D . -8.86 -3.02 38.60
CAV Z99 D . -7.36 -4.47 39.93
CAW Z99 D . -7.98 -3.09 39.83
CAX Z99 D . -7.22 -0.42 43.38
CAY Z99 D . -7.33 -0.85 40.90
CAZ Z99 D . -7.38 -1.48 42.29
C1 CLR E . 26.96 -14.30 -40.22
C2 CLR E . 26.35 -14.09 -38.84
C3 CLR E . 25.02 -14.78 -38.72
C4 CLR E . 25.16 -16.25 -39.03
C5 CLR E . 25.81 -16.49 -40.38
C6 CLR E . 25.21 -17.26 -41.29
C7 CLR E . 25.80 -17.65 -42.60
C8 CLR E . 27.28 -17.26 -42.72
C9 CLR E . 27.49 -15.85 -42.15
C10 CLR E . 27.13 -15.77 -40.63
C11 CLR E . 28.89 -15.31 -42.45
C12 CLR E . 29.28 -15.41 -43.93
C13 CLR E . 29.18 -16.84 -44.43
C14 CLR E . 27.72 -17.29 -44.17
C15 CLR E . 27.59 -18.60 -44.96
C16 CLR E . 28.46 -18.37 -46.22
C17 CLR E . 29.25 -17.05 -45.98
C18 CLR E . 30.19 -17.75 -43.73
C19 CLR E . 28.20 -16.45 -39.76
C20 CLR E . 30.61 -17.07 -46.70
C21 CLR E . 31.26 -15.69 -46.81
C22 CLR E . 30.48 -17.72 -48.08
C23 CLR E . 31.79 -18.08 -48.75
C24 CLR E . 31.61 -18.78 -50.07
C25 CLR E . 32.90 -19.26 -50.75
C26 CLR E . 33.83 -18.09 -51.04
C27 CLR E . 32.60 -20.04 -52.01
O1 CLR E . 24.49 -14.60 -37.39
C1 CLR F . 32.06 -15.05 -40.42
C2 CLR F . 31.28 -14.29 -39.34
C3 CLR F . 32.21 -13.62 -38.37
C4 CLR F . 33.15 -12.68 -39.11
C5 CLR F . 33.91 -13.39 -40.21
C6 CLR F . 35.23 -13.32 -40.27
C7 CLR F . 36.07 -13.89 -41.36
C8 CLR F . 35.25 -14.39 -42.56
C9 CLR F . 33.98 -15.10 -42.05
C10 CLR F . 33.06 -14.17 -41.21
C11 CLR F . 33.23 -15.79 -43.21
C12 CLR F . 34.12 -16.72 -44.03
C13 CLR F . 35.33 -15.97 -44.61
C14 CLR F . 36.06 -15.33 -43.41
C15 CLR F . 37.39 -14.85 -44.00
C16 CLR F . 37.72 -15.90 -45.08
C17 CLR F . 36.48 -16.83 -45.21
C18 CLR F . 34.87 -14.91 -45.63
C19 CLR F . 32.30 -13.17 -42.09
C20 CLR F . 36.36 -17.46 -46.60
C21 CLR F . 35.28 -18.54 -46.68
C22 CLR F . 37.72 -18.00 -47.07
C23 CLR F . 38.07 -17.77 -48.52
C24 CLR F . 37.23 -18.57 -49.49
C25 CLR F . 37.32 -20.09 -49.35
C26 CLR F . 38.74 -20.58 -49.56
C27 CLR F . 36.36 -20.80 -50.29
O1 CLR F . 31.46 -12.89 -37.39
C1 CLR G . 49.36 -21.41 -60.54
C2 CLR G . 50.01 -21.10 -61.90
C3 CLR G . 49.32 -21.84 -63.01
C4 CLR G . 47.85 -21.49 -63.03
C5 CLR G . 47.18 -21.75 -61.70
C6 CLR G . 46.09 -22.50 -61.63
C7 CLR G . 45.29 -22.74 -60.38
C8 CLR G . 45.73 -21.84 -59.22
C9 CLR G . 47.26 -21.74 -59.19
C10 CLR G . 47.84 -21.11 -60.48
C11 CLR G . 47.75 -21.01 -57.92
C12 CLR G . 47.19 -21.63 -56.62
C13 CLR G . 45.66 -21.64 -56.63
C14 CLR G . 45.22 -22.41 -57.89
C15 CLR G . 43.72 -22.64 -57.71
C16 CLR G . 43.56 -22.79 -56.19
C17 CLR G . 44.94 -22.50 -55.56
C18 CLR G . 45.11 -20.20 -56.61
C19 CLR G . 47.60 -19.59 -60.56
C20 CLR G . 44.85 -22.03 -54.09
C21 CLR G . 46.19 -21.99 -53.37
C22 CLR G . 43.85 -22.90 -53.32
C23 CLR G . 43.66 -22.54 -51.87
C24 CLR G . 43.08 -21.15 -51.68
C25 CLR G . 42.99 -20.67 -50.23
C26 CLR G . 42.20 -21.64 -49.37
C27 CLR G . 42.39 -19.27 -50.15
O1 CLR G . 49.94 -21.51 -64.26
C1 NAG H . -29.06 11.04 -15.56
C2 NAG H . -30.34 11.41 -16.29
C3 NAG H . -31.11 10.14 -16.66
C4 NAG H . -30.22 9.18 -17.45
C5 NAG H . -28.93 8.92 -16.67
C6 NAG H . -27.94 8.08 -17.43
C7 NAG H . -31.43 13.56 -15.81
C8 NAG H . -30.82 14.05 -17.10
N2 NAG H . -31.17 12.29 -15.49
O3 NAG H . -32.24 10.49 -17.44
O4 NAG H . -30.90 7.96 -17.66
O5 NAG H . -28.27 10.16 -16.37
O6 NAG H . -26.61 8.52 -17.23
O7 NAG H . -32.13 14.28 -15.12
NAA Z99 I . -34.12 20.00 15.37
OAB Z99 I . -34.75 23.68 18.16
OAC Z99 I . -31.87 19.47 17.13
OAD Z99 I . -36.85 23.10 17.92
OAE Z99 I . -32.24 21.47 17.88
CAF Z99 I . -27.36 21.77 16.12
CAG Z99 I . -31.16 25.27 11.50
CAH Z99 I . -28.22 20.69 16.04
CAI Z99 I . -32.07 24.22 11.41
CAJ Z99 I . -27.77 23.04 15.73
CAK Z99 I . -30.33 25.40 12.61
CAL Z99 I . -29.51 20.87 15.58
CAM Z99 I . -32.15 23.28 12.43
CAN Z99 I . -32.15 21.16 14.48
CAO Z99 I . -34.92 22.75 15.09
OAP Z99 I . -29.56 24.52 14.83
CAQ Z99 I . -35.64 23.03 17.58
CAR Z99 I . -32.36 20.61 16.97
CAS Z99 I . -29.07 23.23 15.26
CAT Z99 I . -30.41 24.45 13.65
CAU Z99 I . -29.92 22.15 15.19
CAV Z99 I . -31.30 23.41 13.54
CAW Z99 I . -31.32 22.44 14.69
CAX Z99 I . -35.23 22.10 16.45
CAY Z99 I . -33.11 20.98 15.70
CAZ Z99 I . -33.79 22.31 16.01
C1 CLR J . 17.43 -17.11 -53.51
C2 CLR J . 16.50 -16.73 -52.35
C3 CLR J . 17.22 -15.94 -51.30
C4 CLR J . 17.83 -14.70 -51.92
C5 CLR J . 18.73 -15.03 -53.10
C6 CLR J . 19.98 -14.59 -53.14
C7 CLR J . 20.91 -14.77 -54.29
C8 CLR J . 20.21 -15.31 -55.54
C9 CLR J . 19.22 -16.42 -55.15
C10 CLR J . 18.11 -15.90 -54.18
C11 CLR J . 18.64 -17.13 -56.37
C12 CLR J . 19.73 -17.64 -57.34
C13 CLR J . 20.63 -16.49 -57.81
C14 CLR J . 21.22 -15.86 -56.54
C15 CLR J . 22.33 -14.94 -57.05
C16 CLR J . 22.90 -15.71 -58.27
C17 CLR J . 21.94 -16.88 -58.56
C18 CLR J . 19.83 -15.47 -58.64
C19 CLR J . 17.06 -15.06 -54.92
C20 CLR J . 21.91 -17.25 -60.06
C21 CLR J . 21.14 -18.54 -60.35
C22 CLR J . 23.33 -17.33 -60.62
C23 CLR J . 23.42 -17.38 -62.12
C24 CLR J . 24.83 -17.57 -62.64
C25 CLR J . 25.15 -18.95 -63.23
C26 CLR J . 24.24 -19.27 -64.41
C27 CLR J . 25.05 -20.04 -62.17
O1 CLR J . 16.31 -15.57 -50.25
C1 CLR K . 19.67 -17.25 -48.95
C2 CLR K . 18.66 -17.15 -47.80
C3 CLR K . 17.42 -17.95 -48.09
C4 CLR K . 17.79 -19.40 -48.35
C5 CLR K . 18.82 -19.53 -49.44
C6 CLR K . 18.60 -20.33 -50.48
C7 CLR K . 19.59 -20.62 -51.57
C8 CLR K . 20.99 -20.10 -51.25
C9 CLR K . 20.88 -18.70 -50.62
C10 CLR K . 20.08 -18.70 -49.29
C11 CLR K . 22.26 -18.02 -50.49
C12 CLR K . 23.06 -18.02 -51.79
C13 CLR K . 23.24 -19.44 -52.34
C14 CLR K . 21.84 -20.03 -52.51
C15 CLR K . 22.05 -21.31 -53.32
C16 CLR K . 23.24 -20.98 -54.23
C17 CLR K . 23.78 -19.58 -53.80
C18 CLR K . 24.11 -20.29 -51.38
C19 CLR K . 20.90 -19.30 -48.14
C20 CLR K . 25.27 -19.40 -54.12
C21 CLR K . 25.77 -17.97 -53.92
C22 CLR K . 25.59 -19.91 -55.52
C23 CLR K . 25.01 -19.11 -56.67
C24 CLR K . 26.03 -18.22 -57.36
C25 CLR K . 27.24 -18.95 -57.95
C26 CLR K . 28.21 -17.97 -58.61
C27 CLR K . 26.82 -20.02 -58.95
O1 CLR K . 16.51 -17.87 -46.98
C1 CLR L . 41.93 -16.02 -55.21
C2 CLR L . 43.36 -16.55 -55.27
C3 CLR L . 44.09 -16.28 -53.98
C4 CLR L . 43.35 -16.92 -52.83
C5 CLR L . 41.92 -16.45 -52.75
C6 CLR L . 41.42 -15.94 -51.63
C7 CLR L . 39.98 -15.56 -51.42
C8 CLR L . 39.08 -16.04 -52.55
C9 CLR L . 39.76 -15.81 -53.91
C10 CLR L . 41.10 -16.60 -54.04
C11 CLR L . 38.82 -16.06 -55.08
C12 CLR L . 37.49 -15.29 -54.97
C13 CLR L . 36.77 -15.63 -53.67
C14 CLR L . 37.75 -15.29 -52.53
C15 CLR L . 36.89 -15.35 -51.26
C16 CLR L . 35.49 -14.89 -51.73
C17 CLR L . 35.57 -14.72 -53.26
C18 CLR L . 36.34 -17.11 -53.65
C19 CLR L . 40.85 -18.10 -54.26
C20 CLR L . 34.21 -14.88 -53.96
C21 CLR L . 34.16 -14.30 -55.36
C22 CLR L . 33.08 -14.31 -53.07
C23 CLR L . 31.73 -14.98 -53.21
C24 CLR L . 30.91 -14.47 -54.38
C25 CLR L . 29.60 -15.20 -54.64
C26 CLR L . 29.86 -16.65 -55.07
C27 CLR L . 28.69 -15.18 -53.43
O1 CLR L . 45.43 -16.81 -54.06
C1 CLR M . 41.62 -20.78 -66.00
C2 CLR M . 42.65 -21.24 -67.04
C3 CLR M . 43.76 -20.23 -67.20
C4 CLR M . 44.44 -20.02 -65.86
C5 CLR M . 43.45 -19.60 -64.79
C6 CLR M . 43.66 -18.50 -64.07
C7 CLR M . 42.81 -18.06 -62.92
C8 CLR M . 41.80 -19.11 -62.49
C9 CLR M . 41.17 -19.78 -63.72
C10 CLR M . 42.24 -20.49 -64.60
C11 CLR M . 40.01 -20.70 -63.35
C12 CLR M . 38.95 -20.00 -62.47
C13 CLR M . 39.58 -19.43 -61.20
C14 CLR M . 40.70 -18.48 -61.64
C15 CLR M . 41.08 -17.72 -60.37
C16 CLR M . 39.76 -17.60 -59.60
C17 CLR M . 38.70 -18.44 -60.37
C18 CLR M . 40.10 -20.57 -60.29
C19 CLR M . 42.72 -21.81 -63.97
C20 CLR M . 37.58 -18.96 -59.45
C21 CLR M . 36.39 -19.53 -60.21
C22 CLR M . 37.13 -17.85 -58.49
C23 CLR M . 36.70 -18.30 -57.10
C24 CLR M . 35.32 -18.93 -57.04
C25 CLR M . 34.14 -18.00 -56.74
C26 CLR M . 32.89 -18.79 -56.40
C27 CLR M . 33.87 -17.05 -57.90
O1 CLR M . 44.71 -20.70 -68.16
#